data_8ACT
#
_entry.id   8ACT
#
_cell.length_a   1.00
_cell.length_b   1.00
_cell.length_c   1.00
_cell.angle_alpha   90.00
_cell.angle_beta   90.00
_cell.angle_gamma   90.00
#
_symmetry.space_group_name_H-M   'P 1'
#
loop_
_entity.id
_entity.type
_entity.pdbx_description
1 polymer Myosin-7
2 polymer 'Myosin light chain 3'
3 polymer 'Myosin regulatory light chain 2, ventricular/cardiac muscle isoform'
4 non-polymer "ADENOSINE-5'-DIPHOSPHATE"
5 non-polymer 'PHOSPHATE ION'
6 non-polymer 'MAGNESIUM ION'
#
loop_
_entity_poly.entity_id
_entity_poly.type
_entity_poly.pdbx_seq_one_letter_code
_entity_poly.pdbx_strand_id
1 'polypeptide(L)'
;DSEMAVFGAAAPYLRKSEKERLEAQTRPFDLKKDVFVPDDKQEFVKAKIVSREGGKVTAETEYGKTVTVKEDQVMQQNPP
KFDKIEDMAMLTFLHEPAVLYNLKDRYGSWMIYTYSGLFCVTVNPY(M3L)WLPVYTPEVVAAYRGKKRSEAPPHIFSIS
DNAYQYMLTDRENQSILITGESGAGKTVNTKRVIQYFAVIAAIGDRSKKDQSPGKGTLEDQIIQANPALEAFGNAKTVRN
DNSSRFGKFIRIHFGATGKLASADIETYLLEKSRVIFQLKAERDYHIFYQILSNKKPELLDMLLITNNPYDYAFISQGET
TVASIDDAEELMATDNAFDVLGFTSEEKNSMYKLTGAIMHFGNMKFKLKQREEQAEPDGTEEADKSAYLMGLNSADLLKG
LCHPRVKVGNEYVTKGQNVQQVIYATGALAKAVYERMFNWMVTRINATLETKQPRQYFIGVLDIAGFEIFDFNSFEQLCI
NFTNEKLQQFFNHHMFVLEQEEYKKEGIEWTFIDFGMDLQACIDLIEKPMGIMSILEEECMFPKATDMTF(M3L)AKLFD
NHLGKSANFQKPRNIKGKPEAHFSLIHYAGIVDYNIIGWLQKNKDPLNETVVGLYQKSSLKLLSTLFANYAGADAPIEKG
KGKAKKGSSFQTVSALHRENLNKLMTNLRSTHPHFVRCIIPNETKSPGVMDNPLVMHQLRCNGVLEGIRICRKGFPNRIL
YGDFRQRYRILNPAAIPEGQFIDSRKGAEKLLSSLDIDHNQYKFGHTKVFFKAGLLGLLEEMRDERLSRIITRIQAQSRG
VLARMEYKKLLERRDSLLVIQWNIRAFMGVKNWPWMKLYFKIKPLLKSAEREKEMASMKEEFTRLKEALEKSEARRKELE
EKMVSLLQEKNDLQLQVQAEQDNLADAEERCD
;
A,B
2 'polypeptide(L)'
;ASKIKIEFTPEQIEEFKEAFMLFDRTPKCEMKITYGQCGDVLRALGQNPTQAEVLRVLGKPRQEELNTKMMDFETFLPML
QHISKNKDTGTYEDFVEGLRVFDKEGNGTVMGAELRHVLATLGERLTEDEVEKLMAGQEDSNGCINYEAFVKHIMSS
;
C,D
3 'polypeptide(L)'
;MFEQTQIQEFKEAFTIMDQNRDGFIDKNDLRDTFAALGRVNVKNEEIDEMIKEAPGPINFTVFLTMFGEKLKGADPEETI
LNAFKVFDPEGKGVLKADYVREMLTTQAERFSKEEVDQMFAAFPPDVTGNLDYKNLVHIITHGE
;
E,F
#
# COMPACT_ATOMS: atom_id res chain seq x y z
N ASP A 1 -8.08 -47.44 -36.86
CA ASP A 1 -8.27 -46.31 -37.75
C ASP A 1 -9.75 -45.99 -37.91
N SER A 2 -10.60 -46.98 -37.61
CA SER A 2 -12.04 -46.73 -37.59
C SER A 2 -12.40 -45.70 -36.54
N GLU A 3 -11.83 -45.82 -35.34
CA GLU A 3 -11.92 -44.78 -34.32
C GLU A 3 -10.87 -43.72 -34.62
N MET A 4 -10.61 -42.83 -33.66
CA MET A 4 -9.77 -41.65 -33.83
C MET A 4 -10.38 -40.66 -34.83
N ALA A 5 -11.67 -40.81 -35.14
CA ALA A 5 -12.33 -39.86 -36.04
C ALA A 5 -12.50 -38.50 -35.41
N VAL A 6 -12.46 -38.42 -34.07
CA VAL A 6 -12.57 -37.13 -33.38
C VAL A 6 -11.21 -36.52 -33.06
N PHE A 7 -10.11 -37.22 -33.37
CA PHE A 7 -8.79 -36.66 -33.14
C PHE A 7 -8.38 -35.66 -34.22
N GLY A 8 -9.08 -35.62 -35.35
CA GLY A 8 -8.78 -34.67 -36.39
C GLY A 8 -7.40 -34.91 -37.01
N ALA A 9 -6.84 -33.82 -37.54
CA ALA A 9 -5.53 -33.88 -38.20
C ALA A 9 -4.41 -34.27 -37.25
N ALA A 10 -4.63 -34.19 -35.93
CA ALA A 10 -3.66 -34.66 -34.96
C ALA A 10 -3.57 -36.18 -34.89
N ALA A 11 -4.48 -36.89 -35.57
CA ALA A 11 -4.52 -38.35 -35.48
C ALA A 11 -3.19 -39.02 -35.82
N PRO A 12 -2.49 -38.66 -36.91
CA PRO A 12 -1.22 -39.34 -37.20
C PRO A 12 -0.15 -39.11 -36.15
N TYR A 13 -0.30 -38.11 -35.28
CA TYR A 13 0.69 -37.82 -34.26
C TYR A 13 0.38 -38.48 -32.93
N LEU A 14 -0.68 -39.28 -32.85
CA LEU A 14 -1.07 -39.93 -31.60
C LEU A 14 -0.93 -41.45 -31.65
N ARG A 15 -1.55 -42.10 -32.63
CA ARG A 15 -1.46 -43.54 -32.79
C ARG A 15 -1.18 -43.88 -34.24
N LYS A 16 -0.29 -44.84 -34.46
CA LYS A 16 0.06 -45.25 -35.82
C LYS A 16 -1.15 -45.85 -36.54
N SER A 17 -1.19 -45.64 -37.85
CA SER A 17 -2.30 -46.12 -38.65
C SER A 17 -2.31 -47.65 -38.72
N GLU A 18 -3.50 -48.21 -38.98
CA GLU A 18 -3.64 -49.66 -39.00
C GLU A 18 -2.78 -50.30 -40.08
N LYS A 19 -2.72 -49.69 -41.27
CA LYS A 19 -1.89 -50.24 -42.33
C LYS A 19 -0.42 -50.26 -41.93
N GLU A 20 0.02 -49.25 -41.18
CA GLU A 20 1.39 -49.26 -40.68
C GLU A 20 1.62 -50.44 -39.74
N ARG A 21 0.64 -50.74 -38.89
CA ARG A 21 0.73 -51.93 -38.04
C ARG A 21 0.80 -53.20 -38.86
N LEU A 22 -0.03 -53.29 -39.90
CA LEU A 22 -0.06 -54.50 -40.74
C LEU A 22 1.29 -54.72 -41.41
N GLU A 23 1.87 -53.66 -41.99
CA GLU A 23 3.19 -53.81 -42.61
C GLU A 23 4.29 -54.03 -41.57
N ALA A 24 4.11 -53.51 -40.35
CA ALA A 24 5.07 -53.78 -39.29
C ALA A 24 5.09 -55.25 -38.92
N GLN A 25 3.92 -55.89 -38.90
CA GLN A 25 3.88 -57.31 -38.61
C GLN A 25 4.63 -58.13 -39.66
N THR A 26 4.74 -57.60 -40.88
CA THR A 26 5.46 -58.26 -41.95
C THR A 26 6.95 -57.97 -41.95
N ARG A 27 7.44 -57.19 -41.00
CA ARG A 27 8.86 -56.90 -40.95
C ARG A 27 9.67 -58.17 -40.74
N PRO A 28 10.78 -58.34 -41.46
CA PRO A 28 11.61 -59.53 -41.23
C PRO A 28 12.22 -59.53 -39.84
N PHE A 29 12.39 -60.74 -39.28
CA PHE A 29 12.94 -60.90 -37.95
C PHE A 29 13.41 -62.34 -37.79
N ASP A 30 14.18 -62.56 -36.74
CA ASP A 30 14.70 -63.90 -36.45
C ASP A 30 14.38 -64.37 -35.04
N LEU A 31 14.45 -63.47 -34.05
CA LEU A 31 14.26 -63.78 -32.62
C LEU A 31 15.30 -64.78 -32.10
N LYS A 32 16.28 -65.14 -32.91
CA LYS A 32 17.43 -65.91 -32.46
C LYS A 32 18.73 -65.34 -32.99
N LYS A 33 18.68 -64.28 -33.80
CA LYS A 33 19.86 -63.70 -34.41
C LYS A 33 19.87 -62.19 -34.19
N ASP A 34 18.69 -61.61 -34.01
CA ASP A 34 18.56 -60.17 -33.85
C ASP A 34 18.87 -59.80 -32.40
N VAL A 35 19.92 -59.01 -32.20
CA VAL A 35 20.36 -58.61 -30.87
C VAL A 35 20.76 -57.13 -30.90
N PHE A 36 21.05 -56.60 -29.72
CA PHE A 36 21.62 -55.27 -29.57
C PHE A 36 23.06 -55.39 -29.07
N VAL A 37 23.94 -54.55 -29.60
CA VAL A 37 25.35 -54.61 -29.25
C VAL A 37 25.80 -53.23 -28.77
N PRO A 38 26.53 -53.15 -27.66
CA PRO A 38 27.05 -51.86 -27.21
C PRO A 38 28.05 -51.28 -28.21
N ASP A 39 28.02 -49.95 -28.31
CA ASP A 39 28.88 -49.23 -29.23
C ASP A 39 29.63 -48.14 -28.47
N ASP A 40 30.78 -47.75 -29.01
CA ASP A 40 31.56 -46.68 -28.38
C ASP A 40 31.09 -45.30 -28.83
N LYS A 41 30.93 -45.11 -30.14
CA LYS A 41 30.47 -43.82 -30.65
C LYS A 41 29.00 -43.59 -30.29
N GLN A 42 28.13 -44.46 -30.77
CA GLN A 42 26.73 -44.44 -30.37
C GLN A 42 26.57 -45.33 -29.14
N GLU A 43 25.35 -45.41 -28.61
CA GLU A 43 25.14 -46.24 -27.42
C GLU A 43 24.94 -47.71 -27.78
N PHE A 44 23.92 -48.02 -28.56
CA PHE A 44 23.60 -49.40 -28.92
C PHE A 44 23.28 -49.47 -30.40
N VAL A 45 23.62 -50.61 -31.01
CA VAL A 45 23.42 -50.83 -32.44
C VAL A 45 22.74 -52.17 -32.65
N LYS A 46 21.76 -52.21 -33.54
CA LYS A 46 21.14 -53.48 -33.93
C LYS A 46 22.15 -54.35 -34.66
N ALA A 47 22.10 -55.65 -34.42
CA ALA A 47 23.07 -56.56 -35.00
C ALA A 47 22.45 -57.94 -35.19
N LYS A 48 23.08 -58.71 -36.07
CA LYS A 48 22.71 -60.10 -36.33
C LYS A 48 23.90 -60.99 -35.97
N ILE A 49 23.63 -62.04 -35.21
CA ILE A 49 24.68 -62.94 -34.74
C ILE A 49 25.04 -63.91 -35.85
N VAL A 50 26.32 -63.92 -36.24
CA VAL A 50 26.79 -64.80 -37.30
C VAL A 50 27.33 -66.10 -36.71
N SER A 51 27.95 -66.00 -35.54
CA SER A 51 28.53 -67.17 -34.90
C SER A 51 28.62 -66.93 -33.40
N ARG A 52 28.54 -68.03 -32.64
CA ARG A 52 28.61 -68.00 -31.18
C ARG A 52 29.67 -69.01 -30.75
N GLU A 53 30.92 -68.56 -30.70
CA GLU A 53 32.05 -69.45 -30.36
C GLU A 53 32.30 -69.37 -28.86
N GLY A 54 31.54 -70.17 -28.11
CA GLY A 54 31.67 -70.16 -26.67
C GLY A 54 31.30 -68.81 -26.10
N GLY A 55 32.22 -68.26 -25.30
CA GLY A 55 31.99 -66.93 -24.74
C GLY A 55 31.90 -65.85 -25.80
N LYS A 56 32.80 -65.89 -26.77
CA LYS A 56 32.75 -64.95 -27.89
C LYS A 56 31.58 -65.28 -28.79
N VAL A 57 30.83 -64.24 -29.18
CA VAL A 57 29.70 -64.38 -30.10
C VAL A 57 29.87 -63.28 -31.14
N THR A 58 30.36 -63.65 -32.33
CA THR A 58 30.56 -62.69 -33.39
C THR A 58 29.22 -62.26 -33.99
N ALA A 59 29.11 -60.97 -34.29
CA ALA A 59 27.88 -60.43 -34.87
C ALA A 59 28.24 -59.29 -35.81
N GLU A 60 27.35 -59.02 -36.75
CA GLU A 60 27.49 -57.91 -37.68
C GLU A 60 26.42 -56.88 -37.39
N THR A 61 26.84 -55.62 -37.24
CA THR A 61 25.91 -54.54 -36.91
C THR A 61 25.01 -54.25 -38.11
N GLU A 62 23.96 -53.47 -37.84
CA GLU A 62 23.06 -53.02 -38.91
C GLU A 62 23.80 -52.19 -39.95
N TYR A 63 24.93 -51.59 -39.59
CA TYR A 63 25.75 -50.83 -40.52
C TYR A 63 26.83 -51.69 -41.17
N GLY A 64 26.82 -53.01 -40.93
CA GLY A 64 27.75 -53.92 -41.56
C GLY A 64 29.03 -54.19 -40.80
N LYS A 65 29.29 -53.46 -39.71
CA LYS A 65 30.50 -53.69 -38.93
C LYS A 65 30.41 -55.02 -38.19
N THR A 66 31.52 -55.76 -38.18
CA THR A 66 31.61 -57.05 -37.51
C THR A 66 32.25 -56.85 -36.14
N VAL A 67 31.53 -57.24 -35.09
CA VAL A 67 31.97 -57.04 -33.72
C VAL A 67 31.69 -58.28 -32.88
N THR A 68 32.42 -58.38 -31.76
CA THR A 68 32.20 -59.41 -30.77
C THR A 68 32.34 -58.79 -29.39
N VAL A 69 31.68 -59.40 -28.41
CA VAL A 69 31.63 -58.86 -27.05
C VAL A 69 31.44 -60.01 -26.06
N LYS A 70 31.89 -59.78 -24.83
CA LYS A 70 31.87 -60.79 -23.76
C LYS A 70 30.48 -60.84 -23.14
N GLU A 71 29.62 -61.68 -23.71
CA GLU A 71 28.30 -62.02 -23.18
C GLU A 71 27.37 -60.81 -23.08
N ASP A 72 27.77 -59.64 -23.58
CA ASP A 72 26.86 -58.51 -23.63
C ASP A 72 25.93 -58.58 -24.83
N GLN A 73 26.23 -59.44 -25.82
CA GLN A 73 25.35 -59.62 -26.96
C GLN A 73 24.04 -60.29 -26.59
N VAL A 74 23.95 -60.88 -25.39
CA VAL A 74 22.69 -61.49 -24.95
C VAL A 74 21.58 -60.45 -24.91
N MET A 75 21.93 -59.17 -24.90
CA MET A 75 20.96 -58.10 -25.03
C MET A 75 20.16 -58.33 -26.30
N GLN A 76 18.88 -58.68 -26.15
CA GLN A 76 18.09 -59.23 -27.24
C GLN A 76 17.15 -58.19 -27.81
N GLN A 77 16.89 -58.31 -29.12
CA GLN A 77 15.95 -57.43 -29.80
C GLN A 77 14.52 -57.84 -29.43
N ASN A 78 13.55 -57.19 -30.08
CA ASN A 78 12.15 -57.44 -29.78
C ASN A 78 11.40 -57.80 -31.06
N PRO A 79 10.42 -58.68 -30.98
CA PRO A 79 9.61 -59.01 -32.16
C PRO A 79 8.98 -57.76 -32.76
N PRO A 80 8.90 -57.68 -34.09
CA PRO A 80 8.37 -56.47 -34.73
C PRO A 80 6.93 -56.16 -34.39
N LYS A 81 6.24 -57.02 -33.63
CA LYS A 81 4.89 -56.73 -33.19
C LYS A 81 4.86 -55.70 -32.07
N PHE A 82 6.01 -55.31 -31.53
CA PHE A 82 6.11 -54.28 -30.50
C PHE A 82 6.92 -53.12 -31.07
N ASP A 83 6.23 -52.12 -31.59
CA ASP A 83 6.85 -50.89 -32.07
C ASP A 83 5.82 -49.79 -32.02
N LYS A 84 6.24 -48.59 -31.63
CA LYS A 84 5.33 -47.48 -31.36
C LYS A 84 4.27 -47.90 -30.34
N ILE A 85 4.71 -48.61 -29.30
CA ILE A 85 3.80 -49.16 -28.31
C ILE A 85 3.46 -48.09 -27.29
N GLU A 86 2.16 -47.87 -27.07
CA GLU A 86 1.71 -46.81 -26.18
C GLU A 86 2.16 -47.05 -24.75
N ASP A 87 1.88 -48.23 -24.21
CA ASP A 87 2.27 -48.59 -22.84
C ASP A 87 3.55 -49.41 -22.94
N MET A 88 4.68 -48.74 -22.75
CA MET A 88 6.00 -49.34 -22.98
C MET A 88 6.33 -50.46 -22.00
N ALA A 89 5.60 -50.56 -20.89
CA ALA A 89 5.85 -51.62 -19.92
C ALA A 89 5.42 -52.98 -20.42
N MET A 90 4.70 -53.07 -21.53
CA MET A 90 4.16 -54.32 -22.03
C MET A 90 5.15 -55.12 -22.87
N LEU A 91 6.37 -54.60 -23.08
CA LEU A 91 7.36 -55.31 -23.87
C LEU A 91 7.75 -56.62 -23.20
N THR A 92 7.85 -57.69 -24.00
CA THR A 92 8.35 -58.95 -23.49
C THR A 92 9.80 -58.83 -23.03
N PHE A 93 10.63 -58.17 -23.82
CA PHE A 93 11.99 -57.83 -23.43
C PHE A 93 12.06 -56.33 -23.15
N LEU A 94 12.53 -55.97 -21.96
CA LEU A 94 12.61 -54.58 -21.55
C LEU A 94 13.97 -54.32 -20.93
N HIS A 95 14.69 -53.37 -21.52
CA HIS A 95 16.07 -53.06 -21.15
C HIS A 95 16.44 -51.75 -21.86
N GLU A 96 17.68 -51.31 -21.62
CA GLU A 96 18.10 -50.00 -22.14
C GLU A 96 17.99 -49.87 -23.64
N PRO A 97 18.53 -50.78 -24.46
CA PRO A 97 18.35 -50.64 -25.91
C PRO A 97 16.90 -50.67 -26.34
N ALA A 98 16.07 -51.49 -25.68
CA ALA A 98 14.68 -51.61 -26.09
C ALA A 98 13.92 -50.30 -25.89
N VAL A 99 14.02 -49.73 -24.68
CA VAL A 99 13.37 -48.43 -24.42
C VAL A 99 13.97 -47.35 -25.30
N LEU A 100 15.30 -47.36 -25.45
CA LEU A 100 15.96 -46.33 -26.25
C LEU A 100 15.45 -46.33 -27.69
N TYR A 101 15.41 -47.51 -28.31
CA TYR A 101 14.98 -47.57 -29.70
C TYR A 101 13.48 -47.42 -29.86
N ASN A 102 12.67 -47.83 -28.88
CA ASN A 102 11.24 -47.55 -28.96
C ASN A 102 10.99 -46.05 -28.94
N LEU A 103 11.66 -45.33 -28.03
CA LEU A 103 11.54 -43.87 -28.01
C LEU A 103 12.08 -43.25 -29.28
N LYS A 104 13.19 -43.76 -29.79
CA LYS A 104 13.77 -43.24 -31.03
C LYS A 104 12.80 -43.37 -32.19
N ASP A 105 12.22 -44.56 -32.37
CA ASP A 105 11.27 -44.76 -33.46
C ASP A 105 10.04 -43.89 -33.29
N ARG A 106 9.53 -43.80 -32.06
CA ARG A 106 8.34 -42.99 -31.83
C ARG A 106 8.62 -41.52 -32.17
N TYR A 107 9.72 -40.97 -31.65
CA TYR A 107 10.04 -39.57 -31.94
C TYR A 107 10.29 -39.36 -33.43
N GLY A 108 10.95 -40.31 -34.08
CA GLY A 108 11.13 -40.20 -35.53
C GLY A 108 9.81 -40.16 -36.27
N SER A 109 8.82 -40.89 -35.78
CA SER A 109 7.46 -40.80 -36.31
C SER A 109 6.65 -39.67 -35.67
N TRP A 110 7.32 -38.71 -35.03
CA TRP A 110 6.66 -37.60 -34.32
C TRP A 110 5.67 -38.13 -33.27
N MET A 111 6.14 -39.09 -32.47
CA MET A 111 5.37 -39.66 -31.38
C MET A 111 6.13 -39.32 -30.10
N ILE A 112 5.63 -38.36 -29.34
CA ILE A 112 6.38 -37.81 -28.22
C ILE A 112 5.90 -38.36 -26.87
N TYR A 113 4.59 -38.49 -26.69
CA TYR A 113 4.06 -38.98 -25.43
C TYR A 113 4.09 -40.50 -25.41
N THR A 114 4.74 -41.06 -24.39
CA THR A 114 4.77 -42.51 -24.17
C THR A 114 4.39 -42.80 -22.73
N TYR A 115 3.82 -43.97 -22.51
CA TYR A 115 3.54 -44.46 -21.16
C TYR A 115 4.63 -45.45 -20.78
N SER A 116 5.45 -45.08 -19.80
CA SER A 116 6.46 -45.97 -19.26
C SER A 116 5.99 -46.38 -17.88
N GLY A 117 5.59 -47.63 -17.73
CA GLY A 117 5.02 -48.08 -16.48
C GLY A 117 3.79 -47.26 -16.15
N LEU A 118 3.78 -46.66 -14.96
CA LEU A 118 2.69 -45.81 -14.52
C LEU A 118 2.94 -44.32 -14.76
N PHE A 119 4.09 -43.94 -15.32
CA PHE A 119 4.40 -42.53 -15.49
C PHE A 119 4.60 -42.20 -16.97
N CYS A 120 4.30 -40.96 -17.33
CA CYS A 120 4.42 -40.52 -18.71
C CYS A 120 5.84 -40.05 -18.99
N VAL A 121 6.33 -40.34 -20.20
CA VAL A 121 7.62 -39.86 -20.67
C VAL A 121 7.37 -39.08 -21.95
N THR A 122 7.88 -37.85 -22.01
CA THR A 122 7.68 -36.99 -23.16
C THR A 122 9.02 -36.39 -23.59
N VAL A 123 9.24 -36.37 -24.90
CA VAL A 123 10.45 -35.82 -25.49
C VAL A 123 10.10 -34.53 -26.20
N ASN A 124 10.93 -33.51 -26.03
CA ASN A 124 10.65 -32.19 -26.57
C ASN A 124 10.61 -32.24 -28.09
N PRO A 125 9.52 -31.78 -28.73
CA PRO A 125 9.47 -31.83 -30.20
C PRO A 125 10.31 -30.76 -30.88
N TYR A 126 10.44 -29.59 -30.27
CA TYR A 126 11.06 -28.43 -30.91
C TYR A 126 10.38 -28.12 -32.23
N TRP A 128 6.15 -27.13 -33.03
CA TRP A 128 4.81 -27.00 -32.46
C TRP A 128 3.78 -27.81 -33.25
N LEU A 129 3.50 -29.01 -32.75
CA LEU A 129 2.52 -29.89 -33.37
C LEU A 129 1.11 -29.38 -33.13
N PRO A 130 0.16 -29.77 -33.99
CA PRO A 130 -1.24 -29.35 -33.77
C PRO A 130 -1.99 -30.29 -32.85
N VAL A 131 -1.26 -31.10 -32.08
CA VAL A 131 -1.88 -32.09 -31.20
C VAL A 131 -2.60 -31.47 -30.01
N TYR A 132 -2.45 -30.16 -29.78
CA TYR A 132 -2.99 -29.52 -28.60
C TYR A 132 -4.26 -28.71 -28.89
N THR A 133 -4.92 -28.97 -30.01
CA THR A 133 -6.14 -28.25 -30.35
C THR A 133 -7.26 -28.63 -29.39
N PRO A 134 -8.25 -27.75 -29.21
CA PRO A 134 -9.39 -28.08 -28.34
C PRO A 134 -10.17 -29.30 -28.78
N GLU A 135 -10.12 -29.66 -30.06
CA GLU A 135 -10.76 -30.89 -30.51
C GLU A 135 -10.13 -32.11 -29.84
N VAL A 136 -8.81 -32.10 -29.67
CA VAL A 136 -8.13 -33.19 -28.98
C VAL A 136 -8.63 -33.31 -27.55
N VAL A 137 -8.80 -32.18 -26.87
CA VAL A 137 -9.33 -32.19 -25.50
C VAL A 137 -10.74 -32.77 -25.48
N ALA A 138 -11.59 -32.30 -26.41
CA ALA A 138 -12.96 -32.81 -26.48
C ALA A 138 -12.98 -34.31 -26.74
N ALA A 139 -11.99 -34.82 -27.47
CA ALA A 139 -11.90 -36.27 -27.68
C ALA A 139 -11.38 -36.99 -26.45
N TYR A 140 -10.57 -36.33 -25.64
CA TYR A 140 -9.93 -36.97 -24.49
C TYR A 140 -10.78 -36.94 -23.22
N ARG A 141 -12.01 -36.44 -23.29
CA ARG A 141 -12.87 -36.36 -22.12
C ARG A 141 -13.31 -37.77 -21.70
N GLY A 142 -12.81 -38.23 -20.56
CA GLY A 142 -13.22 -39.50 -19.98
C GLY A 142 -12.44 -40.71 -20.43
N LYS A 143 -11.52 -40.56 -21.39
CA LYS A 143 -10.74 -41.69 -21.85
C LYS A 143 -9.80 -42.17 -20.76
N LYS A 144 -9.59 -43.48 -20.72
CA LYS A 144 -8.75 -44.10 -19.71
C LYS A 144 -7.31 -44.19 -20.21
N ARG A 145 -6.47 -44.93 -19.48
CA ARG A 145 -5.06 -45.00 -19.83
C ARG A 145 -4.84 -45.78 -21.13
N SER A 146 -5.62 -46.85 -21.33
CA SER A 146 -5.48 -47.66 -22.54
C SER A 146 -6.50 -47.32 -23.61
N GLU A 147 -7.61 -46.66 -23.24
CA GLU A 147 -8.62 -46.28 -24.21
C GLU A 147 -8.19 -45.14 -25.12
N ALA A 148 -7.06 -44.50 -24.83
CA ALA A 148 -6.59 -43.35 -25.59
C ALA A 148 -5.10 -43.47 -25.83
N PRO A 149 -4.59 -42.86 -26.90
CA PRO A 149 -3.14 -42.83 -27.11
C PRO A 149 -2.47 -41.94 -26.08
N PRO A 150 -1.18 -42.15 -25.81
CA PRO A 150 -0.52 -41.37 -24.76
C PRO A 150 -0.50 -39.89 -25.09
N HIS A 151 -0.80 -39.07 -24.07
CA HIS A 151 -0.83 -37.63 -24.21
C HIS A 151 -0.89 -37.02 -22.81
N ILE A 152 -0.58 -35.73 -22.73
CA ILE A 152 -0.63 -35.04 -21.44
C ILE A 152 -2.07 -34.88 -20.97
N PHE A 153 -3.01 -34.73 -21.92
CA PHE A 153 -4.42 -34.63 -21.56
C PHE A 153 -4.89 -35.90 -20.87
N SER A 154 -4.39 -37.05 -21.31
CA SER A 154 -4.80 -38.31 -20.68
C SER A 154 -4.22 -38.43 -19.28
N ILE A 155 -3.00 -37.94 -19.06
CA ILE A 155 -2.43 -37.93 -17.71
C ILE A 155 -3.26 -37.04 -16.80
N SER A 156 -3.64 -35.86 -17.30
CA SER A 156 -4.49 -34.97 -16.51
C SER A 156 -5.84 -35.62 -16.22
N ASP A 157 -6.40 -36.33 -17.20
CA ASP A 157 -7.68 -37.00 -16.98
C ASP A 157 -7.55 -38.13 -15.97
N ASN A 158 -6.44 -38.88 -16.01
CA ASN A 158 -6.21 -39.91 -15.03
C ASN A 158 -6.10 -39.33 -13.63
N ALA A 159 -5.39 -38.20 -13.50
CA ALA A 159 -5.30 -37.55 -12.20
C ALA A 159 -6.66 -37.08 -11.71
N TYR A 160 -7.47 -36.50 -12.60
CA TYR A 160 -8.80 -36.06 -12.23
C TYR A 160 -9.68 -37.22 -11.79
N GLN A 161 -9.62 -38.34 -12.53
N GLN A 161 -9.62 -38.34 -12.53
CA GLN A 161 -10.42 -39.51 -12.18
CA GLN A 161 -10.42 -39.50 -12.18
C GLN A 161 -9.96 -40.11 -10.84
C GLN A 161 -9.97 -40.11 -10.86
N TYR A 162 -8.65 -40.15 -10.60
CA TYR A 162 -8.17 -40.65 -9.32
C TYR A 162 -8.60 -39.75 -8.18
N MET A 163 -8.58 -38.43 -8.39
CA MET A 163 -9.08 -37.51 -7.39
C MET A 163 -10.56 -37.75 -7.10
N LEU A 164 -11.36 -37.98 -8.14
CA LEU A 164 -12.78 -38.22 -7.92
C LEU A 164 -13.03 -39.54 -7.21
N THR A 165 -12.30 -40.60 -7.58
CA THR A 165 -12.60 -41.93 -7.07
C THR A 165 -11.99 -42.14 -5.69
N ASP A 166 -10.66 -42.00 -5.59
CA ASP A 166 -9.98 -42.17 -4.31
C ASP A 166 -10.34 -41.09 -3.30
N ARG A 167 -10.97 -40.00 -3.72
CA ARG A 167 -11.28 -38.86 -2.86
C ARG A 167 -10.01 -38.36 -2.18
N GLU A 168 -9.03 -38.02 -3.00
CA GLU A 168 -7.71 -37.64 -2.52
C GLU A 168 -7.13 -36.56 -3.42
N ASN A 169 -6.36 -35.65 -2.81
CA ASN A 169 -5.69 -34.60 -3.56
C ASN A 169 -4.62 -35.20 -4.46
N GLN A 170 -4.50 -34.64 -5.67
CA GLN A 170 -3.59 -35.17 -6.67
C GLN A 170 -2.50 -34.16 -6.98
N SER A 171 -1.33 -34.65 -7.41
CA SER A 171 -0.19 -33.79 -7.70
C SER A 171 0.48 -34.29 -8.97
N ILE A 172 0.40 -33.50 -10.03
CA ILE A 172 1.04 -33.82 -11.30
C ILE A 172 2.42 -33.17 -11.31
N LEU A 173 3.46 -33.98 -11.21
CA LEU A 173 4.83 -33.51 -11.11
C LEU A 173 5.50 -33.61 -12.47
N ILE A 174 5.90 -32.47 -13.04
CA ILE A 174 6.62 -32.45 -14.31
C ILE A 174 8.10 -32.31 -14.01
N THR A 175 8.91 -33.21 -14.61
CA THR A 175 10.33 -33.29 -14.30
C THR A 175 11.12 -33.32 -15.60
N GLY A 176 12.33 -32.79 -15.56
CA GLY A 176 13.20 -32.81 -16.72
C GLY A 176 14.25 -31.72 -16.64
N GLU A 177 15.25 -31.85 -17.51
CA GLU A 177 16.35 -30.90 -17.55
C GLU A 177 15.87 -29.55 -18.09
N SER A 178 16.81 -28.61 -18.16
CA SER A 178 16.49 -27.26 -18.64
C SER A 178 15.96 -27.30 -20.06
N GLY A 179 14.89 -26.55 -20.30
CA GLY A 179 14.31 -26.48 -21.64
C GLY A 179 13.80 -27.82 -22.15
N ALA A 180 13.10 -28.57 -21.31
CA ALA A 180 12.57 -29.86 -21.70
C ALA A 180 11.06 -29.83 -21.89
N GLY A 181 10.44 -28.65 -21.90
CA GLY A 181 9.03 -28.54 -22.14
C GLY A 181 8.15 -28.52 -20.90
N LYS A 182 8.75 -28.41 -19.71
CA LYS A 182 7.96 -28.47 -18.49
C LYS A 182 6.92 -27.35 -18.44
N THR A 183 7.30 -26.14 -18.82
CA THR A 183 6.35 -25.04 -18.87
C THR A 183 5.26 -25.30 -19.89
N VAL A 184 5.63 -25.88 -21.04
CA VAL A 184 4.65 -26.21 -22.07
C VAL A 184 3.64 -27.20 -21.54
N ASN A 185 4.12 -28.28 -20.91
CA ASN A 185 3.22 -29.28 -20.37
C ASN A 185 2.33 -28.70 -19.27
N THR A 186 2.89 -27.86 -18.41
CA THR A 186 2.10 -27.23 -17.36
C THR A 186 0.99 -26.39 -17.96
N LYS A 187 1.32 -25.54 -18.94
CA LYS A 187 0.31 -24.71 -19.57
C LYS A 187 -0.73 -25.55 -20.29
N ARG A 188 -0.32 -26.68 -20.87
CA ARG A 188 -1.28 -27.53 -21.56
C ARG A 188 -2.24 -28.19 -20.58
N VAL A 189 -1.74 -28.61 -19.42
CA VAL A 189 -2.62 -29.16 -18.39
C VAL A 189 -3.61 -28.11 -17.92
N ILE A 190 -3.12 -26.88 -17.69
CA ILE A 190 -4.01 -25.80 -17.29
C ILE A 190 -5.04 -25.53 -18.37
N GLN A 191 -4.63 -25.58 -19.64
CA GLN A 191 -5.57 -25.39 -20.75
C GLN A 191 -6.62 -26.49 -20.76
N TYR A 192 -6.21 -27.74 -20.55
CA TYR A 192 -7.15 -28.85 -20.50
C TYR A 192 -8.20 -28.64 -19.44
N PHE A 193 -7.76 -28.35 -18.20
CA PHE A 193 -8.72 -28.14 -17.12
C PHE A 193 -9.60 -26.92 -17.39
N ALA A 194 -9.02 -25.83 -17.89
CA ALA A 194 -9.78 -24.61 -18.12
C ALA A 194 -10.85 -24.81 -19.19
N VAL A 195 -10.51 -25.49 -20.29
CA VAL A 195 -11.50 -25.69 -21.34
C VAL A 195 -12.56 -26.69 -20.90
N ILE A 196 -12.19 -27.70 -20.09
CA ILE A 196 -13.21 -28.59 -19.56
C ILE A 196 -14.19 -27.81 -18.68
N ALA A 197 -13.67 -26.91 -17.85
CA ALA A 197 -14.55 -26.06 -17.05
C ALA A 197 -15.41 -25.16 -17.94
N ALA A 198 -14.82 -24.65 -19.01
CA ALA A 198 -15.54 -23.74 -19.91
C ALA A 198 -16.57 -24.47 -20.76
N ILE A 199 -16.52 -25.80 -20.83
CA ILE A 199 -17.53 -26.54 -21.57
C ILE A 199 -18.92 -26.28 -20.98
N GLY A 200 -19.04 -26.31 -19.66
CA GLY A 200 -20.30 -26.05 -19.00
C GLY A 200 -20.43 -24.62 -18.51
N GLY A 212 -17.49 -18.27 -14.89
CA GLY A 212 -17.40 -17.03 -15.65
C GLY A 212 -16.11 -16.90 -16.44
N THR A 213 -15.27 -15.96 -16.03
CA THR A 213 -13.99 -15.72 -16.67
C THR A 213 -12.82 -16.34 -15.91
N LEU A 214 -13.10 -17.21 -14.93
CA LEU A 214 -12.03 -17.79 -14.12
C LEU A 214 -11.09 -18.62 -14.98
N GLU A 215 -11.63 -19.37 -15.94
CA GLU A 215 -10.77 -20.14 -16.85
C GLU A 215 -9.85 -19.23 -17.65
N ASP A 216 -10.38 -18.12 -18.15
CA ASP A 216 -9.56 -17.18 -18.89
C ASP A 216 -8.44 -16.61 -18.01
N GLN A 217 -8.76 -16.27 -16.77
CA GLN A 217 -7.75 -15.71 -15.88
C GLN A 217 -6.67 -16.74 -15.55
N ILE A 218 -7.05 -17.99 -15.28
CA ILE A 218 -6.04 -18.99 -14.94
C ILE A 218 -5.20 -19.32 -16.18
N ILE A 219 -5.79 -19.24 -17.37
CA ILE A 219 -5.01 -19.44 -18.59
C ILE A 219 -3.99 -18.31 -18.75
N GLN A 220 -4.44 -17.07 -18.60
CA GLN A 220 -3.59 -15.91 -18.83
C GLN A 220 -2.61 -15.64 -17.69
N ALA A 221 -2.77 -16.35 -16.56
CA ALA A 221 -1.84 -16.15 -15.45
C ALA A 221 -0.41 -16.50 -15.84
N ASN A 222 -0.22 -17.58 -16.60
CA ASN A 222 1.13 -18.02 -16.95
C ASN A 222 1.93 -16.99 -17.74
N PRO A 223 1.42 -16.38 -18.82
CA PRO A 223 2.22 -15.36 -19.51
C PRO A 223 2.55 -14.14 -18.66
N ALA A 224 1.68 -13.78 -17.71
CA ALA A 224 1.97 -12.65 -16.84
C ALA A 224 3.26 -12.87 -16.06
N LEU A 225 3.45 -14.08 -15.53
CA LEU A 225 4.70 -14.43 -14.87
C LEU A 225 5.80 -14.77 -15.86
N GLU A 226 5.45 -15.14 -17.09
CA GLU A 226 6.48 -15.32 -18.11
C GLU A 226 7.20 -14.03 -18.39
N ALA A 227 6.46 -12.92 -18.41
CA ALA A 227 7.09 -11.62 -18.66
C ALA A 227 8.11 -11.28 -17.58
N PHE A 228 7.80 -11.56 -16.31
CA PHE A 228 8.64 -11.11 -15.21
C PHE A 228 9.74 -12.09 -14.84
N GLY A 229 9.47 -13.40 -14.88
CA GLY A 229 10.43 -14.36 -14.38
C GLY A 229 11.11 -15.22 -15.42
N ASN A 230 10.41 -15.51 -16.52
CA ASN A 230 11.00 -16.33 -17.58
C ASN A 230 11.90 -15.46 -18.46
N ALA A 231 13.20 -15.71 -18.38
CA ALA A 231 14.22 -15.03 -19.18
C ALA A 231 14.94 -16.07 -20.05
N LYS A 232 15.80 -15.58 -20.93
CA LYS A 232 16.54 -16.45 -21.84
C LYS A 232 17.90 -16.80 -21.24
N THR A 233 18.24 -18.08 -21.30
CA THR A 233 19.55 -18.57 -20.88
C THR A 233 20.21 -19.28 -22.05
N VAL A 234 21.39 -19.86 -21.79
CA VAL A 234 22.10 -20.59 -22.82
C VAL A 234 21.31 -21.81 -23.27
N ARG A 235 20.78 -22.57 -22.31
CA ARG A 235 20.11 -23.83 -22.64
C ARG A 235 18.73 -23.59 -23.24
N ASN A 236 17.99 -22.62 -22.75
CA ASN A 236 16.61 -22.41 -23.16
C ASN A 236 16.38 -20.93 -23.47
N ASP A 237 15.50 -20.68 -24.45
CA ASP A 237 15.11 -19.32 -24.80
C ASP A 237 13.95 -18.80 -23.98
N ASN A 238 13.28 -19.66 -23.21
CA ASN A 238 12.17 -19.27 -22.36
C ASN A 238 12.32 -19.97 -21.01
N SER A 239 13.55 -19.95 -20.48
CA SER A 239 13.87 -20.71 -19.28
C SER A 239 13.04 -20.25 -18.09
N SER A 240 12.68 -21.20 -17.23
CA SER A 240 11.91 -20.93 -16.02
C SER A 240 12.88 -20.71 -14.87
N ARG A 241 13.00 -19.44 -14.45
CA ARG A 241 13.93 -19.12 -13.37
C ARG A 241 13.35 -19.49 -12.01
N PHE A 242 12.04 -19.40 -11.84
CA PHE A 242 11.38 -19.66 -10.58
C PHE A 242 10.55 -20.93 -10.67
N GLY A 243 10.75 -21.83 -9.71
CA GLY A 243 9.87 -22.98 -9.60
C GLY A 243 8.46 -22.55 -9.22
N LYS A 244 7.47 -23.30 -9.70
CA LYS A 244 6.08 -22.95 -9.45
C LYS A 244 5.27 -24.19 -9.13
N PHE A 245 4.18 -23.96 -8.41
CA PHE A 245 3.22 -25.00 -8.05
C PHE A 245 1.84 -24.38 -8.18
N ILE A 246 1.10 -24.80 -9.19
CA ILE A 246 -0.22 -24.24 -9.47
C ILE A 246 -1.26 -25.22 -8.94
N ARG A 247 -2.06 -24.77 -7.99
CA ARG A 247 -3.04 -25.60 -7.31
C ARG A 247 -4.43 -25.23 -7.81
N ILE A 248 -5.21 -26.23 -8.20
CA ILE A 248 -6.56 -26.04 -8.72
C ILE A 248 -7.51 -26.73 -7.75
N HIS A 249 -8.33 -25.94 -7.06
CA HIS A 249 -9.32 -26.45 -6.13
C HIS A 249 -10.61 -26.73 -6.90
N PHE A 250 -11.07 -27.98 -6.84
CA PHE A 250 -12.28 -28.42 -7.52
C PHE A 250 -13.41 -28.56 -6.53
N GLY A 251 -14.61 -28.18 -6.94
CA GLY A 251 -15.79 -28.31 -6.10
C GLY A 251 -16.24 -29.75 -5.97
N ALA A 252 -17.24 -29.94 -5.10
CA ALA A 252 -17.79 -31.27 -4.89
C ALA A 252 -18.47 -31.79 -6.16
N THR A 253 -19.20 -30.93 -6.86
CA THR A 253 -19.87 -31.31 -8.10
C THR A 253 -18.87 -31.75 -9.18
N GLY A 254 -17.63 -31.27 -9.10
CA GLY A 254 -16.65 -31.48 -10.14
C GLY A 254 -16.40 -30.27 -11.01
N LYS A 255 -17.28 -29.27 -10.96
CA LYS A 255 -17.05 -28.02 -11.66
C LYS A 255 -15.87 -27.29 -11.05
N LEU A 256 -15.21 -26.45 -11.86
CA LEU A 256 -14.09 -25.66 -11.38
C LEU A 256 -14.53 -24.76 -10.22
N ALA A 257 -13.71 -24.72 -9.18
CA ALA A 257 -14.02 -23.92 -7.99
C ALA A 257 -13.09 -22.75 -7.82
N SER A 258 -11.77 -22.97 -7.77
CA SER A 258 -10.83 -21.88 -7.57
C SER A 258 -9.43 -22.36 -7.94
N ALA A 259 -8.46 -21.46 -7.80
CA ALA A 259 -7.08 -21.80 -8.09
C ALA A 259 -6.15 -20.84 -7.35
N ASP A 260 -4.89 -21.23 -7.27
CA ASP A 260 -3.85 -20.42 -6.64
C ASP A 260 -2.49 -20.85 -7.19
N ILE A 261 -1.50 -20.00 -6.97
CA ILE A 261 -0.14 -20.24 -7.45
C ILE A 261 0.83 -20.01 -6.31
N GLU A 262 1.81 -20.89 -6.16
CA GLU A 262 2.89 -20.73 -5.18
C GLU A 262 4.21 -20.74 -5.94
N THR A 263 4.98 -19.67 -5.80
CA THR A 263 6.21 -19.48 -6.56
C THR A 263 7.41 -19.47 -5.62
N TYR A 264 8.55 -19.89 -6.15
CA TYR A 264 9.78 -20.03 -5.37
C TYR A 264 10.84 -19.06 -5.89
N LEU A 265 12.06 -19.23 -5.36
CA LEU A 265 13.11 -18.22 -5.49
C LEU A 265 13.37 -17.86 -6.95
N LEU A 266 13.49 -16.57 -7.19
CA LEU A 266 13.82 -16.02 -8.50
C LEU A 266 15.28 -15.64 -8.55
N GLU A 267 15.92 -15.83 -9.70
CA GLU A 267 17.34 -15.52 -9.85
C GLU A 267 17.52 -14.01 -9.80
N LYS A 268 17.91 -13.51 -8.63
CA LYS A 268 18.03 -12.06 -8.44
C LYS A 268 19.25 -11.49 -9.16
N SER A 269 20.32 -12.27 -9.31
CA SER A 269 21.49 -11.78 -10.03
C SER A 269 21.20 -11.51 -11.50
N ARG A 270 20.16 -12.14 -12.05
CA ARG A 270 19.80 -11.92 -13.44
C ARG A 270 19.34 -10.50 -13.70
N VAL A 271 18.78 -9.84 -12.69
CA VAL A 271 18.18 -8.53 -12.89
C VAL A 271 19.25 -7.50 -13.29
N ILE A 272 20.46 -7.66 -12.77
CA ILE A 272 21.51 -6.67 -13.01
C ILE A 272 22.70 -7.28 -13.73
N PHE A 273 22.85 -8.60 -13.64
CA PHE A 273 24.02 -9.28 -14.19
C PHE A 273 23.58 -10.41 -15.11
N GLN A 274 24.09 -10.40 -16.34
CA GLN A 274 23.84 -11.48 -17.29
C GLN A 274 25.16 -11.87 -17.95
N LEU A 275 25.34 -13.17 -18.15
CA LEU A 275 26.51 -13.66 -18.86
C LEU A 275 26.43 -13.26 -20.34
N LYS A 276 27.48 -13.62 -21.08
CA LYS A 276 27.60 -13.15 -22.46
C LYS A 276 26.47 -13.67 -23.34
N ALA A 277 26.05 -14.92 -23.14
CA ALA A 277 25.06 -15.55 -23.99
C ALA A 277 23.64 -15.47 -23.43
N GLU A 278 23.44 -14.72 -22.35
CA GLU A 278 22.15 -14.66 -21.68
C GLU A 278 21.48 -13.30 -21.91
N ARG A 279 20.20 -13.24 -21.58
CA ARG A 279 19.41 -12.02 -21.64
C ARG A 279 18.88 -11.73 -20.24
N ASP A 280 18.06 -10.68 -20.13
CA ASP A 280 17.37 -10.35 -18.91
C ASP A 280 15.90 -10.75 -19.03
N TYR A 281 15.13 -10.48 -17.99
CA TYR A 281 13.74 -10.88 -17.97
C TYR A 281 12.96 -10.20 -19.08
N HIS A 282 12.05 -10.96 -19.71
CA HIS A 282 11.43 -10.53 -20.95
C HIS A 282 10.63 -9.24 -20.82
N ILE A 283 10.21 -8.88 -19.61
CA ILE A 283 9.46 -7.63 -19.44
C ILE A 283 10.33 -6.43 -19.80
N PHE A 284 11.64 -6.51 -19.50
CA PHE A 284 12.55 -5.42 -19.82
C PHE A 284 12.57 -5.14 -21.32
N TYR A 285 12.75 -6.17 -22.13
CA TYR A 285 12.87 -6.02 -23.57
C TYR A 285 11.53 -5.93 -24.28
N GLN A 286 10.43 -6.29 -23.60
CA GLN A 286 9.12 -6.21 -24.22
C GLN A 286 8.68 -4.75 -24.39
N ILE A 287 8.97 -3.91 -23.41
CA ILE A 287 8.63 -2.49 -23.51
C ILE A 287 9.50 -1.81 -24.56
N LEU A 288 10.78 -2.18 -24.63
CA LEU A 288 11.71 -1.55 -25.56
C LEU A 288 11.38 -1.84 -27.02
N SER A 289 10.52 -2.82 -27.29
CA SER A 289 10.07 -3.06 -28.66
C SER A 289 9.22 -1.91 -29.19
N ASN A 290 8.71 -1.06 -28.29
CA ASN A 290 7.93 0.13 -28.65
C ASN A 290 6.64 -0.19 -29.38
N LYS A 291 6.10 -1.40 -29.17
CA LYS A 291 4.78 -1.69 -29.73
C LYS A 291 3.70 -0.83 -29.08
N LYS A 292 3.91 -0.44 -27.82
CA LYS A 292 3.05 0.52 -27.14
C LYS A 292 3.83 1.83 -26.99
N PRO A 293 3.55 2.84 -27.82
CA PRO A 293 4.29 4.10 -27.70
C PRO A 293 4.11 4.79 -26.35
N GLU A 294 2.94 4.63 -25.73
CA GLU A 294 2.68 5.29 -24.45
C GLU A 294 3.64 4.80 -23.38
N LEU A 295 3.97 3.51 -23.38
CA LEU A 295 4.88 2.98 -22.38
C LEU A 295 6.28 3.57 -22.52
N LEU A 296 6.76 3.74 -23.75
CA LEU A 296 8.14 4.18 -23.93
C LEU A 296 8.35 5.62 -23.47
N ASP A 297 7.34 6.48 -23.63
CA ASP A 297 7.49 7.88 -23.28
C ASP A 297 6.91 8.23 -21.92
N MET A 298 5.93 7.48 -21.42
CA MET A 298 5.51 7.67 -20.04
C MET A 298 6.58 7.16 -19.09
N LEU A 299 7.29 6.10 -19.50
CA LEU A 299 8.56 5.76 -18.85
C LEU A 299 9.68 6.70 -19.29
N LEU A 300 9.48 7.40 -20.41
CA LEU A 300 10.47 8.31 -21.00
C LEU A 300 11.86 7.69 -21.03
N ILE A 301 11.92 6.41 -21.37
CA ILE A 301 13.16 5.69 -21.53
C ILE A 301 13.52 5.64 -23.01
N THR A 302 14.81 5.54 -23.29
CA THR A 302 15.27 5.51 -24.68
C THR A 302 14.95 4.16 -25.32
N ASN A 303 14.64 4.21 -26.61
CA ASN A 303 14.24 2.99 -27.32
C ASN A 303 15.38 1.98 -27.42
N ASN A 304 16.61 2.43 -27.53
CA ASN A 304 17.74 1.53 -27.70
C ASN A 304 17.96 0.72 -26.44
N PRO A 305 17.96 -0.62 -26.51
CA PRO A 305 18.18 -1.43 -25.30
C PRO A 305 19.60 -1.40 -24.78
N TYR A 306 20.57 -0.92 -25.54
CA TYR A 306 21.96 -0.90 -25.09
C TYR A 306 22.29 0.30 -24.22
N ASP A 307 21.34 1.23 -24.03
CA ASP A 307 21.66 2.46 -23.31
C ASP A 307 21.79 2.22 -21.80
N TYR A 308 21.17 1.17 -21.28
CA TYR A 308 21.19 0.89 -19.85
C TYR A 308 22.06 -0.32 -19.54
N ALA A 309 22.78 -0.25 -18.42
CA ALA A 309 23.81 -1.21 -18.11
C ALA A 309 23.32 -2.44 -17.34
N PHE A 310 22.07 -2.45 -16.87
CA PHE A 310 21.54 -3.67 -16.27
C PHE A 310 21.14 -4.70 -17.33
N ILE A 311 20.52 -4.26 -18.42
CA ILE A 311 19.86 -5.17 -19.35
C ILE A 311 20.60 -5.28 -20.68
N SER A 312 21.84 -4.79 -20.75
CA SER A 312 22.59 -4.84 -22.00
C SER A 312 24.04 -5.28 -21.75
N GLN A 313 24.23 -6.30 -20.92
CA GLN A 313 25.56 -6.83 -20.67
C GLN A 313 25.86 -8.10 -21.46
N GLY A 314 24.85 -8.90 -21.77
CA GLY A 314 25.03 -10.10 -22.56
C GLY A 314 24.39 -10.00 -23.93
N GLU A 315 23.23 -10.63 -24.07
CA GLU A 315 22.46 -10.58 -25.31
C GLU A 315 21.28 -9.64 -25.13
N THR A 316 20.87 -9.00 -26.24
CA THR A 316 19.77 -8.05 -26.21
C THR A 316 18.51 -8.55 -26.88
N THR A 317 18.61 -9.51 -27.80
CA THR A 317 17.43 -10.07 -28.46
C THR A 317 17.81 -11.42 -29.05
N VAL A 318 16.79 -12.26 -29.22
CA VAL A 318 16.94 -13.58 -29.82
C VAL A 318 15.97 -13.69 -30.99
N ALA A 319 16.45 -14.22 -32.11
CA ALA A 319 15.61 -14.36 -33.29
C ALA A 319 14.38 -15.22 -33.00
N SER A 320 14.51 -16.19 -32.10
CA SER A 320 13.39 -17.06 -31.76
C SER A 320 12.28 -16.32 -31.02
N ILE A 321 12.55 -15.13 -30.50
CA ILE A 321 11.57 -14.38 -29.71
C ILE A 321 11.29 -13.05 -30.41
N ASP A 322 10.01 -12.76 -30.59
CA ASP A 322 9.56 -11.46 -31.10
C ASP A 322 8.89 -10.74 -29.94
N ASP A 323 9.55 -9.70 -29.43
CA ASP A 323 9.17 -9.09 -28.16
C ASP A 323 7.91 -8.24 -28.24
N ALA A 324 7.55 -7.75 -29.43
CA ALA A 324 6.41 -6.83 -29.54
C ALA A 324 5.11 -7.52 -29.14
N GLU A 325 4.75 -8.61 -29.82
CA GLU A 325 3.55 -9.33 -29.45
C GLU A 325 3.68 -9.97 -28.07
N GLU A 326 4.90 -10.20 -27.58
CA GLU A 326 5.06 -10.63 -26.20
C GLU A 326 4.58 -9.56 -25.23
N LEU A 327 4.96 -8.30 -25.48
CA LEU A 327 4.45 -7.20 -24.67
C LEU A 327 2.94 -7.07 -24.82
N MET A 328 2.44 -7.26 -26.04
CA MET A 328 1.00 -7.18 -26.27
C MET A 328 0.27 -8.25 -25.44
N ALA A 329 0.79 -9.47 -25.45
CA ALA A 329 0.19 -10.56 -24.68
C ALA A 329 0.27 -10.28 -23.18
N THR A 330 1.40 -9.73 -22.72
CA THR A 330 1.52 -9.38 -21.31
C THR A 330 0.49 -8.34 -20.91
N ASP A 331 0.31 -7.32 -21.74
CA ASP A 331 -0.69 -6.29 -21.46
C ASP A 331 -2.10 -6.89 -21.44
N ASN A 332 -2.40 -7.77 -22.40
CA ASN A 332 -3.72 -8.39 -22.44
C ASN A 332 -3.96 -9.26 -21.20
N ALA A 333 -2.95 -10.02 -20.79
CA ALA A 333 -3.07 -10.85 -19.60
C ALA A 333 -3.29 -10.00 -18.35
N PHE A 334 -2.57 -8.88 -18.24
CA PHE A 334 -2.78 -7.99 -17.11
C PHE A 334 -4.18 -7.40 -17.14
N ASP A 335 -4.68 -7.09 -18.34
CA ASP A 335 -6.02 -6.52 -18.46
C ASP A 335 -7.09 -7.51 -18.03
N VAL A 336 -7.02 -8.74 -18.54
CA VAL A 336 -8.05 -9.73 -18.25
C VAL A 336 -7.97 -10.22 -16.81
N LEU A 337 -6.81 -10.13 -16.17
CA LEU A 337 -6.67 -10.57 -14.79
C LEU A 337 -7.42 -9.69 -13.81
N GLY A 338 -7.92 -8.54 -14.23
CA GLY A 338 -8.62 -7.62 -13.36
C GLY A 338 -7.79 -6.46 -12.86
N PHE A 339 -6.57 -6.30 -13.35
CA PHE A 339 -5.71 -5.21 -12.90
C PHE A 339 -6.22 -3.87 -13.40
N THR A 340 -6.15 -2.86 -12.55
CA THR A 340 -6.57 -1.53 -12.93
C THR A 340 -5.48 -0.82 -13.72
N SER A 341 -5.85 0.27 -14.39
CA SER A 341 -4.90 1.04 -15.17
C SER A 341 -3.79 1.62 -14.30
N GLU A 342 -4.15 2.11 -13.11
CA GLU A 342 -3.16 2.71 -12.23
C GLU A 342 -2.09 1.69 -11.83
N GLU A 343 -2.50 0.48 -11.47
CA GLU A 343 -1.53 -0.55 -11.10
C GLU A 343 -0.60 -0.88 -12.26
N LYS A 344 -1.15 -1.03 -13.47
CA LYS A 344 -0.34 -1.38 -14.62
C LYS A 344 0.68 -0.29 -14.92
N ASN A 345 0.22 0.97 -14.97
CA ASN A 345 1.12 2.08 -15.25
C ASN A 345 2.20 2.19 -14.18
N SER A 346 1.83 2.02 -12.90
CA SER A 346 2.82 2.09 -11.84
C SER A 346 3.83 0.95 -11.95
N MET A 347 3.39 -0.23 -12.39
CA MET A 347 4.32 -1.35 -12.52
C MET A 347 5.33 -1.09 -13.62
N TYR A 348 4.88 -0.60 -14.79
CA TYR A 348 5.87 -0.24 -15.81
C TYR A 348 6.74 0.93 -15.35
N LYS A 349 6.19 1.84 -14.55
CA LYS A 349 7.00 2.93 -14.00
C LYS A 349 8.13 2.39 -13.14
N LEU A 350 7.81 1.43 -12.26
CA LEU A 350 8.83 0.84 -11.40
C LEU A 350 9.85 0.08 -12.23
N THR A 351 9.40 -0.62 -13.27
CA THR A 351 10.34 -1.32 -14.15
C THR A 351 11.29 -0.35 -14.83
N GLY A 352 10.76 0.77 -15.34
CA GLY A 352 11.60 1.80 -15.92
C GLY A 352 12.59 2.35 -14.91
N ALA A 353 12.16 2.49 -13.66
CA ALA A 353 13.10 2.87 -12.61
C ALA A 353 14.19 1.82 -12.44
N ILE A 354 13.83 0.54 -12.57
CA ILE A 354 14.83 -0.52 -12.46
C ILE A 354 15.90 -0.37 -13.53
N MET A 355 15.49 -0.18 -14.78
CA MET A 355 16.54 -0.01 -15.79
C MET A 355 17.21 1.36 -15.72
N HIS A 356 16.60 2.36 -15.08
CA HIS A 356 17.28 3.63 -14.89
C HIS A 356 18.35 3.56 -13.80
N PHE A 357 18.13 2.71 -12.78
CA PHE A 357 19.12 2.59 -11.71
C PHE A 357 20.50 2.19 -12.23
N GLY A 358 20.55 1.52 -13.38
CA GLY A 358 21.85 1.18 -13.96
C GLY A 358 22.64 2.37 -14.45
N ASN A 359 22.00 3.53 -14.61
CA ASN A 359 22.66 4.72 -15.11
C ASN A 359 23.27 5.57 -14.01
N MET A 360 23.16 5.15 -12.74
CA MET A 360 23.76 5.90 -11.65
C MET A 360 25.26 6.06 -11.86
N LYS A 361 25.75 7.28 -11.65
CA LYS A 361 27.17 7.57 -11.76
C LYS A 361 27.63 8.24 -10.47
N PHE A 362 28.64 7.65 -9.84
CA PHE A 362 29.16 8.14 -8.57
C PHE A 362 30.67 8.29 -8.64
N LYS A 363 31.17 9.37 -8.05
CA LYS A 363 32.59 9.68 -8.07
C LYS A 363 33.03 10.09 -6.67
N LEU A 364 34.32 9.91 -6.40
CA LEU A 364 34.89 10.36 -5.13
C LEU A 364 34.72 11.87 -4.99
N LYS A 365 34.25 12.29 -3.82
CA LYS A 365 33.98 13.71 -3.60
C LYS A 365 35.25 14.54 -3.70
N GLN A 366 36.19 14.32 -2.79
CA GLN A 366 37.46 15.02 -2.74
C GLN A 366 38.59 14.02 -2.52
N ARG A 367 38.60 12.96 -3.33
CA ARG A 367 39.45 11.78 -3.17
C ARG A 367 39.55 11.37 -1.71
N GLU A 368 38.41 11.40 -1.00
CA GLU A 368 38.34 11.10 0.41
C GLU A 368 37.55 9.82 0.69
N GLU A 369 37.48 8.91 -0.30
CA GLU A 369 36.73 7.66 -0.17
C GLU A 369 35.27 7.91 0.21
N GLN A 370 34.67 8.92 -0.42
CA GLN A 370 33.27 9.25 -0.21
C GLN A 370 32.59 9.44 -1.57
N ALA A 371 31.40 8.86 -1.71
CA ALA A 371 30.71 8.87 -3.00
C ALA A 371 29.80 10.09 -3.13
N GLU A 372 29.80 10.69 -4.31
CA GLU A 372 28.93 11.79 -4.66
C GLU A 372 28.34 11.55 -6.05
N PRO A 373 27.13 12.04 -6.30
CA PRO A 373 26.49 11.77 -7.61
C PRO A 373 27.18 12.49 -8.74
N ASP A 374 27.87 11.74 -9.60
CA ASP A 374 28.48 12.35 -10.78
C ASP A 374 27.42 12.88 -11.73
N GLY A 375 26.35 12.14 -11.92
CA GLY A 375 25.23 12.60 -12.73
C GLY A 375 23.94 12.50 -11.96
N THR A 376 23.09 13.52 -12.13
CA THR A 376 21.84 13.62 -11.38
C THR A 376 20.59 13.50 -12.25
N GLU A 377 20.73 13.61 -13.57
CA GLU A 377 19.55 13.54 -14.44
C GLU A 377 18.89 12.17 -14.35
N GLU A 378 19.68 11.10 -14.44
CA GLU A 378 19.13 9.76 -14.27
C GLU A 378 18.65 9.54 -12.85
N ALA A 379 19.33 10.16 -11.87
CA ALA A 379 18.84 10.13 -10.50
C ALA A 379 17.49 10.82 -10.39
N ASP A 380 17.32 11.95 -11.09
CA ASP A 380 16.03 12.62 -11.13
C ASP A 380 14.96 11.73 -11.75
N LYS A 381 15.34 11.02 -12.83
CA LYS A 381 14.40 10.09 -13.46
C LYS A 381 13.95 9.03 -12.47
N SER A 382 14.89 8.38 -11.79
CA SER A 382 14.56 7.35 -10.82
C SER A 382 13.69 7.90 -9.69
N ALA A 383 14.04 9.09 -9.19
CA ALA A 383 13.26 9.68 -8.11
C ALA A 383 11.83 9.99 -8.53
N TYR A 384 11.66 10.56 -9.74
CA TYR A 384 10.32 10.88 -10.20
C TYR A 384 9.49 9.62 -10.44
N LEU A 385 10.13 8.57 -10.95
CA LEU A 385 9.38 7.36 -11.30
C LEU A 385 8.68 6.77 -10.09
N MET A 386 9.36 6.75 -8.93
CA MET A 386 8.72 6.36 -7.69
C MET A 386 8.06 7.52 -6.96
N GLY A 387 8.20 8.75 -7.46
CA GLY A 387 7.73 9.90 -6.73
C GLY A 387 8.55 10.21 -5.49
N LEU A 388 9.83 9.86 -5.49
CA LEU A 388 10.70 10.07 -4.35
C LEU A 388 11.26 11.50 -4.38
N ASN A 389 12.22 11.78 -3.51
CA ASN A 389 12.94 13.04 -3.49
C ASN A 389 14.36 12.78 -3.97
N SER A 390 14.75 13.42 -5.07
CA SER A 390 16.04 13.13 -5.68
C SER A 390 17.19 13.47 -4.74
N ALA A 391 17.13 14.63 -4.09
CA ALA A 391 18.18 15.01 -3.15
C ALA A 391 18.24 14.03 -1.98
N ASP A 392 17.09 13.67 -1.42
CA ASP A 392 17.07 12.72 -0.32
C ASP A 392 17.59 11.35 -0.74
N LEU A 393 17.20 10.89 -1.93
CA LEU A 393 17.68 9.60 -2.41
C LEU A 393 19.19 9.61 -2.62
N LEU A 394 19.71 10.69 -3.21
CA LEU A 394 21.14 10.78 -3.43
C LEU A 394 21.91 10.85 -2.12
N LYS A 395 21.38 11.58 -1.15
CA LYS A 395 22.01 11.64 0.18
C LYS A 395 21.99 10.28 0.84
N GLY A 396 20.88 9.55 0.73
CA GLY A 396 20.80 8.22 1.34
C GLY A 396 21.78 7.25 0.72
N LEU A 397 21.86 7.22 -0.62
CA LEU A 397 22.81 6.34 -1.27
C LEU A 397 24.24 6.72 -0.94
N CYS A 398 24.57 8.01 -1.07
CA CYS A 398 25.92 8.46 -0.78
C CYS A 398 26.26 8.31 0.70
N HIS A 399 25.27 8.49 1.57
CA HIS A 399 25.48 8.44 3.02
C HIS A 399 24.35 7.68 3.69
N PRO A 400 24.54 6.40 3.99
CA PRO A 400 23.52 5.65 4.74
C PRO A 400 23.57 6.01 6.22
N ARG A 401 22.39 6.29 6.79
CA ARG A 401 22.27 6.75 8.17
C ARG A 401 21.92 5.57 9.07
N VAL A 402 22.92 4.72 9.30
CA VAL A 402 22.73 3.55 10.15
C VAL A 402 22.70 3.99 11.61
N LYS A 403 21.81 3.38 12.39
CA LYS A 403 21.68 3.70 13.81
C LYS A 403 22.45 2.69 14.64
N VAL A 404 23.43 3.18 15.40
CA VAL A 404 24.17 2.38 16.37
C VAL A 404 23.78 2.85 17.76
N GLY A 405 23.40 1.92 18.61
CA GLY A 405 22.84 2.30 19.90
C GLY A 405 21.58 3.12 19.67
N ASN A 406 21.54 4.31 20.26
CA ASN A 406 20.47 5.26 20.03
C ASN A 406 20.93 6.46 19.19
N GLU A 407 22.07 6.35 18.52
CA GLU A 407 22.62 7.46 17.73
C GLU A 407 22.65 7.08 16.26
N TYR A 408 22.11 7.95 15.42
CA TYR A 408 22.07 7.73 13.97
C TYR A 408 23.37 8.25 13.37
N VAL A 409 24.36 7.36 13.25
CA VAL A 409 25.68 7.74 12.75
C VAL A 409 25.72 7.51 11.25
N THR A 410 26.15 8.53 10.51
CA THR A 410 26.24 8.43 9.06
C THR A 410 27.48 7.64 8.67
N LYS A 411 27.32 6.69 7.76
CA LYS A 411 28.44 5.85 7.34
C LYS A 411 29.00 6.35 6.01
N GLY A 412 30.33 6.36 5.91
CA GLY A 412 31.00 6.80 4.71
C GLY A 412 31.51 5.61 3.90
N GLN A 413 31.04 5.52 2.65
CA GLN A 413 31.39 4.41 1.78
C GLN A 413 31.85 4.93 0.43
N ASN A 414 32.71 4.16 -0.22
CA ASN A 414 33.29 4.55 -1.50
C ASN A 414 32.32 4.24 -2.63
N VAL A 415 32.79 4.36 -3.87
CA VAL A 415 31.92 4.17 -5.02
C VAL A 415 31.51 2.71 -5.16
N GLN A 416 32.40 1.78 -4.84
CA GLN A 416 32.08 0.35 -4.96
C GLN A 416 30.90 -0.01 -4.06
N GLN A 417 30.94 0.43 -2.80
CA GLN A 417 29.86 0.09 -1.87
C GLN A 417 28.54 0.73 -2.31
N VAL A 418 28.57 1.97 -2.77
CA VAL A 418 27.32 2.62 -3.16
C VAL A 418 26.73 1.99 -4.41
N ILE A 419 27.58 1.58 -5.37
CA ILE A 419 27.06 0.95 -6.58
C ILE A 419 26.52 -0.44 -6.25
N TYR A 420 27.20 -1.17 -5.36
CA TYR A 420 26.67 -2.46 -4.94
C TYR A 420 25.36 -2.30 -4.19
N ALA A 421 25.25 -1.23 -3.39
CA ALA A 421 24.00 -0.95 -2.70
C ALA A 421 22.88 -0.65 -3.69
N THR A 422 23.19 0.11 -4.74
CA THR A 422 22.18 0.37 -5.77
C THR A 422 21.72 -0.93 -6.41
N GLY A 423 22.67 -1.81 -6.73
CA GLY A 423 22.31 -3.10 -7.29
C GLY A 423 21.45 -3.92 -6.35
N ALA A 424 21.79 -3.94 -5.06
CA ALA A 424 21.02 -4.70 -4.09
C ALA A 424 19.62 -4.13 -3.93
N LEU A 425 19.49 -2.80 -3.91
CA LEU A 425 18.17 -2.19 -3.90
C LEU A 425 17.35 -2.61 -5.11
N ALA A 426 17.96 -2.61 -6.30
CA ALA A 426 17.24 -3.02 -7.50
C ALA A 426 16.77 -4.47 -7.39
N LYS A 427 17.67 -5.36 -6.95
CA LYS A 427 17.31 -6.77 -6.79
C LYS A 427 16.16 -6.93 -5.82
N ALA A 428 16.25 -6.28 -4.65
CA ALA A 428 15.22 -6.44 -3.63
C ALA A 428 13.88 -5.89 -4.08
N VAL A 429 13.88 -4.72 -4.72
CA VAL A 429 12.61 -4.15 -5.14
C VAL A 429 11.98 -4.99 -6.25
N TYR A 430 12.80 -5.56 -7.15
CA TYR A 430 12.22 -6.40 -8.19
C TYR A 430 11.70 -7.72 -7.61
N GLU A 431 12.37 -8.27 -6.60
CA GLU A 431 11.85 -9.46 -5.95
C GLU A 431 10.53 -9.17 -5.24
N ARG A 432 10.43 -8.03 -4.58
CA ARG A 432 9.16 -7.64 -3.97
C ARG A 432 8.09 -7.42 -5.01
N MET A 433 8.47 -6.85 -6.16
CA MET A 433 7.60 -6.79 -7.32
C MET A 433 7.03 -8.15 -7.70
N PHE A 434 7.92 -9.13 -7.85
CA PHE A 434 7.48 -10.46 -8.28
C PHE A 434 6.55 -11.08 -7.24
N ASN A 435 6.91 -10.97 -5.97
CA ASN A 435 6.08 -11.57 -4.92
C ASN A 435 4.73 -10.86 -4.81
N TRP A 436 4.70 -9.54 -4.98
CA TRP A 436 3.43 -8.82 -4.96
C TRP A 436 2.56 -9.24 -6.13
N MET A 437 3.17 -9.45 -7.30
CA MET A 437 2.42 -9.95 -8.44
C MET A 437 1.83 -11.32 -8.16
N VAL A 438 2.61 -12.21 -7.53
CA VAL A 438 2.11 -13.54 -7.19
C VAL A 438 0.95 -13.43 -6.21
N THR A 439 1.09 -12.58 -5.20
CA THR A 439 0.00 -12.42 -4.23
C THR A 439 -1.25 -11.84 -4.90
N ARG A 440 -1.07 -10.90 -5.83
CA ARG A 440 -2.21 -10.29 -6.50
C ARG A 440 -2.95 -11.31 -7.35
N ILE A 441 -2.21 -12.11 -8.13
CA ILE A 441 -2.87 -13.11 -8.97
C ILE A 441 -3.53 -14.18 -8.10
N ASN A 442 -2.90 -14.54 -6.98
CA ASN A 442 -3.51 -15.50 -6.08
C ASN A 442 -4.80 -14.95 -5.49
N ALA A 443 -4.82 -13.67 -5.13
CA ALA A 443 -6.03 -13.05 -4.60
C ALA A 443 -7.13 -13.01 -5.65
N THR A 444 -6.78 -12.69 -6.89
CA THR A 444 -7.78 -12.62 -7.95
C THR A 444 -8.36 -13.99 -8.26
N LEU A 445 -7.51 -15.02 -8.32
CA LEU A 445 -7.98 -16.36 -8.66
C LEU A 445 -8.69 -17.04 -7.51
N GLU A 446 -8.27 -16.78 -6.27
CA GLU A 446 -8.85 -17.43 -5.09
C GLU A 446 -10.22 -16.80 -4.81
N THR A 447 -11.19 -17.17 -5.64
CA THR A 447 -12.55 -16.69 -5.49
C THR A 447 -13.26 -17.49 -4.41
N LYS A 448 -14.58 -17.36 -4.34
CA LYS A 448 -15.36 -18.07 -3.33
C LYS A 448 -15.31 -19.58 -3.57
N GLN A 449 -15.89 -20.30 -2.61
CA GLN A 449 -15.99 -21.77 -2.58
C GLN A 449 -14.74 -22.50 -3.11
N PRO A 450 -13.56 -22.33 -2.45
CA PRO A 450 -12.39 -23.15 -2.76
C PRO A 450 -12.44 -24.51 -2.06
N ARG A 451 -13.59 -25.18 -2.18
CA ARG A 451 -13.88 -26.35 -1.37
C ARG A 451 -13.20 -27.60 -1.93
N GLN A 452 -13.29 -28.68 -1.15
CA GLN A 452 -12.95 -30.03 -1.57
C GLN A 452 -11.50 -30.20 -2.01
N TYR A 453 -11.26 -31.20 -2.86
CA TYR A 453 -9.93 -31.66 -3.18
C TYR A 453 -9.26 -30.74 -4.19
N PHE A 454 -7.94 -30.88 -4.31
CA PHE A 454 -7.15 -30.05 -5.20
C PHE A 454 -6.22 -30.91 -6.06
N ILE A 455 -5.91 -30.38 -7.23
CA ILE A 455 -4.92 -30.96 -8.14
C ILE A 455 -3.82 -29.93 -8.32
N GLY A 456 -2.59 -30.33 -8.00
CA GLY A 456 -1.48 -29.40 -8.05
C GLY A 456 -0.43 -29.79 -9.07
N VAL A 457 -0.21 -28.93 -10.06
CA VAL A 457 0.83 -29.17 -11.06
C VAL A 457 2.12 -28.50 -10.59
N LEU A 458 3.19 -29.27 -10.54
CA LEU A 458 4.48 -28.81 -10.04
C LEU A 458 5.46 -28.72 -11.19
N ASP A 459 6.00 -27.51 -11.39
CA ASP A 459 6.95 -27.22 -12.45
C ASP A 459 8.22 -26.68 -11.79
N ILE A 460 9.20 -27.54 -11.63
CA ILE A 460 10.46 -27.17 -10.99
C ILE A 460 11.43 -26.62 -12.03
N ALA A 461 12.39 -25.82 -11.58
CA ALA A 461 13.43 -25.33 -12.46
C ALA A 461 14.33 -26.48 -12.91
N GLY A 462 14.69 -26.47 -14.19
CA GLY A 462 15.43 -27.58 -14.75
C GLY A 462 16.92 -27.54 -14.41
N PHE A 463 17.51 -28.72 -14.42
CA PHE A 463 18.94 -28.86 -14.15
C PHE A 463 19.74 -28.11 -15.21
N GLU A 464 20.79 -27.43 -14.76
CA GLU A 464 21.60 -26.58 -15.64
C GLU A 464 23.06 -26.72 -15.29
N ILE A 465 23.91 -26.67 -16.33
CA ILE A 465 25.36 -26.65 -16.17
C ILE A 465 25.87 -25.58 -17.12
N PHE A 466 26.09 -24.37 -16.61
CA PHE A 466 26.67 -23.30 -17.40
C PHE A 466 28.19 -23.36 -17.32
N ASP A 467 28.84 -22.43 -18.00
CA ASP A 467 30.30 -22.35 -17.92
C ASP A 467 30.75 -21.75 -16.60
N PHE A 468 29.97 -20.82 -16.06
CA PHE A 468 30.24 -20.20 -14.77
C PHE A 468 29.07 -20.53 -13.83
N ASN A 469 29.31 -21.45 -12.90
CA ASN A 469 28.31 -21.85 -11.93
C ASN A 469 28.63 -21.23 -10.58
N SER A 470 27.59 -20.78 -9.88
CA SER A 470 27.72 -20.11 -8.61
C SER A 470 26.40 -20.27 -7.86
N PHE A 471 26.20 -19.46 -6.82
CA PHE A 471 24.93 -19.49 -6.10
C PHE A 471 23.78 -19.14 -7.05
N GLU A 472 22.59 -19.61 -6.69
CA GLU A 472 21.36 -19.54 -7.49
C GLU A 472 21.42 -20.54 -8.64
N GLN A 473 22.58 -21.17 -8.83
CA GLN A 473 22.69 -22.38 -9.63
C GLN A 473 22.86 -23.62 -8.77
N LEU A 474 23.07 -23.44 -7.47
CA LEU A 474 23.09 -24.57 -6.54
C LEU A 474 21.71 -24.86 -5.97
N CYS A 475 20.89 -23.84 -5.76
CA CYS A 475 19.53 -24.06 -5.25
C CYS A 475 18.68 -24.81 -6.27
N ILE A 476 18.81 -24.47 -7.55
CA ILE A 476 18.00 -25.13 -8.57
C ILE A 476 18.43 -26.58 -8.75
N ASN A 477 19.74 -26.83 -8.81
CA ASN A 477 20.22 -28.20 -8.89
C ASN A 477 19.83 -28.99 -7.65
N PHE A 478 19.87 -28.34 -6.49
CA PHE A 478 19.50 -29.02 -5.25
C PHE A 478 18.02 -29.39 -5.24
N THR A 479 17.14 -28.49 -5.70
CA THR A 479 15.73 -28.83 -5.72
C THR A 479 15.43 -29.89 -6.77
N ASN A 480 16.20 -29.91 -7.87
CA ASN A 480 16.07 -31.00 -8.82
C ASN A 480 16.48 -32.33 -8.20
N GLU A 481 17.60 -32.34 -7.48
CA GLU A 481 18.01 -33.50 -6.70
C GLU A 481 16.90 -33.95 -5.75
N LYS A 482 16.28 -32.99 -5.07
CA LYS A 482 15.26 -33.30 -4.08
C LYS A 482 14.02 -33.91 -4.72
N LEU A 483 13.58 -33.36 -5.85
CA LEU A 483 12.40 -33.93 -6.50
C LEU A 483 12.71 -35.31 -7.08
N GLN A 484 13.91 -35.50 -7.63
CA GLN A 484 14.27 -36.82 -8.12
C GLN A 484 14.33 -37.82 -6.98
N GLN A 485 14.83 -37.40 -5.82
CA GLN A 485 14.83 -38.27 -4.65
C GLN A 485 13.42 -38.56 -4.17
N PHE A 486 12.52 -37.59 -4.28
CA PHE A 486 11.12 -37.84 -3.94
C PHE A 486 10.51 -38.88 -4.88
N PHE A 487 10.83 -38.80 -6.16
CA PHE A 487 10.37 -39.82 -7.12
C PHE A 487 10.92 -41.19 -6.75
N ASN A 488 12.21 -41.25 -6.41
CA ASN A 488 12.80 -42.52 -5.98
C ASN A 488 12.11 -43.06 -4.73
N HIS A 489 11.81 -42.18 -3.78
CA HIS A 489 11.12 -42.59 -2.56
C HIS A 489 9.74 -43.14 -2.86
N HIS A 490 8.98 -42.47 -3.73
CA HIS A 490 7.61 -42.89 -3.99
C HIS A 490 7.52 -44.10 -4.90
N MET A 491 8.57 -44.42 -5.67
CA MET A 491 8.55 -45.60 -6.52
C MET A 491 9.24 -46.80 -5.88
N PHE A 492 10.50 -46.65 -5.48
CA PHE A 492 11.31 -47.81 -5.07
C PHE A 492 11.09 -48.17 -3.62
N VAL A 493 11.20 -47.18 -2.72
CA VAL A 493 11.23 -47.48 -1.29
C VAL A 493 9.82 -47.73 -0.76
N LEU A 494 8.87 -46.85 -1.10
CA LEU A 494 7.56 -46.91 -0.45
C LEU A 494 6.83 -48.21 -0.77
N GLU A 495 6.87 -48.66 -2.02
CA GLU A 495 6.17 -49.88 -2.39
C GLU A 495 6.88 -51.11 -1.85
N GLN A 496 8.21 -51.09 -1.78
CA GLN A 496 8.96 -52.20 -1.21
C GLN A 496 8.74 -52.34 0.29
N GLU A 497 8.11 -51.36 0.93
CA GLU A 497 7.72 -51.48 2.33
C GLU A 497 6.22 -51.70 2.50
N GLU A 498 5.40 -51.21 1.56
CA GLU A 498 4.00 -51.63 1.54
C GLU A 498 3.87 -53.12 1.23
N TYR A 499 4.86 -53.69 0.56
CA TYR A 499 4.88 -55.14 0.36
C TYR A 499 5.02 -55.86 1.70
N LYS A 500 5.93 -55.39 2.56
CA LYS A 500 6.15 -56.06 3.83
C LYS A 500 5.00 -55.78 4.80
N LYS A 501 4.48 -54.55 4.80
CA LYS A 501 3.42 -54.18 5.72
C LYS A 501 2.14 -54.96 5.44
N GLU A 502 1.89 -55.30 4.18
CA GLU A 502 0.67 -56.01 3.79
C GLU A 502 0.81 -57.51 3.86
N GLY A 503 1.95 -58.03 4.28
CA GLY A 503 2.14 -59.48 4.35
C GLY A 503 2.09 -60.14 3.00
N ILE A 504 2.77 -59.58 2.01
CA ILE A 504 2.80 -60.12 0.65
C ILE A 504 4.20 -60.68 0.40
N GLU A 505 4.27 -61.91 -0.11
CA GLU A 505 5.54 -62.55 -0.38
C GLU A 505 6.35 -61.74 -1.38
N TRP A 506 7.47 -61.17 -0.91
CA TRP A 506 8.31 -60.33 -1.75
C TRP A 506 9.74 -60.38 -1.23
N THR A 507 10.69 -60.22 -2.14
CA THR A 507 12.11 -60.14 -1.82
C THR A 507 12.63 -58.78 -2.22
N PHE A 508 13.37 -58.13 -1.31
CA PHE A 508 13.82 -56.77 -1.56
C PHE A 508 14.80 -56.73 -2.74
N ILE A 509 14.66 -55.69 -3.56
CA ILE A 509 15.48 -55.50 -4.75
C ILE A 509 16.27 -54.21 -4.59
N ASP A 510 17.58 -54.29 -4.79
CA ASP A 510 18.46 -53.12 -4.68
C ASP A 510 18.46 -52.40 -6.02
N PHE A 511 17.52 -51.47 -6.19
CA PHE A 511 17.46 -50.68 -7.40
C PHE A 511 18.65 -49.72 -7.53
N GLY A 512 19.29 -49.39 -6.41
CA GLY A 512 20.46 -48.53 -6.45
C GLY A 512 20.21 -47.11 -6.89
N MET A 513 19.06 -46.54 -6.52
CA MET A 513 18.75 -45.14 -6.80
C MET A 513 18.18 -44.52 -5.52
N ASP A 514 19.08 -43.97 -4.69
CA ASP A 514 18.68 -43.26 -3.48
C ASP A 514 19.65 -42.09 -3.32
N LEU A 515 19.15 -40.88 -3.55
CA LEU A 515 19.97 -39.67 -3.50
C LEU A 515 19.79 -39.01 -2.14
N GLN A 516 20.56 -39.50 -1.17
CA GLN A 516 20.60 -38.89 0.15
C GLN A 516 21.99 -38.43 0.56
N ALA A 517 23.05 -39.10 0.12
CA ALA A 517 24.39 -38.65 0.43
C ALA A 517 24.65 -37.27 -0.16
N CYS A 518 24.23 -37.05 -1.40
CA CYS A 518 24.37 -35.74 -2.01
C CYS A 518 23.48 -34.71 -1.32
N ILE A 519 22.24 -35.08 -0.99
CA ILE A 519 21.34 -34.15 -0.33
C ILE A 519 21.80 -33.86 1.10
N ASP A 520 22.21 -34.91 1.83
CA ASP A 520 22.76 -34.69 3.17
C ASP A 520 24.01 -33.82 3.10
N LEU A 521 24.80 -33.97 2.04
CA LEU A 521 25.94 -33.10 1.83
C LEU A 521 25.53 -31.64 1.66
N ILE A 522 24.27 -31.37 1.32
CA ILE A 522 23.82 -30.01 1.14
C ILE A 522 22.81 -29.62 2.21
N GLU A 523 21.67 -30.31 2.24
CA GLU A 523 20.54 -29.84 3.05
C GLU A 523 20.82 -29.90 4.54
N LYS A 524 21.43 -30.99 5.02
CA LYS A 524 21.50 -31.24 6.44
C LYS A 524 22.41 -30.22 7.12
N PRO A 525 22.21 -29.97 8.41
CA PRO A 525 23.11 -29.07 9.14
C PRO A 525 24.55 -29.57 9.10
N MET A 526 25.48 -28.62 9.06
CA MET A 526 26.92 -28.80 8.87
C MET A 526 27.22 -28.97 7.37
N GLY A 527 26.19 -29.09 6.52
CA GLY A 527 26.39 -29.16 5.09
C GLY A 527 26.87 -27.83 4.51
N ILE A 528 27.06 -27.83 3.19
CA ILE A 528 27.62 -26.66 2.51
C ILE A 528 26.74 -25.44 2.72
N MET A 529 25.44 -25.58 2.42
CA MET A 529 24.55 -24.44 2.58
C MET A 529 24.27 -24.14 4.05
N SER A 530 24.35 -25.15 4.92
CA SER A 530 24.17 -24.90 6.35
C SER A 530 25.33 -24.08 6.91
N ILE A 531 26.57 -24.46 6.58
CA ILE A 531 27.69 -23.67 7.04
C ILE A 531 27.75 -22.32 6.33
N LEU A 532 27.24 -22.25 5.10
CA LEU A 532 27.07 -20.95 4.46
C LEU A 532 26.14 -20.06 5.26
N GLU A 533 25.03 -20.62 5.75
CA GLU A 533 24.09 -19.86 6.57
C GLU A 533 24.74 -19.41 7.86
N GLU A 534 25.50 -20.30 8.52
CA GLU A 534 26.06 -19.95 9.82
C GLU A 534 27.18 -18.92 9.68
N GLU A 535 28.01 -19.05 8.64
CA GLU A 535 29.07 -18.08 8.40
C GLU A 535 28.53 -16.77 7.83
N CYS A 536 27.33 -16.79 7.26
CA CYS A 536 26.72 -15.58 6.71
C CYS A 536 26.49 -14.52 7.78
N MET A 537 26.42 -14.91 9.05
CA MET A 537 26.23 -13.96 10.14
C MET A 537 27.55 -13.34 10.60
N PHE A 538 28.69 -13.76 10.03
CA PHE A 538 29.99 -13.26 10.45
C PHE A 538 30.47 -12.21 9.47
N PRO A 539 30.53 -10.93 9.84
CA PRO A 539 31.05 -9.92 8.91
C PRO A 539 32.55 -10.03 8.66
N LYS A 540 33.29 -10.70 9.55
CA LYS A 540 34.73 -10.81 9.37
C LYS A 540 35.11 -11.83 8.29
N ALA A 541 34.23 -12.78 8.00
CA ALA A 541 34.56 -13.87 7.09
C ALA A 541 34.49 -13.40 5.63
N THR A 542 35.28 -14.06 4.79
CA THR A 542 35.34 -13.79 3.36
C THR A 542 35.03 -15.06 2.58
N ASP A 543 34.83 -14.89 1.28
CA ASP A 543 34.50 -16.03 0.42
C ASP A 543 35.64 -17.04 0.38
N MET A 544 36.88 -16.57 0.31
CA MET A 544 38.01 -17.48 0.18
C MET A 544 38.13 -18.40 1.40
N THR A 545 37.96 -17.85 2.60
CA THR A 545 38.02 -18.67 3.80
C THR A 545 36.87 -19.68 3.82
N PHE A 546 35.66 -19.21 3.56
CA PHE A 546 34.48 -20.07 3.53
C PHE A 546 34.68 -21.27 2.61
N ALA A 548 37.49 -22.50 1.69
CA ALA A 548 38.49 -23.31 2.40
C ALA A 548 37.80 -24.15 3.45
N LYS A 549 36.84 -23.54 4.15
CA LYS A 549 36.06 -24.27 5.14
C LYS A 549 35.36 -25.47 4.50
N LEU A 550 34.79 -25.25 3.30
CA LEU A 550 34.20 -26.35 2.56
C LEU A 550 35.18 -27.50 2.37
N PHE A 551 36.44 -27.16 2.08
CA PHE A 551 37.46 -28.18 1.86
C PHE A 551 37.93 -28.81 3.17
N ASP A 552 37.66 -28.19 4.31
CA ASP A 552 38.06 -28.74 5.59
C ASP A 552 36.92 -29.46 6.31
N ASN A 553 35.72 -29.46 5.73
CA ASN A 553 34.56 -30.02 6.41
C ASN A 553 33.87 -31.12 5.60
N HIS A 554 33.99 -31.11 4.28
CA HIS A 554 33.34 -32.11 3.44
C HIS A 554 34.29 -32.84 2.50
N LEU A 555 35.32 -32.17 1.97
CA LEU A 555 36.25 -32.84 1.08
C LEU A 555 37.05 -33.89 1.83
N GLY A 556 37.32 -35.00 1.15
CA GLY A 556 38.00 -36.12 1.77
C GLY A 556 37.14 -37.00 2.64
N LYS A 557 35.85 -36.70 2.76
CA LYS A 557 34.93 -37.47 3.57
C LYS A 557 33.73 -37.99 2.78
N SER A 558 33.21 -37.20 1.85
CA SER A 558 32.06 -37.57 1.03
C SER A 558 32.46 -37.64 -0.44
N ALA A 559 31.89 -38.61 -1.15
CA ALA A 559 32.23 -38.78 -2.56
C ALA A 559 31.57 -37.72 -3.44
N ASN A 560 30.42 -37.18 -3.00
CA ASN A 560 29.73 -36.18 -3.82
C ASN A 560 30.57 -34.93 -4.00
N PHE A 561 31.22 -34.46 -2.92
CA PHE A 561 32.12 -33.33 -3.03
C PHE A 561 33.41 -33.73 -3.74
N GLN A 562 33.96 -32.80 -4.51
CA GLN A 562 35.19 -33.07 -5.25
C GLN A 562 35.86 -31.76 -5.61
N LYS A 563 37.16 -31.84 -5.89
CA LYS A 563 37.95 -30.67 -6.26
C LYS A 563 37.49 -30.13 -7.61
N PRO A 564 37.64 -28.83 -7.84
CA PRO A 564 37.18 -28.24 -9.11
C PRO A 564 37.98 -28.79 -10.29
N ARG A 565 37.35 -28.75 -11.47
CA ARG A 565 37.92 -29.34 -12.68
C ARG A 565 38.62 -28.29 -13.55
N ASN A 566 37.92 -27.21 -13.91
CA ASN A 566 38.47 -26.14 -14.75
C ASN A 566 38.99 -26.70 -16.08
N ILE A 567 38.06 -27.25 -16.86
CA ILE A 567 38.40 -27.99 -18.06
C ILE A 567 38.53 -27.04 -19.25
N LYS A 568 39.62 -27.20 -20.01
CA LYS A 568 39.80 -26.56 -21.31
C LYS A 568 39.63 -25.04 -21.25
N GLY A 569 40.23 -24.41 -20.24
CA GLY A 569 40.18 -22.96 -20.15
C GLY A 569 38.80 -22.40 -19.94
N LYS A 570 37.90 -23.16 -19.33
CA LYS A 570 36.59 -22.67 -19.00
C LYS A 570 36.68 -21.65 -17.87
N PRO A 571 35.63 -20.85 -17.67
CA PRO A 571 35.62 -19.92 -16.53
C PRO A 571 35.91 -20.65 -15.22
N GLU A 572 36.68 -19.99 -14.35
CA GLU A 572 37.21 -20.63 -13.16
C GLU A 572 36.10 -21.24 -12.31
N ALA A 573 36.35 -22.46 -11.84
CA ALA A 573 35.42 -23.16 -10.94
C ALA A 573 36.12 -23.39 -9.61
N HIS A 574 35.33 -23.39 -8.53
CA HIS A 574 35.88 -23.47 -7.19
C HIS A 574 35.73 -24.84 -6.53
N PHE A 575 34.61 -25.55 -6.78
CA PHE A 575 34.49 -26.90 -6.26
C PHE A 575 33.54 -27.70 -7.13
N SER A 576 33.84 -28.99 -7.32
CA SER A 576 33.04 -29.86 -8.16
C SER A 576 32.08 -30.66 -7.30
N LEU A 577 30.78 -30.49 -7.57
CA LEU A 577 29.73 -31.25 -6.92
C LEU A 577 29.20 -32.31 -7.88
N ILE A 578 29.17 -33.56 -7.41
CA ILE A 578 28.73 -34.69 -8.24
C ILE A 578 27.23 -34.84 -8.00
N HIS A 579 26.45 -34.09 -8.78
CA HIS A 579 25.00 -34.21 -8.73
C HIS A 579 24.55 -35.49 -9.43
N TYR A 580 23.24 -35.70 -9.50
CA TYR A 580 22.74 -36.89 -10.19
C TYR A 580 22.88 -36.75 -11.70
N ALA A 581 22.58 -35.56 -12.23
CA ALA A 581 22.72 -35.30 -13.66
C ALA A 581 24.14 -34.78 -13.93
N GLY A 582 25.08 -35.71 -13.96
CA GLY A 582 26.45 -35.34 -14.24
C GLY A 582 27.11 -34.61 -13.08
N ILE A 583 28.16 -33.86 -13.42
CA ILE A 583 28.99 -33.15 -12.45
C ILE A 583 28.92 -31.67 -12.75
N VAL A 584 28.64 -30.87 -11.71
CA VAL A 584 28.65 -29.41 -11.85
C VAL A 584 29.87 -28.91 -11.08
N ASP A 585 30.29 -27.68 -11.40
CA ASP A 585 31.41 -27.05 -10.72
C ASP A 585 31.10 -25.59 -10.43
N TYR A 586 31.08 -25.24 -9.15
CA TYR A 586 30.60 -23.95 -8.67
C TYR A 586 31.75 -23.06 -8.22
N ASN A 587 31.41 -21.78 -8.00
CA ASN A 587 32.32 -20.76 -7.51
C ASN A 587 31.72 -20.11 -6.28
N ILE A 588 32.52 -19.98 -5.21
CA ILE A 588 32.03 -19.37 -3.98
C ILE A 588 32.02 -17.84 -4.06
N ILE A 589 32.85 -17.23 -4.91
CA ILE A 589 32.94 -15.78 -4.97
C ILE A 589 31.56 -15.19 -5.23
N GLY A 590 31.06 -14.40 -4.28
CA GLY A 590 29.77 -13.77 -4.39
C GLY A 590 28.64 -14.46 -3.64
N TRP A 591 28.92 -15.57 -2.95
CA TRP A 591 27.86 -16.29 -2.24
C TRP A 591 27.45 -15.62 -0.94
N LEU A 592 28.41 -15.06 -0.21
CA LEU A 592 28.12 -14.54 1.13
C LEU A 592 27.15 -13.37 1.06
N GLN A 593 27.43 -12.38 0.21
CA GLN A 593 26.54 -11.24 0.09
C GLN A 593 25.20 -11.63 -0.53
N LYS A 594 25.21 -12.61 -1.45
CA LYS A 594 23.96 -13.10 -2.00
C LYS A 594 23.07 -13.72 -0.93
N ASN A 595 23.68 -14.46 0.00
CA ASN A 595 22.91 -15.09 1.06
C ASN A 595 22.44 -14.05 2.09
N LYS A 596 23.30 -13.08 2.42
CA LYS A 596 22.94 -12.08 3.41
C LYS A 596 21.85 -11.15 2.89
N ASP A 597 22.03 -10.62 1.68
CA ASP A 597 21.14 -9.66 1.06
C ASP A 597 20.89 -8.45 1.95
N PRO A 598 21.91 -7.64 2.23
CA PRO A 598 21.69 -6.42 3.01
C PRO A 598 20.97 -5.37 2.15
N LEU A 599 20.39 -4.39 2.83
CA LEU A 599 19.60 -3.38 2.15
C LEU A 599 19.78 -2.04 2.86
N ASN A 600 19.57 -0.95 2.11
CA ASN A 600 19.79 0.39 2.63
C ASN A 600 18.53 0.85 3.36
N GLU A 601 18.63 0.92 4.69
CA GLU A 601 17.46 1.20 5.52
C GLU A 601 16.89 2.59 5.26
N THR A 602 17.76 3.59 5.07
CA THR A 602 17.28 4.94 4.80
C THR A 602 16.52 4.99 3.48
N VAL A 603 17.02 4.29 2.46
CA VAL A 603 16.31 4.22 1.19
C VAL A 603 14.97 3.50 1.38
N VAL A 604 14.94 2.50 2.26
CA VAL A 604 13.69 1.82 2.57
C VAL A 604 12.69 2.81 3.17
N GLY A 605 13.14 3.59 4.16
CA GLY A 605 12.27 4.59 4.76
C GLY A 605 11.78 5.62 3.77
N LEU A 606 12.63 5.97 2.80
CA LEU A 606 12.17 6.78 1.67
C LEU A 606 11.09 6.07 0.89
N TYR A 607 11.23 4.75 0.71
CA TYR A 607 10.24 3.99 -0.04
C TYR A 607 8.89 4.00 0.65
N GLN A 608 8.87 3.83 1.98
CA GLN A 608 7.59 3.83 2.69
C GLN A 608 6.86 5.16 2.58
N LYS A 609 7.56 6.25 2.25
CA LYS A 609 6.91 7.55 2.13
C LYS A 609 6.97 8.02 0.69
N SER A 610 6.68 7.12 -0.25
CA SER A 610 6.68 7.43 -1.66
C SER A 610 5.28 7.82 -2.12
N SER A 611 5.22 8.48 -3.27
CA SER A 611 3.93 8.90 -3.83
C SER A 611 3.08 7.71 -4.24
N LEU A 612 3.70 6.69 -4.83
CA LEU A 612 2.96 5.53 -5.32
C LEU A 612 2.60 4.60 -4.17
N LYS A 613 1.31 4.28 -4.07
CA LYS A 613 0.87 3.27 -3.10
C LYS A 613 1.50 1.92 -3.39
N LEU A 614 1.82 1.65 -4.66
CA LEU A 614 2.43 0.38 -5.03
C LEU A 614 3.78 0.20 -4.33
N LEU A 615 4.67 1.19 -4.46
CA LEU A 615 5.97 1.07 -3.84
C LEU A 615 5.85 0.93 -2.33
N SER A 616 4.90 1.65 -1.73
CA SER A 616 4.67 1.53 -0.30
C SER A 616 4.25 0.11 0.07
N THR A 617 3.34 -0.49 -0.70
CA THR A 617 2.84 -1.81 -0.32
C THR A 617 3.86 -2.90 -0.61
N LEU A 618 4.78 -2.69 -1.56
CA LEU A 618 5.92 -3.59 -1.66
C LEU A 618 6.80 -3.54 -0.41
N PHE A 619 7.05 -2.34 0.11
CA PHE A 619 7.90 -2.15 1.28
C PHE A 619 7.09 -1.74 2.51
N ALA A 620 5.91 -2.34 2.68
CA ALA A 620 5.11 -2.05 3.87
C ALA A 620 5.79 -2.49 5.15
N ASN A 621 6.75 -3.41 5.07
CA ASN A 621 7.53 -3.84 6.22
C ASN A 621 8.86 -4.39 5.73
N TYR A 622 9.86 -4.33 6.60
CA TYR A 622 11.17 -4.87 6.29
C TYR A 622 11.97 -5.11 7.57
N GLN A 643 16.24 -14.13 8.88
CA GLN A 643 15.70 -15.00 7.84
C GLN A 643 16.54 -14.95 6.58
N THR A 644 17.68 -15.62 6.60
CA THR A 644 18.53 -15.69 5.42
C THR A 644 17.80 -16.43 4.30
N VAL A 645 18.14 -16.06 3.05
CA VAL A 645 17.40 -16.58 1.90
C VAL A 645 17.59 -18.09 1.77
N SER A 646 18.79 -18.59 2.11
CA SER A 646 19.05 -20.02 1.98
C SER A 646 18.15 -20.83 2.90
N ALA A 647 18.02 -20.40 4.15
CA ALA A 647 17.16 -21.12 5.10
C ALA A 647 15.70 -21.06 4.67
N LEU A 648 15.25 -19.90 4.19
CA LEU A 648 13.87 -19.77 3.74
C LEU A 648 13.60 -20.68 2.55
N HIS A 649 14.55 -20.76 1.61
CA HIS A 649 14.39 -21.66 0.47
C HIS A 649 14.36 -23.11 0.91
N ARG A 650 15.23 -23.50 1.84
CA ARG A 650 15.22 -24.87 2.34
C ARG A 650 13.90 -25.19 3.03
N GLU A 651 13.39 -24.26 3.83
CA GLU A 651 12.11 -24.47 4.49
C GLU A 651 10.98 -24.60 3.48
N ASN A 652 10.97 -23.76 2.44
CA ASN A 652 9.94 -23.86 1.42
C ASN A 652 10.03 -25.19 0.67
N LEU A 653 11.25 -25.64 0.38
CA LEU A 653 11.42 -26.92 -0.30
C LEU A 653 10.91 -28.07 0.55
N ASN A 654 11.23 -28.06 1.84
CA ASN A 654 10.73 -29.12 2.72
C ASN A 654 9.22 -29.04 2.86
N LYS A 655 8.66 -27.83 2.86
CA LYS A 655 7.21 -27.68 2.86
C LYS A 655 6.59 -28.30 1.61
N LEU A 656 7.21 -28.07 0.45
CA LEU A 656 6.73 -28.68 -0.78
C LEU A 656 6.77 -30.20 -0.71
N MET A 657 7.87 -30.76 -0.19
CA MET A 657 7.94 -32.21 -0.08
C MET A 657 6.88 -32.76 0.88
N THR A 658 6.61 -32.04 1.96
CA THR A 658 5.56 -32.47 2.87
C THR A 658 4.18 -32.42 2.21
N ASN A 659 3.94 -31.39 1.39
CA ASN A 659 2.70 -31.36 0.62
C ASN A 659 2.62 -32.54 -0.34
N LEU A 660 3.73 -32.86 -1.01
CA LEU A 660 3.72 -33.91 -2.02
C LEU A 660 3.52 -35.29 -1.38
N ARG A 661 4.12 -35.51 -0.21
CA ARG A 661 3.95 -36.80 0.46
C ARG A 661 2.52 -37.06 0.90
N SER A 662 1.68 -36.01 0.96
CA SER A 662 0.28 -36.15 1.32
C SER A 662 -0.64 -36.16 0.11
N THR A 663 -0.10 -36.35 -1.09
CA THR A 663 -0.88 -36.34 -2.32
C THR A 663 -0.44 -37.48 -3.21
N HIS A 664 -1.31 -37.84 -4.15
CA HIS A 664 -1.01 -38.92 -5.10
C HIS A 664 -0.23 -38.36 -6.29
N PRO A 665 0.99 -38.81 -6.53
CA PRO A 665 1.81 -38.22 -7.60
C PRO A 665 1.57 -38.87 -8.96
N HIS A 666 1.52 -38.02 -9.99
CA HIS A 666 1.52 -38.43 -11.39
C HIS A 666 2.76 -37.84 -12.04
N PHE A 667 3.72 -38.68 -12.37
CA PHE A 667 5.00 -38.22 -12.88
C PHE A 667 4.97 -38.12 -14.40
N VAL A 668 5.35 -36.94 -14.91
CA VAL A 668 5.48 -36.71 -16.34
C VAL A 668 6.92 -36.25 -16.56
N ARG A 669 7.79 -37.20 -16.89
CA ARG A 669 9.21 -36.91 -17.03
C ARG A 669 9.50 -36.45 -18.46
N CYS A 670 10.27 -35.38 -18.58
CA CYS A 670 10.58 -34.76 -19.87
C CYS A 670 12.04 -35.01 -20.22
N ILE A 671 12.29 -35.20 -21.51
CA ILE A 671 13.60 -35.59 -22.03
C ILE A 671 13.95 -34.65 -23.17
N ILE A 672 15.16 -34.09 -23.13
CA ILE A 672 15.62 -33.21 -24.21
C ILE A 672 16.23 -34.08 -25.31
N PRO A 673 15.68 -34.03 -26.53
CA PRO A 673 16.23 -34.87 -27.61
C PRO A 673 17.66 -34.50 -27.97
N ASN A 674 17.89 -33.23 -28.29
CA ASN A 674 19.21 -32.75 -28.70
C ASN A 674 19.48 -31.41 -28.04
N GLU A 675 20.77 -31.14 -27.79
CA GLU A 675 21.17 -29.91 -27.13
C GLU A 675 21.21 -28.70 -28.05
N THR A 676 21.14 -28.90 -29.37
CA THR A 676 21.21 -27.81 -30.32
C THR A 676 19.83 -27.31 -30.76
N LYS A 677 18.77 -27.75 -30.08
CA LYS A 677 17.41 -27.28 -30.35
C LYS A 677 16.97 -27.54 -31.78
N SER A 678 17.50 -28.59 -32.40
CA SER A 678 17.10 -28.99 -33.75
C SER A 678 15.94 -29.97 -33.66
N PRO A 679 14.80 -29.68 -34.27
CA PRO A 679 13.65 -30.61 -34.17
C PRO A 679 13.98 -31.97 -34.76
N GLY A 680 13.44 -33.01 -34.14
CA GLY A 680 13.59 -34.36 -34.66
C GLY A 680 14.85 -35.13 -34.30
N VAL A 681 16.02 -34.53 -34.52
CA VAL A 681 17.27 -35.25 -34.36
C VAL A 681 17.49 -35.62 -32.90
N MET A 682 17.85 -36.89 -32.67
CA MET A 682 18.21 -37.38 -31.35
C MET A 682 19.65 -37.88 -31.38
N ASP A 683 20.43 -37.49 -30.38
CA ASP A 683 21.73 -38.09 -30.14
C ASP A 683 21.59 -39.12 -29.04
N ASN A 684 21.94 -40.37 -29.36
CA ASN A 684 21.71 -41.47 -28.42
C ASN A 684 22.39 -41.27 -27.07
N PRO A 685 23.65 -40.86 -26.97
CA PRO A 685 24.26 -40.72 -25.63
C PRO A 685 23.50 -39.78 -24.71
N LEU A 686 23.03 -38.64 -25.21
CA LEU A 686 22.37 -37.66 -24.36
C LEU A 686 21.06 -38.20 -23.81
N VAL A 687 20.20 -38.74 -24.69
CA VAL A 687 18.92 -39.25 -24.25
C VAL A 687 19.10 -40.46 -23.35
N MET A 688 20.05 -41.33 -23.69
CA MET A 688 20.29 -42.52 -22.86
C MET A 688 20.76 -42.10 -21.47
N HIS A 689 21.64 -41.10 -21.40
CA HIS A 689 22.11 -40.63 -20.11
C HIS A 689 21.00 -40.01 -19.28
N GLN A 690 20.11 -39.23 -19.91
CA GLN A 690 19.06 -38.61 -19.11
C GLN A 690 18.00 -39.61 -18.68
N LEU A 691 17.75 -40.65 -19.47
CA LEU A 691 16.89 -41.74 -18.98
C LEU A 691 17.56 -42.52 -17.86
N ARG A 692 18.89 -42.69 -17.91
CA ARG A 692 19.58 -43.34 -16.80
C ARG A 692 19.45 -42.51 -15.53
N CYS A 693 19.66 -41.20 -15.63
CA CYS A 693 19.65 -40.35 -14.44
C CYS A 693 18.24 -40.19 -13.88
N ASN A 694 17.25 -39.99 -14.76
CA ASN A 694 15.88 -39.83 -14.30
C ASN A 694 15.31 -41.11 -13.72
N GLY A 695 15.96 -42.25 -13.94
CA GLY A 695 15.46 -43.50 -13.42
C GLY A 695 14.21 -44.02 -14.11
N VAL A 696 14.04 -43.73 -15.39
CA VAL A 696 12.88 -44.22 -16.12
C VAL A 696 12.95 -45.73 -16.26
N LEU A 697 14.14 -46.27 -16.55
CA LEU A 697 14.27 -47.72 -16.77
C LEU A 697 13.94 -48.51 -15.51
N GLU A 698 14.56 -48.16 -14.38
CA GLU A 698 14.34 -48.89 -13.14
C GLU A 698 12.97 -48.63 -12.54
N GLY A 699 12.24 -47.62 -13.01
CA GLY A 699 10.88 -47.43 -12.59
C GLY A 699 9.88 -48.33 -13.26
N ILE A 700 10.34 -49.20 -14.17
CA ILE A 700 9.46 -50.12 -14.87
C ILE A 700 9.67 -51.55 -14.40
N ARG A 701 10.85 -51.90 -13.90
CA ARG A 701 11.04 -53.21 -13.29
C ARG A 701 10.02 -53.44 -12.19
N ILE A 702 9.85 -52.46 -11.30
CA ILE A 702 8.84 -52.57 -10.26
C ILE A 702 7.43 -52.50 -10.84
N CYS A 703 7.27 -51.93 -12.04
CA CYS A 703 5.97 -51.92 -12.69
C CYS A 703 5.63 -53.27 -13.33
N ARG A 704 6.63 -54.11 -13.55
CA ARG A 704 6.43 -55.47 -14.05
C ARG A 704 6.73 -56.52 -13.00
N LYS A 705 7.90 -56.47 -12.37
CA LYS A 705 8.28 -57.43 -11.35
C LYS A 705 7.51 -57.24 -10.04
N GLY A 706 6.76 -56.15 -9.90
CA GLY A 706 6.06 -55.87 -8.66
C GLY A 706 4.55 -55.87 -8.80
N PHE A 707 3.87 -55.12 -7.92
CA PHE A 707 2.41 -55.09 -7.86
C PHE A 707 1.96 -53.64 -7.96
N PRO A 708 1.90 -53.09 -9.18
CA PRO A 708 1.56 -51.66 -9.32
C PRO A 708 0.20 -51.29 -8.78
N ASN A 709 -0.79 -52.16 -8.87
CA ASN A 709 -2.16 -51.82 -8.48
C ASN A 709 -2.51 -52.44 -7.13
N ARG A 710 -3.39 -51.75 -6.41
CA ARG A 710 -3.79 -52.18 -5.07
C ARG A 710 -5.04 -51.41 -4.67
N ILE A 711 -5.92 -52.09 -3.95
CA ILE A 711 -7.18 -51.50 -3.49
C ILE A 711 -7.64 -52.25 -2.26
N LEU A 712 -8.46 -51.60 -1.43
CA LEU A 712 -8.94 -52.19 -0.19
C LEU A 712 -10.01 -53.24 -0.48
N TYR A 713 -10.18 -54.16 0.49
CA TYR A 713 -11.21 -55.18 0.36
C TYR A 713 -12.60 -54.59 0.31
N GLY A 714 -12.89 -53.64 1.20
CA GLY A 714 -14.24 -53.12 1.30
C GLY A 714 -14.67 -52.38 0.04
N ASP A 715 -13.80 -51.49 -0.46
CA ASP A 715 -14.11 -50.77 -1.69
C ASP A 715 -14.23 -51.72 -2.88
N PHE A 716 -13.32 -52.70 -2.95
CA PHE A 716 -13.34 -53.66 -4.05
C PHE A 716 -14.66 -54.44 -4.07
N ARG A 717 -15.09 -54.93 -2.91
CA ARG A 717 -16.36 -55.65 -2.84
C ARG A 717 -17.54 -54.72 -3.14
N GLN A 718 -17.46 -53.47 -2.67
CA GLN A 718 -18.58 -52.56 -2.83
C GLN A 718 -18.79 -52.18 -4.30
N ARG A 719 -17.70 -51.93 -5.02
CA ARG A 719 -17.81 -51.46 -6.40
C ARG A 719 -17.47 -52.55 -7.43
N TYR A 720 -17.36 -53.80 -7.02
CA TYR A 720 -17.15 -54.91 -7.96
C TYR A 720 -18.23 -55.97 -7.84
N ARG A 721 -19.39 -55.63 -7.27
CA ARG A 721 -20.45 -56.62 -7.07
C ARG A 721 -20.98 -57.15 -8.39
N ILE A 722 -21.14 -56.28 -9.39
CA ILE A 722 -21.76 -56.68 -10.66
C ILE A 722 -20.93 -57.73 -11.40
N LEU A 723 -19.63 -57.82 -11.11
CA LEU A 723 -18.79 -58.80 -11.79
C LEU A 723 -19.28 -60.23 -11.54
N ASN A 724 -19.65 -60.54 -10.30
CA ASN A 724 -20.16 -61.86 -9.95
C ASN A 724 -21.07 -61.74 -8.73
N PRO A 725 -22.30 -61.26 -8.93
CA PRO A 725 -23.24 -61.15 -7.80
C PRO A 725 -23.61 -62.50 -7.20
N ALA A 726 -23.45 -63.59 -7.95
CA ALA A 726 -23.79 -64.91 -7.41
C ALA A 726 -22.90 -65.27 -6.23
N ALA A 727 -21.59 -64.98 -6.34
CA ALA A 727 -20.66 -65.32 -5.28
C ALA A 727 -20.91 -64.50 -4.01
N ILE A 728 -21.57 -63.36 -4.12
CA ILE A 728 -21.84 -62.51 -2.97
C ILE A 728 -23.34 -62.23 -2.89
N PRO A 729 -24.11 -63.06 -2.19
CA PRO A 729 -25.54 -62.77 -2.04
C PRO A 729 -25.76 -61.51 -1.20
N GLU A 730 -26.91 -60.89 -1.41
CA GLU A 730 -27.26 -59.68 -0.66
C GLU A 730 -27.34 -60.00 0.83
N GLY A 731 -26.70 -59.15 1.63
CA GLY A 731 -26.65 -59.37 3.06
C GLY A 731 -25.63 -60.37 3.54
N GLN A 732 -24.81 -60.92 2.62
CA GLN A 732 -23.80 -61.91 2.96
C GLN A 732 -22.41 -61.28 3.03
N PHE A 733 -22.36 -60.01 3.44
CA PHE A 733 -21.09 -59.31 3.59
C PHE A 733 -20.44 -59.63 4.93
N ILE A 734 -20.27 -60.92 5.22
CA ILE A 734 -19.76 -61.35 6.52
C ILE A 734 -18.28 -60.99 6.65
N ASP A 735 -17.49 -61.31 5.63
CA ASP A 735 -16.04 -61.10 5.67
C ASP A 735 -15.61 -60.36 4.41
N SER A 736 -14.79 -59.32 4.59
CA SER A 736 -14.27 -58.59 3.45
C SER A 736 -13.28 -59.43 2.65
N ARG A 737 -12.32 -60.05 3.35
CA ARG A 737 -11.29 -60.83 2.65
C ARG A 737 -11.88 -62.06 1.98
N LYS A 738 -12.76 -62.78 2.67
CA LYS A 738 -13.40 -63.94 2.07
C LYS A 738 -14.29 -63.54 0.89
N GLY A 739 -15.01 -62.43 1.03
CA GLY A 739 -15.81 -61.95 -0.08
C GLY A 739 -14.98 -61.61 -1.30
N ALA A 740 -13.87 -60.90 -1.10
CA ALA A 740 -12.97 -60.59 -2.21
C ALA A 740 -12.40 -61.86 -2.83
N GLU A 741 -12.01 -62.82 -1.99
CA GLU A 741 -11.45 -64.07 -2.50
C GLU A 741 -12.46 -64.82 -3.36
N LYS A 742 -13.70 -64.93 -2.89
CA LYS A 742 -14.69 -65.68 -3.67
C LYS A 742 -15.13 -64.91 -4.91
N LEU A 743 -15.16 -63.58 -4.84
CA LEU A 743 -15.45 -62.80 -6.04
C LEU A 743 -14.36 -63.00 -7.09
N LEU A 744 -13.09 -62.98 -6.66
CA LEU A 744 -11.98 -63.16 -7.59
C LEU A 744 -11.97 -64.56 -8.18
N SER A 745 -12.13 -65.59 -7.34
CA SER A 745 -12.10 -66.96 -7.82
C SER A 745 -13.31 -67.29 -8.69
N SER A 746 -14.45 -66.65 -8.43
CA SER A 746 -15.67 -66.93 -9.18
C SER A 746 -15.62 -66.41 -10.61
N LEU A 747 -14.61 -65.62 -10.96
CA LEU A 747 -14.47 -65.08 -12.30
C LEU A 747 -13.47 -65.90 -13.11
N ASP A 748 -13.46 -65.66 -14.41
CA ASP A 748 -12.65 -66.43 -15.35
C ASP A 748 -11.24 -65.88 -15.51
N ILE A 749 -10.88 -64.80 -14.79
CA ILE A 749 -9.55 -64.24 -14.92
C ILE A 749 -8.51 -65.19 -14.33
N ASP A 750 -7.25 -64.96 -14.70
CA ASP A 750 -6.16 -65.72 -14.12
C ASP A 750 -6.08 -65.46 -12.63
N HIS A 751 -5.92 -66.53 -11.85
CA HIS A 751 -5.93 -66.44 -10.39
C HIS A 751 -4.54 -66.49 -9.78
N ASN A 752 -3.49 -66.69 -10.58
CA ASN A 752 -2.13 -66.65 -10.11
C ASN A 752 -1.51 -65.25 -10.21
N GLN A 753 -2.30 -64.26 -10.61
CA GLN A 753 -1.79 -62.92 -10.83
C GLN A 753 -1.86 -62.02 -9.61
N TYR A 754 -2.90 -62.16 -8.79
CA TYR A 754 -3.10 -61.29 -7.64
C TYR A 754 -2.63 -61.96 -6.35
N LYS A 755 -2.42 -61.15 -5.33
CA LYS A 755 -2.10 -61.63 -3.99
C LYS A 755 -3.00 -60.92 -2.98
N PHE A 756 -3.13 -61.52 -1.81
CA PHE A 756 -4.02 -61.03 -0.77
C PHE A 756 -3.22 -60.60 0.44
N GLY A 757 -3.64 -59.51 1.09
CA GLY A 757 -2.99 -59.03 2.28
C GLY A 757 -3.96 -58.18 3.08
N HIS A 758 -3.49 -57.70 4.23
CA HIS A 758 -4.36 -57.13 5.23
C HIS A 758 -5.07 -55.89 4.70
N THR A 759 -6.34 -56.07 4.32
CA THR A 759 -7.18 -55.01 3.76
C THR A 759 -6.65 -54.47 2.43
N LYS A 760 -5.80 -55.23 1.74
CA LYS A 760 -5.36 -54.82 0.40
C LYS A 760 -5.12 -56.04 -0.48
N VAL A 761 -5.68 -56.01 -1.67
CA VAL A 761 -5.35 -56.96 -2.72
C VAL A 761 -4.32 -56.32 -3.64
N PHE A 762 -3.32 -57.11 -4.04
CA PHE A 762 -2.22 -56.63 -4.86
C PHE A 762 -2.34 -57.25 -6.24
N PHE A 763 -2.71 -56.43 -7.22
CA PHE A 763 -2.87 -56.87 -8.60
C PHE A 763 -1.51 -56.90 -9.29
N LYS A 764 -1.52 -57.11 -10.60
CA LYS A 764 -0.31 -57.05 -11.41
C LYS A 764 -0.70 -56.80 -12.86
N ALA A 765 0.11 -56.02 -13.56
CA ALA A 765 -0.08 -55.71 -14.98
C ALA A 765 -1.45 -55.03 -15.12
N GLY A 766 -2.17 -55.27 -16.21
CA GLY A 766 -3.45 -54.62 -16.46
C GLY A 766 -4.64 -55.38 -15.95
N LEU A 767 -4.42 -56.28 -14.99
CA LEU A 767 -5.52 -57.05 -14.40
C LEU A 767 -6.57 -56.13 -13.80
N LEU A 768 -6.14 -55.07 -13.13
CA LEU A 768 -7.09 -54.07 -12.63
C LEU A 768 -7.88 -53.46 -13.77
N GLY A 769 -7.20 -53.16 -14.88
CA GLY A 769 -7.91 -52.67 -16.06
C GLY A 769 -8.89 -53.69 -16.60
N LEU A 770 -8.53 -54.98 -16.55
CA LEU A 770 -9.45 -56.02 -17.01
C LEU A 770 -10.72 -56.04 -16.16
N LEU A 771 -10.56 -56.08 -14.83
CA LEU A 771 -11.73 -56.06 -13.97
C LEU A 771 -12.56 -54.81 -14.20
N GLU A 772 -11.89 -53.66 -14.33
CA GLU A 772 -12.58 -52.41 -14.59
C GLU A 772 -13.35 -52.46 -15.90
N GLU A 773 -12.82 -53.14 -16.93
CA GLU A 773 -13.53 -53.15 -18.20
C GLU A 773 -14.68 -54.15 -18.22
N MET A 774 -14.60 -55.28 -17.52
CA MET A 774 -15.82 -56.08 -17.37
C MET A 774 -16.89 -55.32 -16.59
N ARG A 775 -16.50 -54.64 -15.50
CA ARG A 775 -17.45 -53.78 -14.81
C ARG A 775 -17.99 -52.72 -15.75
N ASP A 776 -17.12 -52.18 -16.61
CA ASP A 776 -17.52 -51.13 -17.54
C ASP A 776 -18.55 -51.64 -18.52
N GLU A 777 -18.38 -52.85 -19.05
CA GLU A 777 -19.35 -53.34 -20.03
C GLU A 777 -20.68 -53.70 -19.39
N ARG A 778 -20.65 -54.32 -18.20
CA ARG A 778 -21.92 -54.62 -17.52
C ARG A 778 -22.66 -53.35 -17.15
N LEU A 779 -22.00 -52.47 -16.39
CA LEU A 779 -22.60 -51.19 -16.05
C LEU A 779 -22.86 -50.36 -17.30
N SER A 780 -22.22 -50.69 -18.42
CA SER A 780 -22.46 -49.96 -19.67
C SER A 780 -23.79 -50.35 -20.27
N ARG A 781 -24.12 -51.64 -20.28
CA ARG A 781 -25.48 -52.02 -20.66
C ARG A 781 -26.49 -51.35 -19.74
N ILE A 782 -26.25 -51.43 -18.44
CA ILE A 782 -27.19 -50.86 -17.47
C ILE A 782 -27.35 -49.36 -17.70
N ILE A 783 -26.23 -48.65 -17.90
CA ILE A 783 -26.28 -47.20 -18.02
C ILE A 783 -26.75 -46.77 -19.40
N THR A 784 -26.60 -47.59 -20.43
CA THR A 784 -27.29 -47.29 -21.69
C THR A 784 -28.79 -47.31 -21.49
N ARG A 785 -29.29 -48.30 -20.76
CA ARG A 785 -30.72 -48.29 -20.42
C ARG A 785 -31.10 -47.03 -19.64
N ILE A 786 -30.29 -46.71 -18.62
CA ILE A 786 -30.57 -45.55 -17.78
C ILE A 786 -30.52 -44.26 -18.58
N GLN A 787 -29.52 -44.13 -19.46
CA GLN A 787 -29.36 -42.93 -20.26
C GLN A 787 -30.48 -42.78 -21.28
N ALA A 788 -30.94 -43.91 -21.85
CA ALA A 788 -32.12 -43.85 -22.69
C ALA A 788 -33.31 -43.29 -21.92
N GLN A 789 -33.52 -43.79 -20.70
CA GLN A 789 -34.60 -43.27 -19.87
C GLN A 789 -34.42 -41.77 -19.61
N SER A 790 -33.20 -41.37 -19.23
CA SER A 790 -32.95 -39.99 -18.83
C SER A 790 -33.12 -39.03 -19.99
N ARG A 791 -32.60 -39.38 -21.17
CA ARG A 791 -32.73 -38.48 -22.31
C ARG A 791 -34.13 -38.51 -22.89
N GLY A 792 -34.88 -39.61 -22.72
CA GLY A 792 -36.29 -39.58 -23.04
C GLY A 792 -37.05 -38.61 -22.14
N VAL A 793 -36.74 -38.60 -20.85
CA VAL A 793 -37.36 -37.65 -19.94
C VAL A 793 -36.97 -36.23 -20.30
N LEU A 794 -35.71 -36.02 -20.68
CA LEU A 794 -35.26 -34.71 -21.14
C LEU A 794 -36.03 -34.28 -22.38
N ALA A 795 -36.23 -35.20 -23.32
CA ALA A 795 -37.01 -34.88 -24.50
C ALA A 795 -38.44 -34.53 -24.14
N ARG A 796 -39.02 -35.24 -23.17
CA ARG A 796 -40.39 -34.94 -22.74
C ARG A 796 -40.49 -33.56 -22.11
N MET A 797 -39.53 -33.19 -21.26
CA MET A 797 -39.60 -31.87 -20.63
C MET A 797 -39.34 -30.76 -21.63
N GLU A 798 -38.43 -30.98 -22.59
CA GLU A 798 -38.26 -30.00 -23.67
C GLU A 798 -39.49 -29.93 -24.55
N TYR A 799 -40.19 -31.07 -24.71
CA TYR A 799 -41.47 -31.07 -25.42
C TYR A 799 -42.48 -30.18 -24.73
N LYS A 800 -42.60 -30.32 -23.41
CA LYS A 800 -43.54 -29.46 -22.68
C LYS A 800 -43.10 -28.00 -22.74
N LYS A 801 -41.79 -27.75 -22.74
CA LYS A 801 -41.29 -26.37 -22.87
C LYS A 801 -41.67 -25.78 -24.21
N LEU A 802 -41.49 -26.53 -25.29
CA LEU A 802 -41.86 -26.03 -26.61
C LEU A 802 -43.37 -25.87 -26.73
N LEU A 803 -44.13 -26.78 -26.11
CA LEU A 803 -45.59 -26.65 -26.12
C LEU A 803 -46.03 -25.37 -25.43
N GLU A 804 -45.46 -25.08 -24.26
CA GLU A 804 -45.87 -23.86 -23.56
C GLU A 804 -45.36 -22.62 -24.27
N ARG A 805 -44.20 -22.70 -24.94
CA ARG A 805 -43.75 -21.56 -25.75
C ARG A 805 -44.70 -21.29 -26.90
N ARG A 806 -45.13 -22.34 -27.61
CA ARG A 806 -46.08 -22.17 -28.69
C ARG A 806 -47.42 -21.67 -28.18
N ASP A 807 -47.85 -22.15 -27.01
CA ASP A 807 -49.08 -21.65 -26.41
C ASP A 807 -48.97 -20.18 -26.03
N SER A 808 -47.81 -19.76 -25.53
CA SER A 808 -47.60 -18.35 -25.22
C SER A 808 -47.65 -17.50 -26.48
N LEU A 809 -47.02 -17.96 -27.56
CA LEU A 809 -47.11 -17.24 -28.82
C LEU A 809 -48.55 -17.22 -29.35
N LEU A 810 -49.29 -18.31 -29.13
CA LEU A 810 -50.69 -18.36 -29.50
C LEU A 810 -51.50 -17.34 -28.73
N VAL A 811 -51.22 -17.19 -27.43
CA VAL A 811 -51.91 -16.19 -26.62
C VAL A 811 -51.57 -14.79 -27.10
N ILE A 812 -50.30 -14.55 -27.45
CA ILE A 812 -49.89 -13.23 -27.95
C ILE A 812 -50.64 -12.90 -29.23
N GLN A 813 -50.66 -13.84 -30.18
CA GLN A 813 -51.38 -13.59 -31.42
C GLN A 813 -52.87 -13.49 -31.19
N TRP A 814 -53.40 -14.17 -30.18
CA TRP A 814 -54.82 -14.06 -29.84
C TRP A 814 -55.16 -12.67 -29.32
N ASN A 815 -54.28 -12.10 -28.50
CA ASN A 815 -54.46 -10.71 -28.07
C ASN A 815 -54.34 -9.76 -29.24
N ILE A 816 -53.43 -10.06 -30.18
CA ILE A 816 -53.31 -9.23 -31.38
C ILE A 816 -54.58 -9.32 -32.22
N ARG A 817 -55.18 -10.51 -32.28
CA ARG A 817 -56.44 -10.68 -33.00
C ARG A 817 -57.57 -9.89 -32.33
N ALA A 818 -57.59 -9.89 -31.00
CA ALA A 818 -58.55 -9.05 -30.28
C ALA A 818 -58.34 -7.58 -30.60
N PHE A 819 -57.07 -7.15 -30.64
CA PHE A 819 -56.76 -5.76 -30.99
C PHE A 819 -57.26 -5.44 -32.40
N MET A 820 -57.02 -6.32 -33.36
CA MET A 820 -57.56 -6.11 -34.70
C MET A 820 -59.08 -6.04 -34.68
N GLY A 821 -59.71 -6.87 -33.84
CA GLY A 821 -61.15 -6.80 -33.69
C GLY A 821 -61.63 -5.46 -33.22
N VAL A 822 -60.91 -4.85 -32.28
CA VAL A 822 -61.29 -3.53 -31.79
C VAL A 822 -60.63 -2.41 -32.59
N LYS A 823 -59.32 -2.51 -32.81
CA LYS A 823 -58.51 -1.48 -33.49
C LYS A 823 -58.58 -0.20 -32.65
N ASN A 824 -58.99 0.94 -33.20
CA ASN A 824 -58.91 2.21 -32.49
C ASN A 824 -60.18 3.03 -32.70
N TRP A 825 -61.34 2.38 -32.64
CA TRP A 825 -62.60 3.10 -32.65
C TRP A 825 -62.77 3.84 -31.32
N PRO A 826 -63.05 5.15 -31.33
CA PRO A 826 -63.10 5.91 -30.08
C PRO A 826 -64.07 5.38 -29.03
N TRP A 827 -64.94 4.42 -29.35
CA TRP A 827 -65.80 3.84 -28.32
C TRP A 827 -64.97 3.14 -27.25
N MET A 828 -64.03 2.29 -27.67
CA MET A 828 -63.12 1.71 -26.69
C MET A 828 -62.19 2.74 -26.09
N LYS A 829 -61.95 3.87 -26.76
CA LYS A 829 -61.23 4.97 -26.13
C LYS A 829 -62.00 5.51 -24.93
N LEU A 830 -63.32 5.68 -25.09
CA LEU A 830 -64.15 6.08 -23.96
C LEU A 830 -64.15 4.99 -22.88
N TYR A 831 -64.18 3.73 -23.30
CA TYR A 831 -64.10 2.62 -22.35
C TYR A 831 -62.81 2.68 -21.54
N PHE A 832 -61.68 2.91 -22.20
CA PHE A 832 -60.39 2.94 -21.52
C PHE A 832 -60.25 4.17 -20.66
N LYS A 833 -60.88 5.28 -21.04
CA LYS A 833 -60.95 6.44 -20.16
C LYS A 833 -61.83 6.17 -18.94
N ILE A 834 -62.88 5.36 -19.12
CA ILE A 834 -63.73 4.96 -18.00
C ILE A 834 -62.97 4.08 -17.02
N LYS A 835 -62.06 3.24 -17.53
CA LYS A 835 -61.35 2.28 -16.68
C LYS A 835 -60.72 2.89 -15.43
N PRO A 836 -60.01 4.02 -15.48
CA PRO A 836 -59.53 4.62 -14.23
C PRO A 836 -60.65 5.00 -13.27
N LEU A 837 -61.81 5.39 -13.78
CA LEU A 837 -62.94 5.72 -12.90
C LEU A 837 -63.42 4.50 -12.13
N LEU A 838 -63.42 3.34 -12.78
CA LEU A 838 -63.90 2.09 -12.19
C LEU A 838 -62.73 1.10 -12.12
N LYS A 839 -62.00 1.13 -11.01
CA LYS A 839 -60.86 0.25 -10.79
C LYS A 839 -61.09 -0.67 -9.59
N SER A 840 -62.35 -0.98 -9.28
CA SER A 840 -62.65 -1.80 -8.11
C SER A 840 -62.04 -3.20 -8.25
N ALA A 841 -62.31 -3.86 -9.38
CA ALA A 841 -61.75 -5.20 -9.59
C ALA A 841 -60.24 -5.16 -9.67
N GLU A 842 -59.69 -4.10 -10.28
CA GLU A 842 -58.23 -3.96 -10.33
C GLU A 842 -57.63 -3.83 -8.94
N ARG A 843 -58.27 -3.05 -8.06
CA ARG A 843 -57.79 -2.93 -6.69
C ARG A 843 -57.91 -4.26 -5.95
N GLU A 844 -59.01 -4.99 -6.18
CA GLU A 844 -59.17 -6.28 -5.52
C GLU A 844 -58.08 -7.26 -5.95
N LYS A 845 -57.78 -7.29 -7.25
CA LYS A 845 -56.66 -8.10 -7.72
C LYS A 845 -55.33 -7.60 -7.14
N GLU A 846 -55.20 -6.29 -6.96
CA GLU A 846 -54.01 -5.73 -6.35
C GLU A 846 -53.81 -6.28 -4.94
N MET A 847 -54.85 -6.24 -4.11
CA MET A 847 -54.71 -6.76 -2.75
C MET A 847 -54.56 -8.28 -2.74
N ALA A 848 -55.17 -8.97 -3.71
CA ALA A 848 -54.98 -10.42 -3.79
C ALA A 848 -53.53 -10.77 -4.07
N SER A 849 -52.92 -10.09 -5.05
CA SER A 849 -51.51 -10.29 -5.32
C SER A 849 -50.67 -9.88 -4.11
N MET A 850 -51.09 -8.81 -3.43
CA MET A 850 -50.35 -8.33 -2.27
C MET A 850 -50.34 -9.36 -1.15
N LYS A 851 -51.46 -10.02 -0.91
CA LYS A 851 -51.51 -11.02 0.15
C LYS A 851 -50.83 -12.32 -0.25
N GLU A 852 -50.90 -12.71 -1.53
CA GLU A 852 -50.15 -13.91 -1.93
C GLU A 852 -48.64 -13.65 -1.83
N GLU A 853 -48.18 -12.45 -2.19
CA GLU A 853 -46.77 -12.15 -2.00
C GLU A 853 -46.45 -11.92 -0.52
N PHE A 854 -47.43 -11.56 0.30
CA PHE A 854 -47.25 -11.57 1.75
C PHE A 854 -46.92 -12.98 2.23
N THR A 855 -47.69 -13.96 1.78
CA THR A 855 -47.42 -15.35 2.14
C THR A 855 -46.05 -15.79 1.64
N ARG A 856 -45.71 -15.43 0.40
CA ARG A 856 -44.40 -15.77 -0.15
C ARG A 856 -43.28 -15.13 0.67
N LEU A 857 -43.44 -13.86 1.03
CA LEU A 857 -42.44 -13.16 1.82
C LEU A 857 -42.29 -13.80 3.19
N LYS A 858 -43.42 -14.19 3.81
CA LYS A 858 -43.35 -14.81 5.13
C LYS A 858 -42.63 -16.15 5.09
N GLU A 859 -42.98 -17.00 4.12
CA GLU A 859 -42.30 -18.30 4.02
C GLU A 859 -40.83 -18.12 3.69
N ALA A 860 -40.50 -17.11 2.88
CA ALA A 860 -39.10 -16.78 2.64
C ALA A 860 -38.42 -16.37 3.93
N LEU A 861 -39.12 -15.60 4.77
CA LEU A 861 -38.55 -15.19 6.06
C LEU A 861 -38.24 -16.39 6.93
N GLU A 862 -39.19 -17.32 7.07
CA GLU A 862 -38.92 -18.47 7.94
C GLU A 862 -37.82 -19.35 7.37
N LYS A 863 -37.81 -19.59 6.06
CA LYS A 863 -36.76 -20.44 5.49
C LYS A 863 -35.40 -19.77 5.63
N SER A 864 -35.33 -18.45 5.43
CA SER A 864 -34.07 -17.74 5.58
C SER A 864 -33.59 -17.78 7.03
N GLU A 865 -34.50 -17.61 7.99
CA GLU A 865 -34.11 -17.67 9.39
C GLU A 865 -33.62 -19.07 9.77
N ALA A 866 -34.29 -20.11 9.28
CA ALA A 866 -33.82 -21.47 9.56
C ALA A 866 -32.45 -21.72 8.95
N ARG A 867 -32.25 -21.29 7.70
CA ARG A 867 -30.94 -21.45 7.08
C ARG A 867 -29.88 -20.69 7.85
N ARG A 868 -30.22 -19.48 8.32
CA ARG A 868 -29.27 -18.67 9.07
C ARG A 868 -28.91 -19.32 10.40
N LYS A 869 -29.89 -19.91 11.10
CA LYS A 869 -29.56 -20.54 12.38
C LYS A 869 -28.75 -21.81 12.17
N GLU A 870 -29.02 -22.57 11.11
CA GLU A 870 -28.16 -23.70 10.79
C GLU A 870 -26.74 -23.23 10.49
N LEU A 871 -26.62 -22.16 9.70
CA LEU A 871 -25.30 -21.60 9.41
C LEU A 871 -24.61 -21.17 10.69
N GLU A 872 -25.35 -20.55 11.62
CA GLU A 872 -24.74 -20.03 12.84
C GLU A 872 -24.26 -21.14 13.76
N GLU A 873 -25.05 -22.22 13.90
CA GLU A 873 -24.56 -23.34 14.71
C GLU A 873 -23.36 -24.00 14.06
N LYS A 874 -23.35 -24.09 12.72
CA LYS A 874 -22.14 -24.56 12.04
C LYS A 874 -20.96 -23.62 12.30
N MET A 875 -21.21 -22.32 12.33
CA MET A 875 -20.15 -21.36 12.66
C MET A 875 -19.59 -21.62 14.04
N VAL A 876 -20.46 -21.83 15.01
CA VAL A 876 -20.01 -22.06 16.39
C VAL A 876 -19.15 -23.31 16.46
N SER A 877 -19.64 -24.41 15.87
CA SER A 877 -18.89 -25.66 15.90
C SER A 877 -17.54 -25.51 15.20
N LEU A 878 -17.54 -24.91 14.00
CA LEU A 878 -16.31 -24.79 13.24
C LEU A 878 -15.32 -23.86 13.92
N LEU A 879 -15.80 -22.75 14.50
CA LEU A 879 -14.87 -21.84 15.17
C LEU A 879 -14.28 -22.47 16.41
N GLN A 880 -15.07 -23.26 17.14
CA GLN A 880 -14.49 -24.00 18.26
C GLN A 880 -13.41 -24.96 17.79
N GLU A 881 -13.69 -25.70 16.71
CA GLU A 881 -12.70 -26.62 16.17
C GLU A 881 -11.43 -25.90 15.73
N LYS A 882 -11.59 -24.75 15.06
CA LYS A 882 -10.43 -24.01 14.57
C LYS A 882 -9.66 -23.36 15.71
N ASN A 883 -10.33 -22.95 16.79
CA ASN A 883 -9.62 -22.44 17.96
C ASN A 883 -8.79 -23.54 18.61
N ASP A 884 -9.36 -24.75 18.73
CA ASP A 884 -8.55 -25.87 19.23
C ASP A 884 -7.38 -26.17 18.30
N LEU A 885 -7.61 -26.07 16.98
CA LEU A 885 -6.54 -26.27 16.03
C LEU A 885 -5.44 -25.23 16.20
N GLN A 886 -5.82 -23.96 16.41
CA GLN A 886 -4.83 -22.92 16.61
C GLN A 886 -4.05 -23.13 17.90
N LEU A 887 -4.73 -23.60 18.96
CA LEU A 887 -4.05 -23.89 20.21
C LEU A 887 -3.01 -24.98 20.02
N GLN A 888 -3.38 -26.07 19.33
CA GLN A 888 -2.40 -27.13 19.11
C GLN A 888 -1.33 -26.69 18.12
N VAL A 889 -1.64 -25.75 17.23
CA VAL A 889 -0.63 -25.16 16.35
C VAL A 889 0.44 -24.45 17.17
N GLN A 890 0.01 -23.61 18.12
CA GLN A 890 0.96 -22.93 18.99
C GLN A 890 1.75 -23.91 19.83
N ALA A 891 1.07 -24.93 20.36
CA ALA A 891 1.75 -25.93 21.18
C ALA A 891 2.82 -26.67 20.38
N GLU A 892 2.50 -27.07 19.15
CA GLU A 892 3.46 -27.81 18.34
C GLU A 892 4.57 -26.89 17.83
N GLN A 893 4.29 -25.61 17.61
CA GLN A 893 5.35 -24.67 17.27
C GLN A 893 6.35 -24.55 18.42
N ASP A 894 5.84 -24.42 19.65
CA ASP A 894 6.75 -24.37 20.80
C ASP A 894 7.51 -25.69 20.96
N ASN A 895 6.85 -26.81 20.70
CA ASN A 895 7.52 -28.11 20.77
C ASN A 895 8.63 -28.21 19.73
N LEU A 896 8.37 -27.72 18.51
CA LEU A 896 9.40 -27.70 17.48
C LEU A 896 10.57 -26.82 17.88
N ALA A 897 10.28 -25.65 18.46
CA ALA A 897 11.36 -24.78 18.92
C ALA A 897 12.21 -25.48 19.98
N ASP A 898 11.57 -26.15 20.93
CA ASP A 898 12.31 -26.87 21.95
C ASP A 898 13.13 -28.01 21.36
N ALA A 899 12.57 -28.73 20.39
CA ALA A 899 13.30 -29.83 19.76
C ALA A 899 14.52 -29.31 18.99
N GLU A 900 14.36 -28.20 18.28
CA GLU A 900 15.48 -27.62 17.55
C GLU A 900 16.55 -27.09 18.51
N GLU A 901 16.13 -26.55 19.65
CA GLU A 901 17.10 -26.15 20.67
C GLU A 901 17.85 -27.36 21.19
N ARG A 902 17.14 -28.48 21.42
CA ARG A 902 17.78 -29.70 21.89
C ARG A 902 18.64 -30.36 20.80
N CYS A 903 18.45 -29.98 19.54
CA CYS A 903 19.25 -30.56 18.46
C CYS A 903 20.72 -30.24 18.62
N ASP A 904 21.05 -29.12 19.26
CA ASP A 904 22.43 -28.73 19.48
C ASP A 904 23.15 -29.73 20.39
N ASP B 1 4.74 49.36 16.03
CA ASP B 1 5.80 48.85 16.92
C ASP B 1 5.40 47.52 17.54
N SER B 2 5.08 46.54 16.69
CA SER B 2 4.72 45.22 17.18
C SER B 2 5.88 44.58 17.93
N GLU B 3 7.09 44.69 17.39
CA GLU B 3 8.25 44.13 18.06
C GLU B 3 8.47 44.79 19.42
N MET B 4 8.30 46.11 19.49
CA MET B 4 8.49 46.81 20.76
C MET B 4 7.51 46.29 21.81
N ALA B 5 6.23 46.18 21.44
CA ALA B 5 5.23 45.71 22.38
C ALA B 5 5.48 44.27 22.79
N VAL B 6 5.89 43.42 21.85
CA VAL B 6 6.15 42.02 22.17
C VAL B 6 7.33 41.90 23.12
N PHE B 7 8.41 42.64 22.86
CA PHE B 7 9.62 42.50 23.66
C PHE B 7 9.47 43.13 25.04
N GLY B 8 8.82 44.29 25.12
CA GLY B 8 8.63 44.93 26.40
C GLY B 8 9.89 45.54 26.98
N ALA B 9 10.39 44.93 28.07
CA ALA B 9 11.54 45.49 28.77
C ALA B 9 12.79 45.51 27.90
N ALA B 10 13.02 44.44 27.14
CA ALA B 10 14.24 44.34 26.33
C ALA B 10 14.12 45.05 24.99
N ALA B 11 12.96 45.61 24.67
CA ALA B 11 12.80 46.29 23.39
C ALA B 11 13.76 47.47 23.19
N PRO B 12 13.91 48.41 24.14
CA PRO B 12 14.87 49.50 23.91
C PRO B 12 16.31 49.04 23.90
N TYR B 13 16.64 47.88 24.46
CA TYR B 13 18.00 47.39 24.52
C TYR B 13 18.35 46.48 23.35
N LEU B 14 17.42 46.22 22.43
CA LEU B 14 17.67 45.32 21.33
C LEU B 14 17.38 45.97 19.98
N ARG B 15 16.39 46.84 19.94
CA ARG B 15 15.99 47.51 18.70
C ARG B 15 16.03 49.01 18.88
N LYS B 16 16.49 49.71 17.85
CA LYS B 16 16.49 51.17 17.84
C LYS B 16 15.06 51.69 17.84
N SER B 17 14.83 52.75 18.62
CA SER B 17 13.51 53.35 18.71
C SER B 17 13.14 54.04 17.39
N GLU B 18 11.83 54.12 17.13
CA GLU B 18 11.37 54.74 15.89
C GLU B 18 11.74 56.21 15.84
N LYS B 19 11.58 56.93 16.95
CA LYS B 19 12.02 58.32 17.00
C LYS B 19 13.53 58.42 16.86
N GLU B 20 14.27 57.44 17.36
CA GLU B 20 15.73 57.46 17.23
C GLU B 20 16.15 57.42 15.76
N ARG B 21 15.57 56.50 14.98
CA ARG B 21 15.90 56.47 13.56
C ARG B 21 15.38 57.70 12.85
N LEU B 22 14.20 58.21 13.26
CA LEU B 22 13.66 59.41 12.63
C LEU B 22 14.60 60.59 12.80
N GLU B 23 15.14 60.79 14.00
CA GLU B 23 16.09 61.88 14.20
C GLU B 23 17.45 61.56 13.59
N ALA B 24 17.80 60.28 13.47
CA ALA B 24 19.05 59.91 12.81
C ALA B 24 19.01 60.28 11.33
N GLN B 25 17.86 60.10 10.67
CA GLN B 25 17.74 60.49 9.27
C GLN B 25 17.93 61.98 9.10
N THR B 26 17.54 62.77 10.12
CA THR B 26 17.67 64.22 10.06
C THR B 26 19.08 64.70 10.41
N ARG B 27 19.97 63.81 10.83
CA ARG B 27 21.32 64.22 11.15
C ARG B 27 22.02 64.78 9.92
N PRO B 28 22.71 65.92 10.02
CA PRO B 28 23.38 66.48 8.84
C PRO B 28 24.39 65.52 8.27
N PHE B 29 24.44 65.46 6.93
CA PHE B 29 25.32 64.53 6.24
C PHE B 29 25.38 64.92 4.77
N ASP B 30 26.39 64.39 4.08
CA ASP B 30 26.56 64.59 2.65
C ASP B 30 27.48 63.50 2.13
N LEU B 31 27.49 63.33 0.81
CA LEU B 31 28.46 62.43 0.19
C LEU B 31 29.88 62.89 0.49
N LYS B 32 30.13 64.18 0.38
CA LYS B 32 31.34 64.80 0.89
C LYS B 32 31.07 65.28 2.32
N LYS B 33 31.95 66.10 2.86
CA LYS B 33 31.85 66.66 4.21
C LYS B 33 31.84 65.59 5.29
N ASP B 34 32.22 64.36 4.97
CA ASP B 34 32.19 63.27 5.92
C ASP B 34 33.29 62.27 5.56
N VAL B 35 34.18 61.98 6.51
CA VAL B 35 35.30 61.10 6.26
C VAL B 35 35.77 60.55 7.60
N PHE B 36 36.51 59.44 7.58
CA PHE B 36 37.18 58.90 8.74
C PHE B 36 38.69 58.97 8.51
N VAL B 37 39.42 59.46 9.51
CA VAL B 37 40.86 59.68 9.37
C VAL B 37 41.59 58.94 10.48
N PRO B 38 42.72 58.30 10.20
CA PRO B 38 43.46 57.59 11.25
C PRO B 38 44.07 58.55 12.26
N ASP B 39 44.30 58.00 13.45
CA ASP B 39 44.93 58.73 14.54
C ASP B 39 45.65 57.73 15.42
N ASP B 40 46.60 58.22 16.22
CA ASP B 40 47.45 57.32 17.00
C ASP B 40 46.73 56.75 18.22
N LYS B 41 46.34 57.63 19.15
CA LYS B 41 45.74 57.13 20.40
C LYS B 41 44.38 56.49 20.14
N GLN B 42 43.53 57.13 19.34
CA GLN B 42 42.29 56.54 18.86
C GLN B 42 42.49 56.12 17.42
N GLU B 43 42.10 54.89 17.09
CA GLU B 43 42.40 54.34 15.77
C GLU B 43 41.87 55.23 14.66
N PHE B 44 40.57 55.55 14.70
CA PHE B 44 39.95 56.35 13.66
C PHE B 44 39.07 57.42 14.29
N VAL B 45 39.03 58.58 13.62
CA VAL B 45 38.25 59.73 14.10
C VAL B 45 37.42 60.26 12.95
N LYS B 46 36.18 60.63 13.25
CA LYS B 46 35.34 61.30 12.27
C LYS B 46 35.90 62.67 11.93
N ALA B 47 35.68 63.10 10.70
CA ALA B 47 36.22 64.38 10.24
C ALA B 47 35.39 64.88 9.06
N LYS B 48 35.53 66.18 8.79
CA LYS B 48 34.82 66.83 7.71
C LYS B 48 35.69 66.84 6.46
N ILE B 49 35.22 67.51 5.40
CA ILE B 49 35.97 67.69 4.16
C ILE B 49 36.24 69.17 3.99
N VAL B 50 37.50 69.52 3.76
CA VAL B 50 37.92 70.92 3.66
C VAL B 50 38.45 71.24 2.26
N SER B 51 39.52 70.58 1.84
CA SER B 51 40.11 70.85 0.53
C SER B 51 41.00 69.70 0.14
N ARG B 52 41.09 69.45 -1.16
CA ARG B 52 41.93 68.40 -1.73
C ARG B 52 43.01 69.07 -2.57
N GLU B 53 44.13 69.42 -1.93
CA GLU B 53 45.24 70.07 -2.60
C GLU B 53 46.22 69.01 -3.09
N GLY B 54 46.38 68.91 -4.41
CA GLY B 54 47.24 67.90 -4.99
C GLY B 54 46.85 66.49 -4.65
N GLY B 55 45.56 66.23 -4.44
CA GLY B 55 45.09 64.93 -4.00
C GLY B 55 45.13 64.73 -2.51
N LYS B 56 45.67 65.67 -1.74
CA LYS B 56 45.73 65.57 -0.29
C LYS B 56 44.48 66.21 0.29
N VAL B 57 43.45 65.39 0.49
CA VAL B 57 42.21 65.87 1.09
C VAL B 57 42.49 66.33 2.51
N THR B 58 41.96 67.50 2.85
CA THR B 58 42.10 68.07 4.19
C THR B 58 40.83 67.75 4.98
N ALA B 59 41.02 67.23 6.19
CA ALA B 59 39.91 66.81 7.05
C ALA B 59 40.00 67.52 8.39
N GLU B 60 38.88 68.07 8.83
CA GLU B 60 38.73 68.70 10.13
C GLU B 60 38.04 67.71 11.06
N THR B 61 38.79 67.19 12.04
CA THR B 61 38.27 66.15 12.91
C THR B 61 37.18 66.70 13.82
N GLU B 62 36.39 65.78 14.38
CA GLU B 62 35.31 66.17 15.28
C GLU B 62 35.83 66.88 16.53
N TYR B 63 37.10 66.66 16.87
CA TYR B 63 37.71 67.36 17.99
C TYR B 63 38.14 68.78 17.63
N GLY B 64 38.05 69.16 16.35
CA GLY B 64 38.47 70.45 15.88
C GLY B 64 39.83 70.46 15.21
N LYS B 65 40.65 69.43 15.44
CA LYS B 65 41.94 69.32 14.78
C LYS B 65 41.76 69.09 13.28
N THR B 66 42.61 69.70 12.47
CA THR B 66 42.52 69.64 11.02
C THR B 66 43.88 69.24 10.44
N VAL B 67 43.87 68.22 9.58
CA VAL B 67 45.08 67.70 8.94
C VAL B 67 44.75 67.29 7.52
N THR B 68 45.67 67.53 6.59
CA THR B 68 45.53 67.08 5.22
C THR B 68 46.35 65.81 5.00
N VAL B 69 45.71 64.81 4.37
CA VAL B 69 46.34 63.53 4.09
C VAL B 69 45.97 63.15 2.66
N LYS B 70 46.83 62.34 2.03
CA LYS B 70 46.58 61.89 0.67
C LYS B 70 45.32 61.02 0.62
N GLU B 71 44.94 60.62 -0.60
CA GLU B 71 43.73 59.83 -0.78
C GLU B 71 43.81 58.49 -0.05
N ASP B 72 45.01 58.02 0.29
CA ASP B 72 45.14 56.84 1.13
C ASP B 72 44.53 57.09 2.50
N GLN B 73 44.11 56.01 3.15
CA GLN B 73 43.40 56.01 4.43
C GLN B 73 42.36 57.13 4.51
N VAL B 74 41.65 57.37 3.41
CA VAL B 74 40.54 58.32 3.36
C VAL B 74 39.31 57.54 2.93
N MET B 75 38.34 57.41 3.84
CA MET B 75 37.18 56.57 3.62
C MET B 75 35.92 57.38 3.90
N GLN B 76 34.97 57.32 2.97
CA GLN B 76 33.72 58.06 3.11
C GLN B 76 32.88 57.47 4.24
N GLN B 77 32.26 58.34 5.02
CA GLN B 77 31.36 57.89 6.08
C GLN B 77 30.06 57.35 5.48
N ASN B 78 29.48 56.37 6.16
CA ASN B 78 28.22 55.80 5.70
C ASN B 78 27.06 56.74 6.04
N PRO B 79 26.01 56.73 5.22
CA PRO B 79 24.89 57.64 5.45
C PRO B 79 24.23 57.36 6.80
N PRO B 80 23.58 58.35 7.38
CA PRO B 80 22.96 58.14 8.71
C PRO B 80 21.87 57.09 8.72
N LYS B 81 21.32 56.72 7.56
CA LYS B 81 20.32 55.66 7.52
C LYS B 81 20.86 54.33 8.01
N PHE B 82 22.19 54.16 8.04
CA PHE B 82 22.82 52.94 8.48
C PHE B 82 23.29 53.01 9.94
N ASP B 83 22.92 54.06 10.66
CA ASP B 83 23.33 54.19 12.05
C ASP B 83 22.69 53.09 12.89
N LYS B 84 23.51 52.41 13.70
CA LYS B 84 23.06 51.32 14.56
C LYS B 84 22.31 50.26 13.76
N ILE B 85 22.91 49.86 12.63
CA ILE B 85 22.26 48.90 11.75
C ILE B 85 22.30 47.51 12.38
N GLU B 86 21.20 46.77 12.25
CA GLU B 86 21.10 45.46 12.88
C GLU B 86 22.06 44.47 12.22
N ASP B 87 22.02 44.37 10.90
CA ASP B 87 22.94 43.52 10.15
C ASP B 87 23.89 44.44 9.39
N MET B 88 25.18 44.14 9.45
CA MET B 88 26.20 45.02 8.92
C MET B 88 26.66 44.62 7.53
N ALA B 89 25.80 43.97 6.74
CA ALA B 89 26.14 43.62 5.37
C ALA B 89 25.65 44.66 4.38
N MET B 90 24.58 45.39 4.72
CA MET B 90 24.00 46.38 3.81
C MET B 90 24.69 47.73 3.89
N LEU B 91 25.93 47.80 4.38
CA LEU B 91 26.67 49.05 4.34
C LEU B 91 27.13 49.33 2.92
N THR B 92 26.79 50.52 2.41
CA THR B 92 27.21 50.88 1.07
C THR B 92 28.72 51.03 0.97
N PHE B 93 29.34 51.57 2.02
CA PHE B 93 30.80 51.66 2.12
C PHE B 93 31.25 50.79 3.28
N LEU B 94 32.16 49.86 3.00
CA LEU B 94 32.74 48.98 4.01
C LEU B 94 34.22 49.30 4.14
N HIS B 95 34.66 49.57 5.36
CA HIS B 95 36.04 49.93 5.64
C HIS B 95 36.30 49.81 7.13
N GLU B 96 37.58 49.69 7.47
CA GLU B 96 38.00 49.43 8.84
C GLU B 96 37.44 50.43 9.87
N PRO B 97 37.46 51.74 9.62
CA PRO B 97 36.79 52.65 10.58
C PRO B 97 35.29 52.41 10.70
N ALA B 98 34.63 52.02 9.61
CA ALA B 98 33.17 51.90 9.62
C ALA B 98 32.70 50.83 10.59
N VAL B 99 33.36 49.66 10.59
CA VAL B 99 32.95 48.59 11.49
C VAL B 99 33.13 49.00 12.94
N LEU B 100 34.27 49.61 13.27
CA LEU B 100 34.50 50.06 14.63
C LEU B 100 33.45 51.07 15.06
N TYR B 101 33.13 52.02 14.18
CA TYR B 101 32.25 53.10 14.60
C TYR B 101 30.79 52.66 14.67
N ASN B 102 30.34 51.77 13.78
CA ASN B 102 29.00 51.21 13.94
C ASN B 102 28.92 50.36 15.20
N LEU B 103 29.97 49.59 15.49
CA LEU B 103 30.00 48.80 16.72
C LEU B 103 29.93 49.69 17.95
N LYS B 104 30.68 50.80 17.95
CA LYS B 104 30.65 51.73 19.07
C LYS B 104 29.31 52.41 19.20
N ASP B 105 28.69 52.78 18.08
CA ASP B 105 27.37 53.39 18.12
C ASP B 105 26.34 52.43 18.73
N ARG B 106 26.39 51.17 18.35
CA ARG B 106 25.48 50.20 18.96
C ARG B 106 25.82 49.95 20.42
N TYR B 107 27.10 49.95 20.77
CA TYR B 107 27.51 49.73 22.16
C TYR B 107 27.04 50.85 23.07
N GLY B 108 27.09 52.09 22.58
CA GLY B 108 26.63 53.22 23.38
C GLY B 108 25.16 53.09 23.77
N SER B 109 24.35 52.57 22.86
CA SER B 109 22.96 52.26 23.14
C SER B 109 22.79 50.89 23.81
N TRP B 110 23.89 50.29 24.26
CA TRP B 110 23.87 48.96 24.89
C TRP B 110 23.24 47.92 23.98
N MET B 111 23.63 47.95 22.70
CA MET B 111 23.18 46.95 21.72
C MET B 111 24.38 46.06 21.41
N ILE B 112 24.56 45.05 22.27
CA ILE B 112 25.75 44.21 22.17
C ILE B 112 25.69 43.30 20.96
N TYR B 113 24.49 42.84 20.61
CA TYR B 113 24.32 41.82 19.57
C TYR B 113 24.19 42.49 18.20
N THR B 114 25.04 42.08 17.27
CA THR B 114 25.05 42.63 15.92
C THR B 114 25.44 41.54 14.95
N TYR B 115 24.81 41.54 13.77
CA TYR B 115 25.09 40.57 12.72
C TYR B 115 26.10 41.18 11.75
N SER B 116 27.23 40.49 11.58
CA SER B 116 28.27 40.90 10.64
C SER B 116 28.29 39.85 9.52
N GLY B 117 27.46 40.07 8.51
CA GLY B 117 27.34 39.13 7.42
C GLY B 117 26.52 37.92 7.77
N LEU B 118 27.14 36.74 7.75
CA LEU B 118 26.44 35.50 8.10
C LEU B 118 26.49 35.20 9.59
N PHE B 119 27.67 35.30 10.20
CA PHE B 119 27.83 35.00 11.61
C PHE B 119 27.53 36.24 12.45
N CYS B 120 27.76 36.14 13.76
CA CYS B 120 27.38 37.19 14.69
C CYS B 120 28.56 37.64 15.53
N VAL B 121 28.48 38.88 16.01
CA VAL B 121 29.50 39.46 16.88
C VAL B 121 28.81 39.97 18.14
N THR B 122 29.41 39.67 19.29
CA THR B 122 28.91 40.08 20.59
C THR B 122 30.02 40.83 21.32
N VAL B 123 29.72 42.06 21.73
CA VAL B 123 30.65 42.87 22.51
C VAL B 123 30.32 42.71 23.98
N ASN B 124 31.35 42.56 24.80
CA ASN B 124 31.14 42.35 26.23
C ASN B 124 30.55 43.60 26.87
N PRO B 125 29.39 43.52 27.50
CA PRO B 125 28.82 44.71 28.16
C PRO B 125 29.32 44.88 29.58
N TYR B 126 29.86 43.81 30.16
CA TYR B 126 30.34 43.80 31.54
C TYR B 126 29.26 44.24 32.51
N TRP B 128 25.10 42.73 33.42
CA TRP B 128 23.95 41.88 33.11
C TRP B 128 22.70 42.70 32.85
N LEU B 129 22.29 42.75 31.56
CA LEU B 129 21.18 43.53 31.05
C LEU B 129 19.90 42.68 31.03
N PRO B 130 18.73 43.31 31.19
CA PRO B 130 17.46 42.56 31.18
C PRO B 130 16.99 42.24 29.77
N VAL B 131 17.64 41.27 29.15
CA VAL B 131 17.31 40.85 27.79
C VAL B 131 17.09 39.35 27.74
N TYR B 132 17.54 38.65 28.78
CA TYR B 132 17.48 37.19 28.84
C TYR B 132 16.23 36.69 29.57
N THR B 133 15.18 37.50 29.66
CA THR B 133 13.96 37.05 30.28
C THR B 133 13.29 35.98 29.42
N PRO B 134 12.56 35.05 30.04
CA PRO B 134 11.86 34.01 29.26
C PRO B 134 10.87 34.57 28.26
N GLU B 135 10.31 35.76 28.51
CA GLU B 135 9.41 36.38 27.54
C GLU B 135 10.16 36.68 26.24
N VAL B 136 11.37 37.20 26.34
CA VAL B 136 12.18 37.46 25.14
C VAL B 136 12.53 36.15 24.44
N VAL B 137 12.81 35.10 25.20
CA VAL B 137 13.10 33.80 24.61
C VAL B 137 11.91 33.29 23.82
N ALA B 138 10.71 33.40 24.40
CA ALA B 138 9.51 32.99 23.67
C ALA B 138 9.30 33.85 22.43
N ALA B 139 9.54 35.15 22.54
CA ALA B 139 9.45 36.03 21.38
C ALA B 139 10.45 35.67 20.30
N TYR B 140 11.58 35.06 20.67
CA TYR B 140 12.62 34.67 19.72
C TYR B 140 12.44 33.24 19.21
N ARG B 141 11.22 32.74 19.19
CA ARG B 141 10.94 31.37 18.77
C ARG B 141 10.36 31.37 17.36
N GLY B 142 10.96 30.59 16.47
CA GLY B 142 10.49 30.48 15.10
C GLY B 142 10.53 31.77 14.33
N LYS B 143 11.61 32.54 14.48
CA LYS B 143 11.75 33.83 13.81
C LYS B 143 13.11 33.90 13.12
N LYS B 144 13.09 34.43 11.90
CA LYS B 144 14.33 34.65 11.15
C LYS B 144 15.10 35.83 11.74
N ARG B 145 16.42 35.83 11.55
CA ARG B 145 17.24 36.92 12.06
C ARG B 145 16.89 38.25 11.38
N SER B 146 16.40 38.19 10.14
CA SER B 146 16.03 39.42 9.45
C SER B 146 14.83 40.09 10.12
N GLU B 147 13.85 39.30 10.54
CA GLU B 147 12.62 39.84 11.11
C GLU B 147 12.70 40.05 12.62
N ALA B 148 13.84 39.78 13.24
CA ALA B 148 14.00 39.93 14.67
C ALA B 148 15.27 40.69 14.99
N PRO B 149 15.30 41.40 16.12
CA PRO B 149 16.53 42.09 16.51
C PRO B 149 17.63 41.08 16.78
N PRO B 150 18.89 41.46 16.54
CA PRO B 150 20.00 40.53 16.76
C PRO B 150 20.07 40.09 18.22
N HIS B 151 20.33 38.80 18.42
CA HIS B 151 20.45 38.21 19.75
C HIS B 151 20.93 36.77 19.59
N ILE B 152 21.56 36.25 20.65
CA ILE B 152 21.98 34.86 20.65
C ILE B 152 20.77 33.93 20.59
N PHE B 153 19.62 34.38 21.13
CA PHE B 153 18.40 33.59 21.03
C PHE B 153 17.98 33.43 19.57
N SER B 154 18.11 34.49 18.77
CA SER B 154 17.79 34.38 17.36
C SER B 154 18.77 33.43 16.65
N ILE B 155 20.03 33.43 17.06
CA ILE B 155 21.01 32.52 16.48
C ILE B 155 20.62 31.08 16.77
N SER B 156 20.25 30.79 18.02
CA SER B 156 19.82 29.45 18.38
C SER B 156 18.55 29.07 17.65
N ASP B 157 17.63 30.02 17.48
CA ASP B 157 16.38 29.75 16.76
C ASP B 157 16.66 29.43 15.30
N ASN B 158 17.57 30.17 14.66
CA ASN B 158 17.91 29.89 13.27
C ASN B 158 18.61 28.54 13.14
N ALA B 159 19.47 28.20 14.10
CA ALA B 159 20.09 26.88 14.11
C ALA B 159 19.04 25.79 14.22
N TYR B 160 18.04 25.99 15.08
CA TYR B 160 16.97 25.01 15.23
C TYR B 160 16.09 24.93 13.98
N GLN B 161 15.87 26.06 13.31
CA GLN B 161 15.11 26.04 12.08
C GLN B 161 15.83 25.25 11.00
N TYR B 162 17.15 25.43 10.87
CA TYR B 162 17.92 24.59 9.97
C TYR B 162 17.84 23.13 10.39
N MET B 163 18.04 22.87 11.68
CA MET B 163 17.89 21.54 12.28
C MET B 163 16.62 20.85 11.77
N LEU B 164 15.49 21.55 11.86
CA LEU B 164 14.22 20.96 11.46
C LEU B 164 14.10 20.84 9.94
N THR B 165 14.53 21.88 9.21
CA THR B 165 14.26 21.94 7.78
C THR B 165 15.16 21.01 6.98
N ASP B 166 16.48 21.24 7.03
CA ASP B 166 17.38 20.49 6.18
C ASP B 166 17.81 19.15 6.80
N ARG B 167 17.36 18.86 8.02
CA ARG B 167 17.67 17.61 8.72
C ARG B 167 19.18 17.38 8.75
N GLU B 168 19.92 18.39 9.19
CA GLU B 168 21.36 18.32 9.28
C GLU B 168 21.81 18.92 10.60
N ASN B 169 22.98 18.48 11.08
CA ASN B 169 23.51 18.94 12.35
C ASN B 169 23.93 20.40 12.28
N GLN B 170 23.91 21.06 13.42
CA GLN B 170 24.38 22.43 13.56
C GLN B 170 25.39 22.51 14.70
N SER B 171 26.27 23.50 14.64
CA SER B 171 27.31 23.67 15.64
C SER B 171 27.51 25.16 15.89
N ILE B 172 27.07 25.63 17.04
CA ILE B 172 27.23 27.02 17.44
C ILE B 172 28.58 27.15 18.14
N LEU B 173 29.51 27.86 17.51
CA LEU B 173 30.88 27.97 18.00
C LEU B 173 31.13 29.39 18.49
N ILE B 174 31.61 29.52 19.72
CA ILE B 174 31.91 30.81 20.32
C ILE B 174 33.42 30.98 20.36
N THR B 175 33.91 32.10 19.82
CA THR B 175 35.34 32.35 19.70
C THR B 175 35.66 33.76 20.13
N GLY B 176 36.76 33.93 20.84
CA GLY B 176 37.19 35.24 21.26
C GLY B 176 38.22 35.16 22.36
N GLU B 177 38.71 36.34 22.74
CA GLU B 177 39.70 36.43 23.81
C GLU B 177 39.06 36.08 25.14
N SER B 178 39.89 35.67 26.10
CA SER B 178 39.40 35.27 27.41
C SER B 178 38.64 36.42 28.08
N GLY B 179 37.55 36.07 28.76
CA GLY B 179 36.74 37.05 29.43
C GLY B 179 35.84 37.86 28.53
N ALA B 180 35.77 37.53 27.24
CA ALA B 180 34.92 38.29 26.33
C ALA B 180 33.44 37.98 26.55
N GLY B 181 33.13 36.80 27.08
CA GLY B 181 31.74 36.46 27.36
C GLY B 181 31.26 35.19 26.69
N LYS B 182 32.19 34.30 26.35
CA LYS B 182 31.81 33.06 25.68
C LYS B 182 30.99 32.15 26.60
N THR B 183 31.41 32.01 27.86
CA THR B 183 30.69 31.13 28.78
C THR B 183 29.28 31.64 29.05
N VAL B 184 29.12 32.97 29.19
CA VAL B 184 27.80 33.55 29.42
C VAL B 184 26.89 33.27 28.23
N ASN B 185 27.41 33.44 27.01
CA ASN B 185 26.59 33.18 25.83
C ASN B 185 26.26 31.70 25.69
N THR B 186 27.19 30.83 26.06
CA THR B 186 26.89 29.39 26.08
C THR B 186 25.76 29.09 27.06
N LYS B 187 25.80 29.70 28.24
CA LYS B 187 24.72 29.54 29.20
C LYS B 187 23.40 30.03 28.63
N ARG B 188 23.42 31.16 27.92
CA ARG B 188 22.19 31.69 27.33
C ARG B 188 21.66 30.74 26.24
N VAL B 189 22.55 30.15 25.45
CA VAL B 189 22.13 29.19 24.44
C VAL B 189 21.49 27.97 25.09
N ILE B 190 22.10 27.46 26.16
CA ILE B 190 21.52 26.32 26.86
C ILE B 190 20.18 26.69 27.48
N GLN B 191 20.06 27.93 27.97
CA GLN B 191 18.78 28.42 28.49
C GLN B 191 17.72 28.43 27.40
N TYR B 192 18.07 28.91 26.21
CA TYR B 192 17.11 28.94 25.11
C TYR B 192 16.69 27.53 24.72
N PHE B 193 17.64 26.59 24.71
CA PHE B 193 17.30 25.19 24.44
C PHE B 193 16.38 24.64 25.52
N ALA B 194 16.65 24.97 26.79
CA ALA B 194 15.83 24.44 27.88
C ALA B 194 14.40 24.98 27.82
N VAL B 195 14.24 26.27 27.53
CA VAL B 195 12.90 26.86 27.49
C VAL B 195 12.08 26.22 26.37
N ILE B 196 12.68 26.08 25.20
CA ILE B 196 11.99 25.46 24.07
C ILE B 196 12.49 24.03 23.87
N LEU B 214 14.74 17.43 33.03
CA LEU B 214 15.78 17.37 32.01
C LEU B 214 16.26 18.77 31.65
N GLU B 215 15.29 19.69 31.47
CA GLU B 215 15.64 21.08 31.25
C GLU B 215 16.34 21.68 32.47
N ASP B 216 15.82 21.41 33.66
CA ASP B 216 16.52 21.80 34.87
C ASP B 216 17.87 21.11 34.97
N GLN B 217 17.96 19.88 34.46
CA GLN B 217 19.23 19.15 34.49
C GLN B 217 20.29 19.87 33.67
N ILE B 218 19.97 20.24 32.43
CA ILE B 218 20.95 20.96 31.60
C ILE B 218 21.22 22.34 32.17
N ILE B 219 20.20 22.99 32.74
CA ILE B 219 20.39 24.32 33.29
C ILE B 219 21.38 24.29 34.45
N GLN B 220 21.22 23.33 35.37
CA GLN B 220 22.06 23.23 36.55
C GLN B 220 23.36 22.48 36.33
N ALA B 221 23.51 21.76 35.20
CA ALA B 221 24.76 21.06 34.95
C ALA B 221 25.91 22.03 34.76
N ASN B 222 25.68 23.13 34.04
CA ASN B 222 26.74 24.09 33.80
C ASN B 222 27.31 24.70 35.08
N PRO B 223 26.49 25.17 36.05
CA PRO B 223 27.09 25.62 37.31
C PRO B 223 27.83 24.54 38.07
N ALA B 224 27.39 23.28 37.95
CA ALA B 224 28.07 22.19 38.67
C ALA B 224 29.52 22.07 38.23
N LEU B 225 29.77 22.06 36.92
CA LEU B 225 31.13 22.03 36.42
C LEU B 225 31.82 23.37 36.59
N GLU B 226 31.05 24.46 36.58
CA GLU B 226 31.60 25.80 36.75
C GLU B 226 32.27 25.94 38.11
N ALA B 227 31.62 25.43 39.16
CA ALA B 227 32.14 25.55 40.52
C ALA B 227 33.48 24.85 40.70
N PHE B 228 33.79 23.86 39.87
CA PHE B 228 35.04 23.12 40.01
C PHE B 228 36.07 23.49 38.95
N GLY B 229 35.66 24.12 37.85
CA GLY B 229 36.58 24.41 36.76
C GLY B 229 37.11 25.82 36.72
N ASN B 230 36.25 26.80 36.96
CA ASN B 230 36.63 28.18 36.77
C ASN B 230 37.46 28.71 37.94
N ALA B 231 38.22 29.77 37.67
CA ALA B 231 39.05 30.41 38.67
C ALA B 231 39.23 31.87 38.28
N LYS B 232 39.54 32.70 39.27
CA LYS B 232 39.71 34.12 39.05
C LYS B 232 41.12 34.42 38.53
N THR B 233 41.20 35.15 37.43
CA THR B 233 42.46 35.49 36.79
C THR B 233 42.54 36.99 36.57
N VAL B 234 43.70 37.45 36.11
CA VAL B 234 43.87 38.86 35.77
C VAL B 234 42.93 39.24 34.63
N ARG B 235 42.88 38.40 33.60
CA ARG B 235 42.03 38.70 32.44
C ARG B 235 40.55 38.69 32.82
N ASN B 236 40.12 37.68 33.56
CA ASN B 236 38.72 37.57 33.94
C ASN B 236 38.62 36.76 35.23
N ASP B 237 37.61 37.10 36.04
CA ASP B 237 37.36 36.34 37.26
C ASP B 237 36.68 35.00 36.97
N ASN B 238 35.80 34.97 35.98
CA ASN B 238 35.12 33.73 35.60
C ASN B 238 35.83 33.09 34.40
N SER B 239 37.07 32.69 34.61
CA SER B 239 37.91 32.15 33.56
C SER B 239 37.81 30.63 33.55
N SER B 240 37.28 30.08 32.47
CA SER B 240 37.27 28.63 32.30
C SER B 240 38.68 28.11 32.04
N ARG B 241 38.98 26.94 32.58
CA ARG B 241 40.29 26.31 32.42
C ARG B 241 40.21 25.03 31.61
N PHE B 242 39.17 24.87 30.78
CA PHE B 242 39.00 23.67 29.98
C PHE B 242 37.93 23.96 28.92
N GLY B 243 38.10 23.35 27.76
CA GLY B 243 37.15 23.52 26.67
C GLY B 243 35.89 22.70 26.92
N LYS B 244 34.75 23.28 26.53
CA LYS B 244 33.45 22.64 26.69
C LYS B 244 32.83 22.39 25.32
N PHE B 245 32.35 21.17 25.11
CA PHE B 245 31.51 20.85 23.96
C PHE B 245 30.21 20.25 24.47
N ILE B 246 29.12 20.98 24.32
CA ILE B 246 27.81 20.56 24.83
C ILE B 246 26.95 20.19 23.64
N ARG B 247 26.57 18.92 23.57
CA ARG B 247 25.76 18.40 22.45
C ARG B 247 24.35 18.15 22.95
N ILE B 248 23.37 18.81 22.31
CA ILE B 248 21.96 18.62 22.60
C ILE B 248 21.35 17.85 21.46
N HIS B 249 20.82 16.67 21.74
CA HIS B 249 20.27 15.81 20.70
C HIS B 249 18.77 16.01 20.60
N PHE B 250 18.26 15.84 19.37
CA PHE B 250 16.84 16.04 19.08
C PHE B 250 16.34 14.88 18.23
N GLY B 251 15.08 14.50 18.46
CA GLY B 251 14.45 13.46 17.69
C GLY B 251 13.88 13.98 16.38
N ALA B 252 13.24 13.06 15.64
CA ALA B 252 12.67 13.42 14.35
C ALA B 252 11.50 14.39 14.51
N THR B 253 10.74 14.27 15.60
CA THR B 253 9.63 15.17 15.84
C THR B 253 10.07 16.62 16.06
N GLY B 254 11.34 16.84 16.38
CA GLY B 254 11.83 18.18 16.63
C GLY B 254 11.65 18.60 18.08
N LYS B 255 12.04 17.73 19.00
CA LYS B 255 11.94 18.00 20.43
C LYS B 255 13.25 17.62 21.10
N LEU B 256 13.51 18.27 22.23
CA LEU B 256 14.76 18.06 22.95
C LEU B 256 14.85 16.61 23.44
N ALA B 257 16.08 16.10 23.47
CA ALA B 257 16.33 14.70 23.85
C ALA B 257 17.60 14.69 24.69
N SER B 258 18.18 13.49 24.84
CA SER B 258 19.37 13.32 25.67
C SER B 258 20.47 14.30 25.29
N ALA B 259 21.26 14.69 26.27
CA ALA B 259 22.35 15.63 26.08
C ALA B 259 23.68 14.96 26.38
N ASP B 260 24.76 15.73 26.19
CA ASP B 260 26.10 15.23 26.44
C ASP B 260 27.02 16.43 26.63
N ILE B 261 28.03 16.26 27.48
CA ILE B 261 29.03 17.28 27.75
C ILE B 261 30.40 16.65 27.68
N GLU B 262 31.32 17.28 26.96
CA GLU B 262 32.69 16.82 26.84
C GLU B 262 33.64 17.94 27.23
N THR B 263 34.68 17.57 27.99
CA THR B 263 35.66 18.51 28.51
C THR B 263 37.00 18.32 27.81
N TYR B 264 37.77 19.39 27.76
CA TYR B 264 39.07 19.40 27.09
C TYR B 264 40.12 20.03 27.99
N LEU B 265 41.00 19.19 28.53
CA LEU B 265 42.29 19.59 29.11
C LEU B 265 42.11 20.62 30.24
N LEU B 266 41.48 20.15 31.31
CA LEU B 266 41.41 20.94 32.53
C LEU B 266 42.82 21.27 33.02
N GLU B 267 43.04 22.54 33.35
CA GLU B 267 44.37 23.00 33.75
C GLU B 267 44.67 22.48 35.15
N LYS B 268 45.38 21.35 35.23
CA LYS B 268 45.63 20.70 36.51
C LYS B 268 46.65 21.43 37.36
N SER B 269 47.47 22.31 36.76
CA SER B 269 48.50 23.01 37.51
C SER B 269 47.93 24.06 38.45
N ARG B 270 46.63 24.37 38.35
CA ARG B 270 46.05 25.42 39.18
C ARG B 270 46.09 25.06 40.66
N VAL B 271 45.83 23.80 41.00
CA VAL B 271 45.80 23.41 42.41
C VAL B 271 47.17 23.55 43.04
N ILE B 272 48.23 23.14 42.34
CA ILE B 272 49.57 23.22 42.90
C ILE B 272 50.00 24.67 43.07
N PHE B 273 49.82 25.48 42.02
CA PHE B 273 50.29 26.85 42.04
C PHE B 273 49.22 27.77 41.47
N GLN B 274 49.10 28.96 42.07
CA GLN B 274 48.25 30.03 41.57
C GLN B 274 49.08 31.29 41.51
N LEU B 275 48.86 32.10 40.46
CA LEU B 275 49.63 33.33 40.30
C LEU B 275 49.29 34.31 41.42
N LYS B 276 50.11 35.35 41.52
CA LYS B 276 49.94 36.33 42.59
C LYS B 276 48.58 37.02 42.49
N ALA B 277 48.16 37.36 41.28
CA ALA B 277 46.86 37.99 41.05
C ALA B 277 45.79 36.99 40.63
N GLU B 278 46.13 35.70 40.58
CA GLU B 278 45.19 34.66 40.15
C GLU B 278 44.74 33.83 41.34
N ARG B 279 43.43 33.66 41.47
CA ARG B 279 42.84 32.85 42.52
C ARG B 279 42.87 31.37 42.14
N ASP B 280 42.43 30.52 43.06
CA ASP B 280 42.36 29.09 42.83
C ASP B 280 40.95 28.72 42.34
N TYR B 281 40.66 27.43 42.27
CA TYR B 281 39.36 26.97 41.80
C TYR B 281 38.25 27.46 42.73
N HIS B 282 37.05 27.57 42.17
CA HIS B 282 35.92 28.16 42.89
C HIS B 282 35.55 27.36 44.12
N ILE B 283 35.53 26.03 44.00
CA ILE B 283 34.96 25.19 45.05
C ILE B 283 35.81 25.24 46.32
N PHE B 284 37.14 25.37 46.17
CA PHE B 284 38.02 25.35 47.33
C PHE B 284 37.76 26.52 48.27
N TYR B 285 37.12 27.57 47.78
CA TYR B 285 36.72 28.69 48.62
C TYR B 285 35.22 28.77 48.82
N GLN B 286 34.43 28.15 47.93
CA GLN B 286 33.00 28.01 48.19
C GLN B 286 32.77 27.18 49.45
N ILE B 287 33.51 26.08 49.60
CA ILE B 287 33.36 25.24 50.79
C ILE B 287 33.84 25.98 52.04
N LEU B 288 34.87 26.80 51.89
CA LEU B 288 35.47 27.52 53.01
C LEU B 288 34.81 28.86 53.30
N SER B 289 33.79 29.24 52.53
CA SER B 289 33.04 30.44 52.82
C SER B 289 32.20 30.33 54.09
N ASN B 290 32.09 29.12 54.65
CA ASN B 290 31.35 28.84 55.88
C ASN B 290 29.86 29.09 55.74
N LYS B 291 29.34 29.03 54.50
CA LYS B 291 27.89 29.08 54.33
C LYS B 291 27.23 27.85 54.95
N LYS B 292 27.86 26.69 54.81
CA LYS B 292 27.43 25.46 55.48
C LYS B 292 28.53 25.02 56.42
N PRO B 293 28.44 25.35 57.71
CA PRO B 293 29.47 24.87 58.66
C PRO B 293 29.50 23.35 58.80
N GLU B 294 28.46 22.66 58.36
CA GLU B 294 28.50 21.20 58.33
C GLU B 294 29.64 20.71 57.45
N LEU B 295 29.88 21.39 56.33
CA LEU B 295 31.01 21.06 55.48
C LEU B 295 32.32 21.23 56.24
N LEU B 296 32.46 22.34 56.96
CA LEU B 296 33.65 22.57 57.76
C LEU B 296 33.84 21.48 58.80
N ASP B 297 32.75 21.06 59.44
CA ASP B 297 32.82 20.07 60.50
C ASP B 297 33.25 18.71 59.95
N MET B 298 32.57 18.24 58.88
CA MET B 298 32.88 16.90 58.37
C MET B 298 34.19 16.87 57.59
N LEU B 299 34.64 18.00 57.07
CA LEU B 299 35.92 18.04 56.37
C LEU B 299 37.09 18.32 57.30
N LEU B 300 36.82 18.59 58.59
CA LEU B 300 37.86 18.92 59.57
C LEU B 300 38.69 20.11 59.09
N ILE B 301 38.02 21.12 58.54
CA ILE B 301 38.67 22.26 57.92
C ILE B 301 37.96 23.52 58.39
N THR B 302 38.73 24.56 58.74
CA THR B 302 38.15 25.82 59.18
C THR B 302 37.67 26.61 57.95
N ASN B 303 37.26 27.86 58.16
CA ASN B 303 36.81 28.71 57.08
C ASN B 303 37.91 29.62 56.56
N ASN B 304 39.15 29.44 57.03
CA ASN B 304 40.28 30.27 56.63
C ASN B 304 41.19 29.47 55.71
N PRO B 305 41.19 29.74 54.40
CA PRO B 305 42.11 29.02 53.49
C PRO B 305 43.56 29.40 53.68
N TYR B 306 43.86 30.48 54.40
CA TYR B 306 45.23 30.94 54.57
C TYR B 306 46.10 29.96 55.36
N ASP B 307 45.50 29.01 56.06
CA ASP B 307 46.25 27.98 56.76
C ASP B 307 46.67 26.83 55.85
N TYR B 308 46.34 26.89 54.56
CA TYR B 308 46.42 25.72 53.69
C TYR B 308 47.21 26.13 52.45
N ALA B 309 48.32 25.44 52.20
CA ALA B 309 49.33 25.97 51.27
C ALA B 309 48.80 26.02 49.84
N PHE B 310 48.11 24.98 49.38
CA PHE B 310 47.73 24.89 47.97
C PHE B 310 46.81 26.04 47.56
N ILE B 311 45.86 26.41 48.42
CA ILE B 311 44.81 27.35 48.05
C ILE B 311 45.01 28.72 48.71
N SER B 312 46.12 28.93 49.41
CA SER B 312 46.38 30.23 50.02
C SER B 312 47.25 31.15 49.16
N GLN B 313 47.69 30.70 47.99
CA GLN B 313 48.57 31.52 47.18
C GLN B 313 47.81 32.68 46.53
N GLY B 314 46.56 32.45 46.14
CA GLY B 314 45.74 33.49 45.55
C GLY B 314 45.14 34.42 46.60
N GLU B 315 44.40 35.42 46.11
CA GLU B 315 43.74 36.36 47.01
C GLU B 315 42.66 35.67 47.85
N THR B 316 42.06 34.61 47.32
CA THR B 316 40.94 33.91 47.95
C THR B 316 39.76 34.84 48.22
N THR B 317 39.69 35.96 47.50
CA THR B 317 38.63 36.95 47.71
C THR B 317 38.43 37.73 46.42
N VAL B 318 37.20 37.77 45.94
CA VAL B 318 36.84 38.51 44.73
C VAL B 318 35.70 39.47 45.10
N ALA B 319 35.81 40.71 44.66
CA ALA B 319 34.81 41.72 45.02
C ALA B 319 33.42 41.33 44.50
N SER B 320 33.35 40.82 43.27
CA SER B 320 32.08 40.47 42.66
C SER B 320 31.62 39.05 42.97
N ILE B 321 32.42 38.28 43.70
CA ILE B 321 32.11 36.89 43.99
C ILE B 321 31.99 36.72 45.50
N ASP B 322 30.84 36.22 45.94
CA ASP B 322 30.62 35.82 47.33
C ASP B 322 30.56 34.30 47.35
N ASP B 323 31.61 33.67 47.88
CA ASP B 323 31.76 32.22 47.79
C ASP B 323 30.62 31.47 48.47
N ALA B 324 29.94 32.09 49.44
CA ALA B 324 28.79 31.44 50.06
C ALA B 324 27.66 31.25 49.06
N GLU B 325 27.36 32.29 48.28
CA GLU B 325 26.32 32.19 47.27
C GLU B 325 26.66 31.16 46.21
N GLU B 326 27.92 31.14 45.78
CA GLU B 326 28.35 30.14 44.79
C GLU B 326 28.26 28.73 45.38
N LEU B 327 28.61 28.56 46.66
CA LEU B 327 28.51 27.25 47.28
C LEU B 327 27.07 26.77 47.37
N MET B 328 26.16 27.65 47.79
CA MET B 328 24.77 27.22 47.87
C MET B 328 24.20 26.96 46.48
N ALA B 329 24.62 27.74 45.49
CA ALA B 329 24.16 27.51 44.12
C ALA B 329 24.64 26.16 43.59
N THR B 330 25.90 25.82 43.82
CA THR B 330 26.39 24.54 43.33
C THR B 330 25.79 23.37 44.11
N ASP B 331 25.51 23.55 45.40
CA ASP B 331 24.81 22.51 46.14
C ASP B 331 23.40 22.30 45.59
N ASN B 332 22.70 23.40 45.29
CA ASN B 332 21.37 23.29 44.68
C ASN B 332 21.44 22.60 43.33
N ALA B 333 22.45 22.93 42.52
CA ALA B 333 22.62 22.28 41.23
C ALA B 333 22.87 20.79 41.38
N PHE B 334 23.72 20.41 42.35
CA PHE B 334 23.98 19.00 42.61
C PHE B 334 22.69 18.28 43.01
N ASP B 335 21.89 18.90 43.88
CA ASP B 335 20.63 18.30 44.26
C ASP B 335 19.68 18.16 43.08
N VAL B 336 19.63 19.17 42.21
CA VAL B 336 18.74 19.13 41.06
C VAL B 336 19.16 18.01 40.11
N LEU B 337 20.47 17.87 39.87
CA LEU B 337 20.95 16.79 39.01
C LEU B 337 20.72 15.41 39.60
N GLY B 338 20.38 15.32 40.88
CA GLY B 338 20.17 14.04 41.52
C GLY B 338 21.41 13.44 42.14
N PHE B 339 22.29 14.28 42.68
CA PHE B 339 23.51 13.79 43.31
C PHE B 339 23.18 13.26 44.70
N THR B 340 23.46 11.97 44.93
CA THR B 340 23.25 11.38 46.23
C THR B 340 24.20 11.99 47.25
N SER B 341 23.77 11.98 48.53
CA SER B 341 24.57 12.60 49.57
C SER B 341 25.92 11.92 49.75
N GLU B 342 25.98 10.60 49.53
CA GLU B 342 27.24 9.88 49.76
C GLU B 342 28.32 10.32 48.78
N GLU B 343 27.99 10.48 47.49
CA GLU B 343 29.01 10.88 46.54
C GLU B 343 29.41 12.34 46.71
N LYS B 344 28.45 13.20 47.08
CA LYS B 344 28.79 14.58 47.39
C LYS B 344 29.75 14.65 48.57
N ASN B 345 29.46 13.89 49.63
CA ASN B 345 30.37 13.85 50.77
C ASN B 345 31.72 13.29 50.38
N SER B 346 31.74 12.30 49.48
CA SER B 346 33.00 11.72 49.03
C SER B 346 33.87 12.76 48.32
N MET B 347 33.28 13.51 47.39
CA MET B 347 34.08 14.51 46.69
C MET B 347 34.46 15.66 47.61
N TYR B 348 33.60 15.99 48.58
CA TYR B 348 33.98 16.98 49.59
C TYR B 348 35.18 16.50 50.40
N LYS B 349 35.19 15.22 50.78
CA LYS B 349 36.32 14.67 51.53
C LYS B 349 37.59 14.70 50.70
N LEU B 350 37.48 14.38 49.40
CA LEU B 350 38.67 14.46 48.54
C LEU B 350 39.18 15.90 48.42
N THR B 351 38.26 16.86 48.28
CA THR B 351 38.67 18.26 48.20
C THR B 351 39.32 18.71 49.50
N GLY B 352 38.84 18.22 50.65
CA GLY B 352 39.54 18.49 51.89
C GLY B 352 40.92 17.84 51.91
N ALA B 353 41.00 16.61 51.43
CA ALA B 353 42.26 15.88 51.45
C ALA B 353 43.33 16.56 50.62
N ILE B 354 42.95 17.27 49.54
CA ILE B 354 43.98 17.83 48.68
C ILE B 354 44.73 18.97 49.37
N MET B 355 44.01 19.89 50.04
CA MET B 355 44.80 20.87 50.77
C MET B 355 45.32 20.33 52.10
N HIS B 356 44.75 19.24 52.62
CA HIS B 356 45.41 18.52 53.70
C HIS B 356 46.79 18.05 53.26
N PHE B 357 46.89 17.54 52.03
CA PHE B 357 48.17 17.23 51.40
C PHE B 357 49.01 18.49 51.23
N GLY B 358 48.36 19.60 50.86
CA GLY B 358 49.05 20.87 50.79
C GLY B 358 49.69 21.27 52.10
N ASN B 359 49.15 20.79 53.22
CA ASN B 359 49.73 21.10 54.51
C ASN B 359 51.01 20.31 54.80
N MET B 360 51.37 19.36 53.96
CA MET B 360 52.51 18.50 54.28
C MET B 360 53.80 19.31 54.36
N LYS B 361 54.63 18.92 55.32
CA LYS B 361 55.96 19.48 55.48
C LYS B 361 56.94 18.33 55.61
N PHE B 362 58.16 18.53 55.16
CA PHE B 362 59.16 17.47 55.19
C PHE B 362 60.53 18.07 55.49
N LYS B 363 61.39 17.24 56.09
CA LYS B 363 62.72 17.66 56.50
C LYS B 363 63.72 16.55 56.19
N LEU B 364 64.95 16.95 55.88
CA LEU B 364 66.02 16.02 55.59
C LEU B 364 66.74 15.64 56.88
N LYS B 365 66.89 14.33 57.09
CA LYS B 365 67.60 13.83 58.26
C LYS B 365 68.23 12.50 57.91
N GLN B 366 69.54 12.40 58.08
CA GLN B 366 70.28 11.18 57.73
C GLN B 366 70.06 10.10 58.78
N GLU B 369 69.11 11.20 50.71
CA GLU B 369 68.35 10.53 51.75
C GLU B 369 66.90 11.02 51.76
N GLN B 370 65.97 10.10 52.01
CA GLN B 370 64.55 10.44 52.02
C GLN B 370 64.24 11.45 53.12
N ALA B 371 63.31 12.35 52.83
CA ALA B 371 62.89 13.33 53.82
C ALA B 371 62.15 12.66 54.97
N GLU B 372 62.45 13.09 56.19
CA GLU B 372 61.74 12.55 57.34
C GLU B 372 60.38 13.21 57.47
N PRO B 373 59.30 12.44 57.55
CA PRO B 373 57.97 13.04 57.74
C PRO B 373 57.84 13.70 59.09
N ASP B 374 57.06 14.78 59.12
CA ASP B 374 56.75 15.47 60.36
C ASP B 374 55.45 16.25 60.16
N GLY B 375 54.79 16.56 61.27
CA GLY B 375 53.46 17.14 61.19
C GLY B 375 52.46 16.19 60.56
N THR B 376 52.50 14.91 60.96
CA THR B 376 51.70 13.88 60.33
C THR B 376 50.24 13.93 60.74
N GLU B 377 49.86 14.78 61.70
CA GLU B 377 48.47 14.85 62.13
C GLU B 377 47.55 15.23 60.97
N GLU B 378 47.97 16.22 60.17
CA GLU B 378 47.21 16.57 58.97
C GLU B 378 47.23 15.42 57.97
N ALA B 379 48.35 14.71 57.87
CA ALA B 379 48.40 13.52 57.03
C ALA B 379 47.42 12.46 57.53
N ASP B 380 47.33 12.29 58.86
CA ASP B 380 46.36 11.35 59.42
C ASP B 380 44.93 11.78 59.08
N LYS B 381 44.64 13.07 59.17
CA LYS B 381 43.31 13.56 58.85
C LYS B 381 42.97 13.32 57.38
N SER B 382 43.93 13.58 56.48
CA SER B 382 43.71 13.35 55.06
C SER B 382 43.49 11.87 54.78
N ALA B 383 44.30 11.00 55.41
CA ALA B 383 44.12 9.56 55.23
C ALA B 383 42.77 9.10 55.74
N TYR B 384 42.30 9.70 56.84
CA TYR B 384 40.97 9.39 57.34
C TYR B 384 39.90 9.81 56.35
N LEU B 385 40.05 11.00 55.76
CA LEU B 385 39.07 11.47 54.79
C LEU B 385 39.00 10.56 53.57
N MET B 386 40.17 10.22 53.01
CA MET B 386 40.19 9.29 51.88
C MET B 386 39.92 7.85 52.33
N GLY B 387 40.53 7.44 53.44
CA GLY B 387 40.27 6.14 54.02
C GLY B 387 41.35 5.13 53.72
N LEU B 388 42.29 4.98 54.65
CA LEU B 388 43.41 4.05 54.54
C LEU B 388 44.26 4.20 55.80
N ASN B 389 45.28 3.37 55.91
CA ASN B 389 46.27 3.53 56.97
C ASN B 389 47.16 4.72 56.65
N SER B 390 47.24 5.68 57.57
CA SER B 390 48.05 6.87 57.34
C SER B 390 49.53 6.53 57.26
N ALA B 391 49.99 5.54 58.04
CA ALA B 391 51.38 5.16 58.01
C ALA B 391 51.79 4.63 56.64
N ASP B 392 50.92 3.84 56.01
CA ASP B 392 51.24 3.30 54.69
C ASP B 392 51.39 4.41 53.66
N LEU B 393 50.46 5.36 53.66
CA LEU B 393 50.56 6.49 52.72
C LEU B 393 51.80 7.32 53.01
N LEU B 394 52.10 7.55 54.28
CA LEU B 394 53.30 8.29 54.65
C LEU B 394 54.55 7.61 54.14
N LYS B 395 54.66 6.30 54.35
CA LYS B 395 55.83 5.55 53.89
C LYS B 395 55.92 5.56 52.37
N GLY B 396 54.78 5.43 51.68
CA GLY B 396 54.79 5.54 50.23
C GLY B 396 55.30 6.89 49.75
N LEU B 397 54.90 7.96 50.44
CA LEU B 397 55.43 9.27 50.11
C LEU B 397 56.86 9.43 50.60
N CYS B 398 57.16 8.93 51.80
CA CYS B 398 58.50 9.07 52.35
C CYS B 398 59.51 8.22 51.59
N HIS B 399 59.14 6.99 51.23
CA HIS B 399 60.01 6.07 50.50
C HIS B 399 59.27 5.52 49.31
N PRO B 400 59.28 6.23 48.18
CA PRO B 400 58.60 5.73 46.98
C PRO B 400 59.20 4.43 46.48
N ARG B 401 58.33 3.55 45.97
CA ARG B 401 58.75 2.33 45.31
C ARG B 401 58.10 2.29 43.94
N VAL B 402 58.90 2.04 42.90
CA VAL B 402 58.44 2.00 41.53
C VAL B 402 58.89 0.68 40.90
N LYS B 403 58.57 0.51 39.62
CA LYS B 403 58.93 -0.71 38.91
C LYS B 403 60.44 -0.91 38.89
N VAL B 404 60.87 -2.13 39.15
CA VAL B 404 62.28 -2.46 39.19
C VAL B 404 62.86 -2.42 37.79
N TYR B 408 58.28 -3.07 42.66
CA TYR B 408 58.36 -2.14 43.78
C TYR B 408 59.74 -2.14 44.41
N VAL B 409 60.56 -1.16 44.04
CA VAL B 409 61.91 -1.01 44.57
C VAL B 409 62.08 0.41 45.09
N THR B 410 62.63 0.54 46.30
CA THR B 410 62.81 1.85 46.90
C THR B 410 63.97 2.59 46.23
N LYS B 411 63.91 3.92 46.24
CA LYS B 411 64.90 4.75 45.58
C LYS B 411 65.13 6.01 46.41
N GLY B 412 66.39 6.39 46.57
CA GLY B 412 66.69 7.65 47.22
C GLY B 412 66.36 8.84 46.31
N GLN B 413 65.69 9.83 46.89
CA GLN B 413 65.31 11.01 46.14
C GLN B 413 65.25 12.21 47.07
N ASN B 414 65.28 13.40 46.47
CA ASN B 414 65.46 14.63 47.22
C ASN B 414 64.20 14.98 48.03
N VAL B 415 64.40 15.86 49.01
CA VAL B 415 63.29 16.31 49.85
C VAL B 415 62.27 17.07 49.03
N GLN B 416 62.73 17.96 48.15
CA GLN B 416 61.81 18.76 47.33
C GLN B 416 60.92 17.91 46.44
N GLN B 417 61.35 16.69 46.09
CA GLN B 417 60.59 15.87 45.17
C GLN B 417 59.32 15.30 45.81
N VAL B 418 59.29 15.11 47.12
CA VAL B 418 58.09 14.57 47.76
C VAL B 418 56.95 15.58 47.67
N ILE B 419 57.26 16.87 47.78
CA ILE B 419 56.22 17.90 47.63
C ILE B 419 55.65 17.89 46.22
N TYR B 420 56.53 17.76 45.22
CA TYR B 420 56.08 17.69 43.84
C TYR B 420 55.23 16.44 43.60
N ALA B 421 55.63 15.31 44.20
CA ALA B 421 54.85 14.08 44.07
C ALA B 421 53.47 14.24 44.70
N THR B 422 53.40 14.86 45.89
CA THR B 422 52.11 15.09 46.53
C THR B 422 51.24 16.01 45.67
N GLY B 423 51.82 17.06 45.10
CA GLY B 423 51.07 17.93 44.23
C GLY B 423 50.56 17.23 42.99
N ALA B 424 51.40 16.37 42.39
CA ALA B 424 50.98 15.61 41.22
C ALA B 424 49.85 14.65 41.56
N LEU B 425 49.93 14.00 42.73
CA LEU B 425 48.85 13.12 43.15
C LEU B 425 47.56 13.92 43.38
N ALA B 426 47.66 15.10 43.99
CA ALA B 426 46.48 15.91 44.23
C ALA B 426 45.84 16.37 42.92
N LYS B 427 46.66 16.80 41.95
CA LYS B 427 46.10 17.25 40.69
C LYS B 427 45.51 16.08 39.89
N ALA B 428 46.14 14.90 39.97
CA ALA B 428 45.56 13.73 39.32
C ALA B 428 44.23 13.34 39.95
N VAL B 429 44.15 13.41 41.27
CA VAL B 429 42.89 13.12 41.96
C VAL B 429 41.82 14.12 41.56
N TYR B 430 42.18 15.40 41.49
CA TYR B 430 41.22 16.42 41.07
C TYR B 430 40.75 16.17 39.64
N GLU B 431 41.67 15.80 38.75
CA GLU B 431 41.28 15.51 37.36
C GLU B 431 40.35 14.32 37.28
N ARG B 432 40.64 13.26 38.04
CA ARG B 432 39.77 12.08 38.04
C ARG B 432 38.40 12.43 38.61
N MET B 433 38.34 13.24 39.65
CA MET B 433 37.07 13.67 40.23
C MET B 433 36.29 14.50 39.21
N PHE B 434 36.98 15.37 38.48
CA PHE B 434 36.34 16.13 37.41
C PHE B 434 35.76 15.21 36.35
N ASN B 435 36.51 14.20 35.93
CA ASN B 435 36.01 13.25 34.95
C ASN B 435 34.82 12.46 35.49
N TRP B 436 34.84 12.16 36.79
CA TRP B 436 33.68 11.50 37.41
C TRP B 436 32.45 12.39 37.37
N MET B 437 32.63 13.69 37.64
CA MET B 437 31.51 14.62 37.50
C MET B 437 30.99 14.63 36.07
N VAL B 438 31.90 14.64 35.10
CA VAL B 438 31.49 14.63 33.69
C VAL B 438 30.67 13.38 33.39
N THR B 439 31.17 12.22 33.84
CA THR B 439 30.47 10.96 33.58
C THR B 439 29.12 10.92 34.27
N ARG B 440 29.03 11.45 35.50
CA ARG B 440 27.76 11.49 36.21
C ARG B 440 26.77 12.39 35.50
N ILE B 441 27.24 13.53 34.97
CA ILE B 441 26.37 14.42 34.21
C ILE B 441 25.86 13.71 32.96
N ASN B 442 26.75 13.01 32.24
CA ASN B 442 26.31 12.26 31.08
C ASN B 442 25.26 11.21 31.46
N ALA B 443 25.50 10.48 32.55
CA ALA B 443 24.56 9.45 32.97
C ALA B 443 23.21 10.03 33.34
N THR B 444 23.20 11.13 34.11
CA THR B 444 21.94 11.75 34.50
C THR B 444 21.19 12.30 33.30
N LEU B 445 21.90 12.95 32.38
CA LEU B 445 21.25 13.56 31.22
C LEU B 445 20.83 12.53 30.18
N GLU B 446 21.56 11.43 30.05
CA GLU B 446 21.23 10.43 29.04
C GLU B 446 19.84 9.85 29.29
N THR B 447 19.04 9.81 28.23
CA THR B 447 17.69 9.25 28.28
C THR B 447 17.47 8.41 27.04
N LYS B 448 16.78 7.28 27.22
CA LYS B 448 16.62 6.31 26.14
C LYS B 448 15.65 6.75 25.05
N GLN B 449 15.00 7.90 25.21
CA GLN B 449 14.08 8.38 24.19
C GLN B 449 14.84 8.64 22.89
N PRO B 450 14.19 8.45 21.73
CA PRO B 450 14.91 8.55 20.47
C PRO B 450 15.49 9.94 20.24
N ARG B 451 16.68 9.97 19.64
CA ARG B 451 17.38 11.21 19.31
C ARG B 451 17.99 11.06 17.93
N GLN B 452 17.58 11.93 17.01
CA GLN B 452 17.95 11.79 15.60
C GLN B 452 19.22 12.56 15.27
N TYR B 453 19.22 13.87 15.48
CA TYR B 453 20.37 14.71 15.16
C TYR B 453 20.88 15.37 16.45
N PHE B 454 21.91 16.20 16.32
CA PHE B 454 22.47 16.87 17.47
C PHE B 454 22.93 18.28 17.09
N ILE B 455 22.91 19.17 18.06
CA ILE B 455 23.43 20.53 17.93
C ILE B 455 24.57 20.68 18.93
N GLY B 456 25.74 21.08 18.45
CA GLY B 456 26.91 21.19 19.30
C GLY B 456 27.34 22.61 19.59
N VAL B 457 27.30 23.01 20.85
CA VAL B 457 27.78 24.32 21.28
C VAL B 457 29.21 24.16 21.76
N LEU B 458 30.11 24.94 21.17
CA LEU B 458 31.54 24.86 21.47
C LEU B 458 32.00 26.14 22.16
N ASP B 459 32.63 25.97 23.32
CA ASP B 459 33.16 27.10 24.11
C ASP B 459 34.53 26.67 24.62
N ILE B 460 35.57 26.98 23.83
CA ILE B 460 36.94 26.66 24.22
C ILE B 460 37.45 27.74 25.18
N ALA B 461 38.57 27.46 25.83
CA ALA B 461 39.21 28.49 26.66
C ALA B 461 39.74 29.59 25.76
N GLY B 462 39.24 30.82 25.97
CA GLY B 462 39.57 31.91 25.07
C GLY B 462 41.04 32.29 25.14
N PHE B 463 41.45 33.07 24.14
CA PHE B 463 42.83 33.52 24.06
C PHE B 463 43.14 34.44 25.23
N GLU B 464 44.37 34.37 25.72
CA GLU B 464 44.76 35.13 26.89
C GLU B 464 46.27 35.37 26.86
N ILE B 465 46.69 36.47 27.45
CA ILE B 465 48.10 36.86 27.53
C ILE B 465 48.37 37.21 28.99
N PHE B 466 48.87 36.23 29.76
CA PHE B 466 49.26 36.49 31.13
C PHE B 466 50.63 37.14 31.17
N ASP B 467 50.96 37.70 32.34
CA ASP B 467 52.29 38.27 32.54
C ASP B 467 53.37 37.20 32.35
N PHE B 468 53.14 36.01 32.90
CA PHE B 468 53.97 34.85 32.64
C PHE B 468 53.10 33.73 32.09
N ASN B 469 53.60 33.06 31.05
CA ASN B 469 52.84 32.02 30.37
C ASN B 469 53.64 30.73 30.35
N SER B 470 52.92 29.61 30.37
CA SER B 470 53.54 28.30 30.52
C SER B 470 52.85 27.33 29.55
N PHE B 471 53.07 26.03 29.78
CA PHE B 471 52.59 25.00 28.85
C PHE B 471 51.08 25.04 28.70
N GLU B 472 50.35 25.20 29.80
CA GLU B 472 48.89 25.26 29.71
C GLU B 472 48.43 26.49 28.92
N GLN B 473 49.10 27.63 29.12
CA GLN B 473 48.79 28.81 28.33
C GLN B 473 49.05 28.55 26.85
N LEU B 474 50.15 27.87 26.54
CA LEU B 474 50.45 27.53 25.15
C LEU B 474 49.37 26.63 24.56
N CYS B 475 48.90 25.64 25.32
CA CYS B 475 47.86 24.76 24.83
C CYS B 475 46.56 25.51 24.57
N ILE B 476 46.18 26.40 25.49
CA ILE B 476 44.94 27.17 25.32
C ILE B 476 45.04 28.08 24.09
N ASN B 477 46.17 28.77 23.96
CA ASN B 477 46.34 29.66 22.82
C ASN B 477 46.42 28.89 21.51
N PHE B 478 46.99 27.68 21.53
CA PHE B 478 47.03 26.85 20.33
C PHE B 478 45.62 26.39 19.95
N THR B 479 44.79 26.07 20.95
CA THR B 479 43.40 25.73 20.66
C THR B 479 42.68 26.92 20.03
N ASN B 480 42.91 28.12 20.57
CA ASN B 480 42.31 29.32 19.98
C ASN B 480 42.80 29.54 18.55
N GLU B 481 44.09 29.33 18.32
CA GLU B 481 44.66 29.44 16.99
C GLU B 481 43.99 28.49 16.02
N LYS B 482 43.82 27.23 16.44
CA LYS B 482 43.22 26.25 15.56
C LYS B 482 41.75 26.57 15.29
N LEU B 483 41.02 27.07 16.29
CA LEU B 483 39.65 27.48 16.06
C LEU B 483 39.57 28.63 15.06
N GLN B 484 40.46 29.62 15.21
CA GLN B 484 40.48 30.73 14.26
C GLN B 484 40.83 30.25 12.85
N GLN B 485 41.77 29.30 12.76
CA GLN B 485 42.14 28.75 11.46
C GLN B 485 40.98 27.99 10.83
N PHE B 486 40.23 27.25 11.63
CA PHE B 486 39.05 26.57 11.12
C PHE B 486 38.02 27.55 10.62
N PHE B 487 37.82 28.65 11.35
CA PHE B 487 36.92 29.69 10.88
C PHE B 487 37.38 30.27 9.55
N ASN B 488 38.68 30.54 9.43
CA ASN B 488 39.22 31.05 8.16
C ASN B 488 39.00 30.07 7.03
N HIS B 489 39.30 28.79 7.26
CA HIS B 489 39.19 27.79 6.23
C HIS B 489 37.75 27.61 5.77
N HIS B 490 36.80 27.58 6.70
CA HIS B 490 35.41 27.37 6.31
C HIS B 490 34.81 28.61 5.67
N MET B 491 35.08 29.80 6.23
CA MET B 491 34.42 31.00 5.76
C MET B 491 34.99 31.47 4.42
N PHE B 492 36.28 31.23 4.19
CA PHE B 492 36.98 31.83 3.05
C PHE B 492 37.36 30.79 2.00
N VAL B 493 38.10 29.76 2.39
CA VAL B 493 38.63 28.80 1.41
C VAL B 493 37.52 27.89 0.90
N LEU B 494 36.76 27.28 1.81
CA LEU B 494 35.76 26.29 1.39
C LEU B 494 34.62 26.96 0.63
N GLU B 495 34.24 28.17 1.02
CA GLU B 495 33.19 28.87 0.30
C GLU B 495 33.61 29.17 -1.13
N GLN B 496 34.85 29.63 -1.33
CA GLN B 496 35.32 29.91 -2.68
C GLN B 496 35.46 28.64 -3.50
N GLU B 497 35.90 27.55 -2.87
CA GLU B 497 35.96 26.27 -3.58
C GLU B 497 34.57 25.79 -3.98
N GLU B 498 33.58 26.03 -3.12
CA GLU B 498 32.20 25.72 -3.47
C GLU B 498 31.71 26.58 -4.63
N TYR B 499 32.11 27.85 -4.64
CA TYR B 499 31.80 28.72 -5.78
C TYR B 499 32.39 28.15 -7.07
N LYS B 500 33.64 27.71 -7.02
CA LYS B 500 34.33 27.19 -8.19
C LYS B 500 33.73 25.88 -8.69
N LYS B 501 33.51 24.93 -7.78
CA LYS B 501 33.12 23.58 -8.14
C LYS B 501 31.77 23.54 -8.87
N GLU B 502 30.84 24.40 -8.46
CA GLU B 502 29.50 24.38 -9.02
C GLU B 502 29.45 25.09 -10.37
N GLY B 503 30.62 25.36 -10.96
CA GLY B 503 30.68 26.01 -12.25
C GLY B 503 30.13 27.42 -12.26
N ILE B 504 30.54 28.22 -11.27
CA ILE B 504 30.12 29.61 -11.15
C ILE B 504 31.34 30.48 -11.40
N GLU B 505 31.19 31.46 -12.28
CA GLU B 505 32.29 32.38 -12.58
C GLU B 505 32.57 33.26 -11.36
N TRP B 506 33.81 33.19 -10.87
CA TRP B 506 34.19 33.92 -9.66
C TRP B 506 35.70 33.95 -9.58
N THR B 507 36.29 35.14 -9.57
CA THR B 507 37.72 35.26 -9.40
C THR B 507 38.15 34.86 -8.00
N PHE B 508 39.26 34.14 -7.89
CA PHE B 508 39.77 33.75 -6.59
C PHE B 508 40.32 34.95 -5.86
N ILE B 509 39.90 35.13 -4.61
CA ILE B 509 40.31 36.27 -3.80
C ILE B 509 41.00 35.73 -2.55
N ASP B 510 42.18 36.25 -2.25
CA ASP B 510 42.93 35.90 -1.05
C ASP B 510 42.74 37.01 -0.02
N PHE B 511 42.13 36.66 1.11
CA PHE B 511 41.81 37.65 2.12
C PHE B 511 42.94 37.91 3.11
N GLY B 512 44.02 37.11 3.05
CA GLY B 512 45.23 37.45 3.77
C GLY B 512 45.46 36.77 5.09
N MET B 513 44.62 35.80 5.48
CA MET B 513 44.83 35.05 6.71
C MET B 513 44.83 33.57 6.39
N ASP B 514 45.99 32.93 6.58
CA ASP B 514 46.13 31.48 6.47
C ASP B 514 46.99 31.04 7.65
N LEU B 515 46.33 30.59 8.72
CA LEU B 515 47.00 30.23 9.97
C LEU B 515 47.57 28.82 9.95
N GLN B 516 47.49 28.12 8.82
CA GLN B 516 48.02 26.76 8.76
C GLN B 516 49.51 26.74 9.07
N ALA B 517 50.25 27.75 8.63
CA ALA B 517 51.67 27.82 8.94
C ALA B 517 51.91 27.96 10.43
N CYS B 518 51.13 28.81 11.10
CA CYS B 518 51.29 29.02 12.53
C CYS B 518 50.98 27.74 13.31
N ILE B 519 49.94 27.02 12.90
CA ILE B 519 49.60 25.76 13.56
C ILE B 519 50.70 24.74 13.31
N ASP B 520 51.14 24.60 12.06
CA ASP B 520 52.18 23.63 11.71
C ASP B 520 53.51 23.95 12.38
N LEU B 521 53.68 25.20 12.82
CA LEU B 521 54.89 25.54 13.58
C LEU B 521 55.04 24.68 14.82
N ILE B 522 53.92 24.29 15.44
CA ILE B 522 53.93 23.50 16.67
C ILE B 522 53.24 22.16 16.49
N GLU B 523 52.08 22.13 15.81
CA GLU B 523 51.26 20.93 15.77
C GLU B 523 51.93 19.82 14.96
N LYS B 524 52.44 20.15 13.78
CA LYS B 524 52.99 19.13 12.89
C LYS B 524 54.26 18.53 13.48
N PRO B 525 54.62 17.31 13.04
CA PRO B 525 55.84 16.68 13.56
C PRO B 525 57.07 17.54 13.28
N MET B 526 58.04 17.46 14.19
CA MET B 526 59.31 18.16 14.22
C MET B 526 59.06 19.60 14.70
N GLY B 527 57.80 20.00 14.92
CA GLY B 527 57.49 21.32 15.41
C GLY B 527 57.60 21.44 16.92
N ILE B 528 57.43 22.67 17.42
CA ILE B 528 57.76 22.99 18.82
C ILE B 528 57.01 22.06 19.77
N MET B 529 55.70 21.92 19.57
CA MET B 529 54.94 20.98 20.38
C MET B 529 55.40 19.55 20.13
N SER B 530 55.65 19.20 18.86
CA SER B 530 56.14 17.87 18.54
C SER B 530 57.49 17.60 19.18
N ILE B 531 58.41 18.58 19.12
CA ILE B 531 59.67 18.45 19.84
C ILE B 531 59.41 18.29 21.32
N LEU B 532 58.35 18.92 21.84
CA LEU B 532 58.03 18.78 23.25
C LEU B 532 57.69 17.33 23.59
N GLU B 533 56.82 16.69 22.79
CA GLU B 533 56.54 15.28 23.09
C GLU B 533 57.78 14.41 22.89
N GLU B 534 58.58 14.69 21.86
CA GLU B 534 59.76 13.90 21.60
C GLU B 534 60.75 13.97 22.77
N GLU B 535 60.95 15.16 23.32
CA GLU B 535 61.85 15.31 24.46
C GLU B 535 61.22 14.79 25.75
N CYS B 536 59.88 14.82 25.85
CA CYS B 536 59.22 14.21 26.99
C CYS B 536 59.45 12.71 27.02
N MET B 537 59.37 12.06 25.86
CA MET B 537 59.72 10.65 25.79
C MET B 537 61.19 10.41 26.15
N PHE B 538 62.04 11.36 25.78
CA PHE B 538 63.47 11.25 26.06
C PHE B 538 63.73 11.43 27.55
N PRO B 539 64.34 10.46 28.22
CA PRO B 539 64.67 10.64 29.64
C PRO B 539 65.84 11.60 29.82
N LYS B 540 65.99 12.07 31.06
CA LYS B 540 67.02 13.05 31.41
C LYS B 540 66.87 14.32 30.56
N ALA B 541 65.63 14.73 30.33
CA ALA B 541 65.34 15.89 29.50
C ALA B 541 65.37 17.16 30.34
N THR B 542 66.17 18.13 29.89
CA THR B 542 66.32 19.40 30.59
C THR B 542 65.75 20.53 29.75
N ASP B 543 65.33 21.60 30.44
CA ASP B 543 64.78 22.76 29.76
C ASP B 543 65.83 23.45 28.90
N MET B 544 67.07 23.53 29.39
CA MET B 544 68.12 24.25 28.67
C MET B 544 68.40 23.60 27.31
N THR B 545 68.65 22.29 27.30
CA THR B 545 68.97 21.60 26.06
C THR B 545 67.78 21.58 25.10
N PHE B 546 66.60 21.24 25.62
CA PHE B 546 65.41 21.12 24.79
C PHE B 546 65.09 22.43 24.08
N ALA B 548 67.16 24.63 23.27
CA ALA B 548 68.16 24.71 22.22
C ALA B 548 67.67 23.97 20.99
N LYS B 549 67.12 22.78 21.24
CA LYS B 549 66.53 21.98 20.16
C LYS B 549 65.40 22.73 19.46
N LEU B 550 64.80 23.72 20.12
CA LEU B 550 63.84 24.58 19.45
C LEU B 550 64.53 25.66 18.61
N PHE B 551 65.56 26.30 19.18
CA PHE B 551 66.16 27.46 18.52
C PHE B 551 66.77 27.09 17.19
N ASP B 552 67.52 25.98 17.13
CA ASP B 552 68.10 25.56 15.87
C ASP B 552 67.06 25.03 14.90
N ASN B 553 65.83 24.80 15.33
CA ASN B 553 64.83 24.19 14.47
C ASN B 553 63.96 25.21 13.73
N HIS B 554 63.52 26.25 14.41
CA HIS B 554 62.54 27.16 13.82
C HIS B 554 62.80 28.64 14.07
N LEU B 555 63.84 29.01 14.80
CA LEU B 555 64.09 30.42 15.08
C LEU B 555 64.48 31.14 13.79
N GLY B 556 63.82 32.26 13.52
CA GLY B 556 64.09 33.03 12.32
C GLY B 556 63.37 32.50 11.10
N LYS B 557 63.60 31.23 10.77
CA LYS B 557 62.97 30.65 9.58
C LYS B 557 61.46 30.50 9.73
N SER B 558 60.94 30.49 10.95
CA SER B 558 59.51 30.49 11.20
C SER B 558 59.09 31.91 11.56
N ALA B 559 58.08 32.42 10.85
CA ALA B 559 57.66 33.81 11.04
C ALA B 559 57.14 34.05 12.45
N ASN B 560 56.30 33.14 12.94
CA ASN B 560 55.71 33.33 14.28
C ASN B 560 56.76 33.23 15.37
N PHE B 561 57.56 32.17 15.35
CA PHE B 561 58.58 31.97 16.38
C PHE B 561 59.71 32.98 16.20
N GLN B 562 60.26 33.46 17.31
CA GLN B 562 61.36 34.40 17.29
C GLN B 562 62.01 34.42 18.67
N LYS B 563 63.06 35.22 18.80
CA LYS B 563 63.72 35.40 20.08
C LYS B 563 62.77 36.11 21.05
N PRO B 564 62.91 35.85 22.35
CA PRO B 564 62.00 36.46 23.33
C PRO B 564 62.18 37.97 23.40
N ARG B 565 61.07 38.69 23.25
CA ARG B 565 61.05 40.14 23.44
C ARG B 565 60.93 40.44 24.93
N ASN B 566 61.96 40.02 25.66
CA ASN B 566 61.96 40.10 27.12
C ASN B 566 61.85 41.55 27.58
N ILE B 567 60.98 41.78 28.57
CA ILE B 567 60.83 43.07 29.20
C ILE B 567 61.23 42.93 30.67
N LYS B 568 61.77 44.01 31.23
CA LYS B 568 62.24 43.97 32.61
C LYS B 568 61.09 43.69 33.59
N GLY B 569 59.95 44.32 33.37
CA GLY B 569 58.80 44.06 34.23
C GLY B 569 58.29 42.63 34.12
N LYS B 570 58.18 42.14 32.89
CA LYS B 570 57.74 40.76 32.68
C LYS B 570 58.81 39.78 33.14
N PRO B 571 58.42 38.56 33.51
CA PRO B 571 59.43 37.54 33.85
C PRO B 571 60.23 37.14 32.63
N GLU B 572 61.45 36.67 32.88
CA GLU B 572 62.32 36.22 31.80
C GLU B 572 61.66 35.10 31.01
N ALA B 573 61.73 35.21 29.69
CA ALA B 573 61.08 34.26 28.79
C ALA B 573 62.13 33.61 27.89
N HIS B 574 61.93 32.31 27.62
CA HIS B 574 62.86 31.59 26.76
C HIS B 574 62.69 31.99 25.30
N PHE B 575 61.46 32.21 24.87
CA PHE B 575 61.19 32.59 23.49
C PHE B 575 59.87 33.34 23.42
N SER B 576 59.61 33.94 22.26
CA SER B 576 58.37 34.63 21.98
C SER B 576 57.86 34.18 20.62
N LEU B 577 56.55 33.94 20.53
CA LEU B 577 55.96 33.48 19.28
C LEU B 577 54.69 34.26 19.00
N ILE B 578 54.34 34.35 17.73
CA ILE B 578 53.25 35.21 17.26
C ILE B 578 52.04 34.34 16.96
N HIS B 579 51.00 34.48 17.78
CA HIS B 579 49.70 33.92 17.46
C HIS B 579 49.01 34.83 16.46
N TYR B 580 47.76 34.48 16.09
CA TYR B 580 46.97 35.40 15.30
C TYR B 580 46.61 36.66 16.08
N ALA B 581 46.61 36.61 17.41
CA ALA B 581 46.21 37.73 18.23
C ALA B 581 47.39 38.58 18.71
N GLY B 582 48.61 38.26 18.32
CA GLY B 582 49.77 39.07 18.65
C GLY B 582 50.93 38.24 19.15
N ILE B 583 51.99 38.94 19.54
CA ILE B 583 53.19 38.31 20.08
C ILE B 583 52.96 37.95 21.54
N VAL B 584 53.37 36.74 21.92
CA VAL B 584 53.25 36.28 23.30
C VAL B 584 54.57 35.61 23.69
N ASP B 585 55.09 35.96 24.86
CA ASP B 585 56.27 35.31 25.40
C ASP B 585 55.88 34.01 26.11
N TYR B 586 56.71 32.98 25.95
CA TYR B 586 56.44 31.66 26.53
C TYR B 586 57.71 31.15 27.18
N ASN B 587 57.86 31.45 28.47
CA ASN B 587 58.96 30.90 29.25
C ASN B 587 58.67 29.45 29.60
N ILE B 588 59.58 28.55 29.21
CA ILE B 588 59.46 27.14 29.54
C ILE B 588 60.17 26.89 30.88
N ILE B 589 59.42 26.34 31.83
CA ILE B 589 59.97 25.92 33.12
C ILE B 589 59.42 24.53 33.42
N GLY B 590 60.18 23.50 33.07
CA GLY B 590 59.77 22.13 33.35
C GLY B 590 58.47 21.71 32.69
N TRP B 591 58.25 22.13 31.45
CA TRP B 591 57.08 21.65 30.71
C TRP B 591 57.15 20.15 30.48
N LEU B 592 58.36 19.59 30.47
CA LEU B 592 58.52 18.16 30.26
C LEU B 592 57.83 17.34 31.35
N GLN B 593 58.01 17.74 32.61
CA GLN B 593 57.35 17.03 33.70
C GLN B 593 55.84 17.22 33.66
N LYS B 594 55.38 18.43 33.32
CA LYS B 594 53.94 18.67 33.24
C LYS B 594 53.29 17.81 32.17
N ASN B 595 53.93 17.70 31.00
CA ASN B 595 53.39 16.88 29.93
C ASN B 595 53.53 15.38 30.24
N LYS B 596 54.61 15.01 30.94
CA LYS B 596 54.84 13.61 31.28
C LYS B 596 53.92 13.13 32.40
N ASP B 597 53.71 13.98 33.41
CA ASP B 597 52.90 13.67 34.59
C ASP B 597 53.40 12.43 35.31
N PRO B 598 54.58 12.49 35.93
CA PRO B 598 55.06 11.34 36.69
C PRO B 598 54.32 11.19 38.01
N LEU B 599 54.31 9.95 38.52
CA LEU B 599 53.62 9.64 39.77
C LEU B 599 54.37 8.53 40.48
N ASN B 600 54.12 8.42 41.78
CA ASN B 600 54.73 7.38 42.62
C ASN B 600 53.80 6.17 42.65
N GLU B 601 54.31 5.03 42.17
CA GLU B 601 53.48 3.84 42.02
C GLU B 601 53.01 3.28 43.37
N THR B 602 53.80 3.48 44.42
CA THR B 602 53.38 3.01 45.74
C THR B 602 52.10 3.72 46.19
N VAL B 603 52.10 5.05 46.12
CA VAL B 603 50.90 5.80 46.47
C VAL B 603 49.77 5.50 45.49
N VAL B 604 50.13 5.17 44.24
CA VAL B 604 49.12 4.73 43.28
C VAL B 604 48.43 3.46 43.79
N GLY B 605 49.22 2.48 44.20
CA GLY B 605 48.64 1.26 44.75
C GLY B 605 47.83 1.52 46.00
N LEU B 606 48.30 2.43 46.85
CA LEU B 606 47.55 2.76 48.06
C LEU B 606 46.21 3.38 47.73
N TYR B 607 46.16 4.29 46.75
CA TYR B 607 44.90 4.93 46.38
C TYR B 607 43.98 3.97 45.65
N GLN B 608 44.52 2.98 44.95
CA GLN B 608 43.68 2.04 44.21
C GLN B 608 42.74 1.29 45.13
N LYS B 609 43.24 0.82 46.26
CA LYS B 609 42.44 0.06 47.23
C LYS B 609 41.97 0.92 48.40
N SER B 610 41.70 2.19 48.15
CA SER B 610 41.21 3.06 49.20
C SER B 610 39.79 2.68 49.61
N SER B 611 39.43 3.04 50.85
CA SER B 611 38.11 2.74 51.35
C SER B 611 37.02 3.49 50.58
N LEU B 612 37.28 4.75 50.25
CA LEU B 612 36.28 5.58 49.59
C LEU B 612 35.97 5.05 48.19
N LYS B 613 34.69 5.08 47.83
CA LYS B 613 34.28 4.58 46.53
C LYS B 613 34.86 5.43 45.40
N LEU B 614 34.85 6.75 45.55
CA LEU B 614 35.32 7.63 44.48
C LEU B 614 36.79 7.40 44.17
N LEU B 615 37.64 7.44 45.20
CA LEU B 615 39.08 7.30 44.98
C LEU B 615 39.43 5.91 44.49
N SER B 616 38.76 4.88 45.00
CA SER B 616 39.07 3.51 44.60
C SER B 616 38.72 3.26 43.14
N THR B 617 37.51 3.63 42.74
CA THR B 617 37.06 3.33 41.38
C THR B 617 37.76 4.21 40.34
N LEU B 618 37.86 5.50 40.62
CA LEU B 618 38.39 6.44 39.62
C LEU B 618 39.87 6.17 39.36
N PHE B 619 40.67 6.09 40.41
CA PHE B 619 42.12 6.16 40.28
C PHE B 619 42.75 4.81 39.97
N ALA B 620 41.97 3.73 39.98
CA ALA B 620 42.53 2.38 39.82
C ALA B 620 43.06 2.12 38.41
N ASN B 621 42.72 2.96 37.44
CA ASN B 621 43.13 2.74 36.06
C ASN B 621 44.44 3.44 35.71
N TYR B 622 45.06 4.14 36.66
CA TYR B 622 46.36 4.77 36.38
C TYR B 622 47.44 3.74 36.12
N ALA B 623 47.48 2.67 36.93
CA ALA B 623 48.44 1.59 36.73
C ALA B 623 47.77 0.30 36.24
N GLY B 624 46.50 0.36 35.87
CA GLY B 624 45.79 -0.81 35.39
C GLY B 624 46.17 -1.21 33.97
N PHE B 642 53.63 5.45 27.88
CA PHE B 642 52.46 6.27 28.17
C PHE B 642 52.17 7.22 27.02
N GLN B 643 51.03 7.92 27.11
CA GLN B 643 50.64 8.93 26.13
C GLN B 643 50.68 10.29 26.80
N THR B 644 51.43 11.22 26.21
CA THR B 644 51.53 12.56 26.76
C THR B 644 50.19 13.28 26.65
N VAL B 645 49.90 14.12 27.66
CA VAL B 645 48.65 14.86 27.67
C VAL B 645 48.57 15.82 26.50
N SER B 646 49.72 16.30 26.02
CA SER B 646 49.73 17.14 24.83
C SER B 646 49.28 16.37 23.59
N ALA B 647 49.72 15.11 23.46
CA ALA B 647 49.27 14.29 22.35
C ALA B 647 47.76 14.04 22.42
N LEU B 648 47.25 13.79 23.63
CA LEU B 648 45.80 13.65 23.81
C LEU B 648 45.08 14.93 23.44
N HIS B 649 45.65 16.08 23.79
CA HIS B 649 45.07 17.37 23.43
C HIS B 649 44.99 17.53 21.92
N ARG B 650 46.08 17.21 21.22
CA ARG B 650 46.09 17.32 19.76
C ARG B 650 45.08 16.37 19.13
N GLU B 651 45.03 15.13 19.62
CA GLU B 651 44.09 14.15 19.07
C GLU B 651 42.65 14.59 19.30
N ASN B 652 42.36 15.13 20.49
CA ASN B 652 41.01 15.61 20.78
C ASN B 652 40.64 16.76 19.86
N LEU B 653 41.56 17.70 19.64
CA LEU B 653 41.27 18.80 18.73
C LEU B 653 41.01 18.30 17.32
N ASN B 654 41.84 17.37 16.83
CA ASN B 654 41.66 16.84 15.49
C ASN B 654 40.32 16.14 15.35
N LYS B 655 39.99 15.26 16.31
CA LYS B 655 38.72 14.55 16.25
C LYS B 655 37.53 15.51 16.35
N LEU B 656 37.62 16.48 17.24
CA LEU B 656 36.53 17.44 17.42
C LEU B 656 36.29 18.23 16.15
N MET B 657 37.35 18.71 15.50
CA MET B 657 37.15 19.52 14.30
C MET B 657 36.79 18.67 13.09
N THR B 658 37.23 17.42 13.02
CA THR B 658 36.75 16.53 11.96
C THR B 658 35.27 16.27 12.11
N ASN B 659 34.80 16.08 13.35
CA ASN B 659 33.36 15.97 13.59
C ASN B 659 32.64 17.27 13.25
N LEU B 660 33.26 18.41 13.58
CA LEU B 660 32.63 19.71 13.31
C LEU B 660 32.46 19.95 11.82
N ARG B 661 33.44 19.52 11.02
CA ARG B 661 33.36 19.72 9.57
C ARG B 661 32.11 19.09 8.98
N SER B 662 31.61 18.02 9.61
CA SER B 662 30.36 17.39 9.17
C SER B 662 29.14 18.21 9.50
N THR B 663 29.28 19.28 10.29
CA THR B 663 28.16 20.11 10.72
C THR B 663 28.15 21.44 9.98
N HIS B 664 27.07 22.19 10.17
CA HIS B 664 26.91 23.51 9.57
C HIS B 664 27.10 24.58 10.64
N PRO B 665 28.32 25.09 10.82
CA PRO B 665 28.59 25.98 11.95
C PRO B 665 27.86 27.30 11.87
N HIS B 666 27.51 27.82 13.04
CA HIS B 666 27.11 29.21 13.25
C HIS B 666 28.14 29.85 14.17
N PHE B 667 28.78 30.91 13.71
CA PHE B 667 29.89 31.50 14.43
C PHE B 667 29.42 32.69 15.26
N VAL B 668 29.92 32.78 16.48
CA VAL B 668 29.77 33.96 17.32
C VAL B 668 31.16 34.40 17.75
N ARG B 669 31.48 35.66 17.50
CA ARG B 669 32.79 36.22 17.83
C ARG B 669 32.60 37.26 18.93
N CYS B 670 33.32 37.09 20.03
CA CYS B 670 33.15 37.91 21.22
C CYS B 670 34.32 38.88 21.34
N ILE B 671 34.00 40.15 21.58
CA ILE B 671 34.96 41.23 21.65
C ILE B 671 34.91 41.83 23.06
N ILE B 672 36.07 41.92 23.70
CA ILE B 672 36.18 42.56 25.01
C ILE B 672 36.53 44.03 24.78
N PRO B 673 35.70 44.97 25.25
CA PRO B 673 35.96 46.38 24.94
C PRO B 673 37.13 46.97 25.70
N ASN B 674 37.23 46.70 27.01
CA ASN B 674 38.24 47.31 27.85
C ASN B 674 38.83 46.29 28.81
N GLU B 675 40.13 46.40 29.05
CA GLU B 675 40.81 45.50 29.97
C GLU B 675 40.47 45.77 31.43
N THR B 676 39.85 46.91 31.74
CA THR B 676 39.54 47.30 33.11
C THR B 676 38.18 46.79 33.58
N LYS B 677 37.49 46.01 32.76
CA LYS B 677 36.16 45.48 33.08
C LYS B 677 35.19 46.61 33.40
N SER B 678 35.31 47.72 32.67
CA SER B 678 34.45 48.87 32.87
C SER B 678 33.34 48.84 31.82
N PRO B 679 32.07 48.72 32.24
CA PRO B 679 30.98 48.71 31.25
C PRO B 679 30.91 50.02 30.48
N GLY B 680 30.67 49.91 29.18
CA GLY B 680 30.51 51.08 28.34
C GLY B 680 31.79 51.68 27.79
N VAL B 681 32.95 51.31 28.35
CA VAL B 681 34.22 51.84 27.85
C VAL B 681 34.62 51.05 26.62
N MET B 682 34.71 51.73 25.48
CA MET B 682 34.92 51.11 24.18
C MET B 682 36.30 51.51 23.69
N ASP B 683 37.32 50.76 24.11
CA ASP B 683 38.71 51.10 23.84
C ASP B 683 39.04 50.78 22.38
N ASN B 684 39.27 51.81 21.58
CA ASN B 684 39.41 51.64 20.13
C ASN B 684 40.58 50.75 19.73
N PRO B 685 41.82 50.96 20.20
CA PRO B 685 42.94 50.14 19.69
C PRO B 685 42.77 48.66 19.99
N LEU B 686 42.27 48.30 21.17
CA LEU B 686 42.10 46.89 21.51
C LEU B 686 41.07 46.23 20.59
N VAL B 687 39.95 46.90 20.36
CA VAL B 687 38.94 46.35 19.46
C VAL B 687 39.44 46.29 18.04
N MET B 688 40.25 47.25 17.60
CA MET B 688 40.85 47.17 16.27
C MET B 688 41.77 45.98 16.14
N HIS B 689 42.59 45.74 17.16
CA HIS B 689 43.49 44.58 17.12
C HIS B 689 42.70 43.28 17.10
N GLN B 690 41.63 43.22 17.89
CA GLN B 690 40.79 42.01 17.92
C GLN B 690 40.07 41.80 16.59
N LEU B 691 39.59 42.88 15.97
CA LEU B 691 38.95 42.77 14.66
C LEU B 691 39.93 42.32 13.60
N ARG B 692 41.16 42.83 13.63
CA ARG B 692 42.16 42.39 12.67
C ARG B 692 42.51 40.91 12.86
N CYS B 693 42.73 40.49 14.11
CA CYS B 693 43.08 39.10 14.37
C CYS B 693 41.93 38.17 14.00
N ASN B 694 40.70 38.56 14.34
CA ASN B 694 39.54 37.72 14.02
C ASN B 694 39.27 37.70 12.51
N GLY B 695 39.56 38.80 11.82
CA GLY B 695 39.25 38.89 10.41
C GLY B 695 37.76 38.95 10.11
N VAL B 696 37.00 39.69 10.92
CA VAL B 696 35.57 39.83 10.68
C VAL B 696 35.32 40.63 9.40
N LEU B 697 36.18 41.61 9.12
CA LEU B 697 35.98 42.47 7.95
C LEU B 697 36.00 41.65 6.66
N GLU B 698 36.94 40.73 6.52
CA GLU B 698 36.97 39.89 5.33
C GLU B 698 35.79 38.95 5.26
N GLY B 699 35.29 38.49 6.41
CA GLY B 699 34.07 37.69 6.39
C GLY B 699 32.87 38.47 5.88
N ILE B 700 32.73 39.72 6.34
CA ILE B 700 31.64 40.55 5.83
C ILE B 700 31.85 40.83 4.34
N ARG B 701 33.10 41.01 3.92
CA ARG B 701 33.38 41.24 2.50
C ARG B 701 32.96 40.06 1.65
N ILE B 702 33.34 38.84 2.07
CA ILE B 702 32.97 37.66 1.30
C ILE B 702 31.48 37.39 1.38
N CYS B 703 30.81 37.87 2.44
CA CYS B 703 29.35 37.73 2.49
C CYS B 703 28.67 38.69 1.53
N ARG B 704 29.15 39.94 1.45
CA ARG B 704 28.47 40.92 0.59
C ARG B 704 28.85 40.76 -0.88
N LYS B 705 30.05 40.26 -1.18
CA LYS B 705 30.49 40.15 -2.56
C LYS B 705 30.04 38.83 -3.19
N GLY B 706 30.41 37.70 -2.57
CA GLY B 706 30.04 36.41 -3.10
C GLY B 706 28.57 36.09 -2.99
N PHE B 707 28.22 34.81 -3.12
CA PHE B 707 26.84 34.38 -3.01
C PHE B 707 26.65 33.63 -1.69
N PRO B 708 26.01 34.23 -0.69
CA PRO B 708 25.89 33.54 0.60
C PRO B 708 24.90 32.38 0.58
N ASN B 709 23.75 32.55 -0.06
CA ASN B 709 22.70 31.56 -0.02
C ASN B 709 22.84 30.59 -1.20
N ARG B 710 22.89 29.30 -0.89
CA ARG B 710 22.99 28.25 -1.90
C ARG B 710 21.91 27.22 -1.60
N ILE B 711 21.05 26.95 -2.58
CA ILE B 711 19.93 26.02 -2.37
C ILE B 711 19.90 25.01 -3.51
N LEU B 712 19.60 23.76 -3.17
CA LEU B 712 19.53 22.70 -4.17
C LEU B 712 18.37 22.93 -5.12
N TYR B 713 18.51 22.41 -6.34
CA TYR B 713 17.49 22.62 -7.36
C TYR B 713 16.17 21.97 -6.98
N GLY B 714 16.21 20.72 -6.53
CA GLY B 714 14.98 20.03 -6.15
C GLY B 714 14.33 20.65 -4.92
N ASP B 715 15.14 21.00 -3.92
CA ASP B 715 14.61 21.68 -2.74
C ASP B 715 13.98 23.00 -3.12
N PHE B 716 14.65 23.77 -3.97
CA PHE B 716 14.08 25.04 -4.43
C PHE B 716 12.76 24.83 -5.16
N ARG B 717 12.70 23.81 -6.01
CA ARG B 717 11.48 23.54 -6.76
C ARG B 717 10.32 23.20 -5.82
N GLN B 718 10.55 22.26 -4.89
CA GLN B 718 9.47 21.86 -4.00
C GLN B 718 9.09 22.95 -3.01
N ARG B 719 10.00 23.87 -2.72
CA ARG B 719 9.73 24.93 -1.77
C ARG B 719 9.01 26.12 -2.39
N TYR B 720 9.54 26.66 -3.48
CA TYR B 720 9.06 27.91 -4.05
C TYR B 720 8.19 27.70 -5.30
N ARG B 721 7.64 26.51 -5.48
CA ARG B 721 6.71 26.28 -6.59
C ARG B 721 5.45 27.12 -6.45
N ILE B 722 5.07 27.48 -5.22
CA ILE B 722 3.85 28.26 -5.00
C ILE B 722 3.93 29.62 -5.69
N LEU B 723 5.14 30.15 -5.89
CA LEU B 723 5.28 31.45 -6.53
C LEU B 723 4.70 31.44 -7.93
N ASN B 724 5.06 30.44 -8.74
CA ASN B 724 4.52 30.27 -10.08
C ASN B 724 4.20 28.79 -10.29
N PRO B 725 3.05 28.32 -9.79
CA PRO B 725 2.69 26.91 -9.98
C PRO B 725 2.52 26.52 -11.44
N ALA B 726 2.22 27.47 -12.33
CA ALA B 726 2.10 27.15 -13.74
C ALA B 726 3.40 26.58 -14.30
N ALA B 727 4.52 27.21 -13.96
CA ALA B 727 5.82 26.64 -14.29
C ALA B 727 6.06 25.38 -13.46
N ILE B 728 6.90 24.50 -13.98
CA ILE B 728 7.15 23.18 -13.39
C ILE B 728 5.81 22.48 -13.21
N PRO B 729 5.18 21.99 -14.29
CA PRO B 729 3.86 21.38 -14.16
C PRO B 729 3.92 20.12 -13.29
N GLU B 730 2.79 19.84 -12.63
CA GLU B 730 2.73 18.76 -11.65
C GLU B 730 2.88 17.41 -12.34
N GLY B 731 4.07 16.81 -12.20
CA GLY B 731 4.31 15.47 -12.70
C GLY B 731 4.14 15.30 -14.20
N GLN B 732 4.71 16.21 -14.99
CA GLN B 732 4.62 16.14 -16.44
C GLN B 732 5.98 16.04 -17.13
N PHE B 733 7.07 15.98 -16.37
CA PHE B 733 8.41 15.90 -16.95
C PHE B 733 9.38 15.48 -15.85
N ILE B 734 10.65 15.34 -16.23
CA ILE B 734 11.72 15.04 -15.30
C ILE B 734 12.90 15.93 -15.66
N ASP B 735 13.11 16.99 -14.90
CA ASP B 735 14.29 17.83 -15.04
C ASP B 735 14.35 18.79 -13.85
N SER B 736 15.56 19.03 -13.35
CA SER B 736 15.77 19.91 -12.20
C SER B 736 16.24 21.28 -12.63
N ARG B 737 17.35 21.35 -13.37
CA ARG B 737 17.92 22.63 -13.75
C ARG B 737 16.95 23.45 -14.58
N LYS B 738 16.32 22.82 -15.58
CA LYS B 738 15.41 23.57 -16.45
C LYS B 738 14.19 24.07 -15.69
N GLY B 739 13.61 23.24 -14.83
CA GLY B 739 12.46 23.68 -14.05
C GLY B 739 12.80 24.83 -13.13
N ALA B 740 13.93 24.73 -12.42
CA ALA B 740 14.34 25.80 -11.53
C ALA B 740 14.63 27.08 -12.31
N GLU B 741 15.27 26.97 -13.47
CA GLU B 741 15.56 28.15 -14.27
C GLU B 741 14.28 28.82 -14.76
N LYS B 742 13.30 28.02 -15.19
CA LYS B 742 12.02 28.61 -15.59
C LYS B 742 11.35 29.30 -14.41
N LEU B 743 11.37 28.65 -13.24
CA LEU B 743 10.74 29.25 -12.06
C LEU B 743 11.38 30.58 -11.71
N LEU B 744 12.72 30.63 -11.71
CA LEU B 744 13.40 31.88 -11.40
C LEU B 744 13.17 32.94 -12.48
N SER B 745 13.18 32.55 -13.75
CA SER B 745 12.94 33.49 -14.82
C SER B 745 11.51 34.02 -14.82
N SER B 746 10.59 33.32 -14.17
CA SER B 746 9.22 33.80 -14.02
C SER B 746 9.00 34.62 -12.77
N LEU B 747 10.05 34.91 -11.99
CA LEU B 747 9.92 35.60 -10.73
C LEU B 747 10.18 37.11 -10.83
N ASP B 748 10.42 37.62 -12.03
CA ASP B 748 10.60 39.05 -12.30
C ASP B 748 11.45 39.75 -11.24
N ILE B 749 12.67 39.25 -11.05
CA ILE B 749 13.63 39.88 -10.15
C ILE B 749 14.93 40.11 -10.91
N ASP B 750 15.95 40.62 -10.22
CA ASP B 750 17.24 40.86 -10.86
C ASP B 750 17.89 39.51 -11.17
N HIS B 751 17.85 39.11 -12.44
CA HIS B 751 18.35 37.80 -12.83
C HIS B 751 19.87 37.71 -12.79
N ASN B 752 20.57 38.83 -12.64
CA ASN B 752 22.02 38.79 -12.47
C ASN B 752 22.44 38.42 -11.06
N GLN B 753 21.49 38.37 -10.11
CA GLN B 753 21.83 38.03 -8.73
C GLN B 753 22.29 36.59 -8.61
N TYR B 754 21.61 35.65 -9.28
CA TYR B 754 21.86 34.23 -9.12
C TYR B 754 22.62 33.69 -10.33
N LYS B 755 23.62 32.87 -10.05
CA LYS B 755 24.39 32.15 -11.07
C LYS B 755 24.04 30.68 -10.95
N PHE B 756 23.40 30.13 -11.98
CA PHE B 756 22.96 28.73 -11.95
C PHE B 756 24.15 27.79 -11.94
N GLY B 757 24.12 26.80 -11.06
CA GLY B 757 25.19 25.83 -10.92
C GLY B 757 24.78 24.44 -11.36
N HIS B 758 25.68 23.49 -11.08
CA HIS B 758 25.43 22.10 -11.46
C HIS B 758 24.33 21.48 -10.61
N THR B 759 24.40 21.65 -9.28
CA THR B 759 23.47 20.98 -8.39
C THR B 759 22.81 21.95 -7.42
N LYS B 760 23.50 23.05 -7.10
CA LYS B 760 22.97 24.07 -6.20
C LYS B 760 22.94 25.40 -6.93
N VAL B 761 21.75 26.01 -6.97
CA VAL B 761 21.63 27.37 -7.47
C VAL B 761 22.03 28.34 -6.37
N PHE B 762 22.86 29.31 -6.71
CA PHE B 762 23.39 30.27 -5.76
C PHE B 762 22.49 31.50 -5.70
N PHE B 763 22.61 32.26 -4.62
CA PHE B 763 21.83 33.47 -4.43
C PHE B 763 22.73 34.61 -3.98
N LYS B 764 22.51 35.78 -4.56
CA LYS B 764 23.20 36.98 -4.10
C LYS B 764 22.66 37.38 -2.73
N ALA B 765 23.47 38.17 -2.01
CA ALA B 765 23.12 38.56 -0.65
C ALA B 765 21.77 39.27 -0.61
N GLY B 766 20.91 38.86 0.32
CA GLY B 766 19.61 39.46 0.50
C GLY B 766 18.52 38.93 -0.38
N LEU B 767 18.84 38.07 -1.35
CA LEU B 767 17.81 37.54 -2.25
C LEU B 767 16.94 36.49 -1.58
N LEU B 768 17.54 35.61 -0.77
CA LEU B 768 16.80 34.51 -0.19
C LEU B 768 15.66 35.01 0.70
N GLY B 769 15.94 36.04 1.51
CA GLY B 769 14.89 36.60 2.34
C GLY B 769 13.76 37.19 1.52
N LEU B 770 14.09 37.83 0.40
CA LEU B 770 13.06 38.38 -0.48
C LEU B 770 12.17 37.29 -1.04
N LEU B 771 12.78 36.21 -1.53
CA LEU B 771 12.00 35.09 -2.06
C LEU B 771 11.14 34.47 -0.96
N GLU B 772 11.67 34.36 0.25
CA GLU B 772 10.86 33.87 1.36
C GLU B 772 9.68 34.81 1.62
N GLU B 773 9.91 36.11 1.51
CA GLU B 773 8.83 37.08 1.72
C GLU B 773 7.72 36.90 0.69
N MET B 774 8.07 36.82 -0.59
CA MET B 774 7.03 36.58 -1.59
C MET B 774 6.39 35.21 -1.43
N ARG B 775 7.14 34.20 -0.97
CA ARG B 775 6.53 32.90 -0.73
C ARG B 775 5.49 32.97 0.36
N ASP B 776 5.79 33.68 1.45
CA ASP B 776 4.83 33.84 2.54
C ASP B 776 3.61 34.64 2.07
N GLU B 777 3.84 35.69 1.28
CA GLU B 777 2.72 36.48 0.78
C GLU B 777 1.82 35.64 -0.13
N ARG B 778 2.43 34.84 -1.00
CA ARG B 778 1.65 33.98 -1.88
C ARG B 778 0.88 32.93 -1.08
N LEU B 779 1.50 32.38 -0.04
CA LEU B 779 0.81 31.43 0.82
C LEU B 779 -0.39 32.08 1.50
N SER B 780 -0.22 33.32 1.97
CA SER B 780 -1.33 34.04 2.57
C SER B 780 -2.45 34.26 1.57
N ARG B 781 -2.09 34.61 0.33
CA ARG B 781 -3.10 34.77 -0.72
C ARG B 781 -3.85 33.47 -0.97
N ILE B 782 -3.13 32.35 -1.02
CA ILE B 782 -3.76 31.05 -1.24
C ILE B 782 -4.72 30.73 -0.09
N ILE B 783 -4.28 30.97 1.14
CA ILE B 783 -5.15 30.68 2.29
C ILE B 783 -6.39 31.55 2.26
N THR B 784 -6.25 32.83 1.94
CA THR B 784 -7.40 33.72 1.87
C THR B 784 -8.38 33.29 0.79
N ARG B 785 -7.86 32.90 -0.38
CA ARG B 785 -8.74 32.40 -1.44
C ARG B 785 -9.42 31.09 -1.02
N ILE B 786 -8.72 30.25 -0.25
CA ILE B 786 -9.33 29.03 0.27
C ILE B 786 -10.48 29.37 1.21
N GLN B 787 -10.29 30.36 2.08
CA GLN B 787 -11.37 30.79 2.96
C GLN B 787 -12.56 31.30 2.16
N ALA B 788 -12.28 32.09 1.11
CA ALA B 788 -13.37 32.62 0.29
C ALA B 788 -14.13 31.48 -0.39
N GLN B 789 -13.42 30.49 -0.93
CA GLN B 789 -14.09 29.37 -1.59
C GLN B 789 -14.90 28.55 -0.59
N SER B 790 -14.36 28.35 0.62
CA SER B 790 -15.08 27.61 1.65
C SER B 790 -16.35 28.33 2.05
N ARG B 791 -16.28 29.66 2.21
CA ARG B 791 -17.49 30.43 2.48
C ARG B 791 -18.48 30.29 1.33
N GLY B 792 -17.99 30.32 0.10
CA GLY B 792 -18.88 30.17 -1.05
C GLY B 792 -19.62 28.86 -1.04
N VAL B 793 -18.91 27.76 -0.77
CA VAL B 793 -19.56 26.45 -0.79
C VAL B 793 -20.50 26.30 0.40
N LEU B 794 -20.13 26.81 1.57
CA LEU B 794 -21.01 26.73 2.72
C LEU B 794 -22.31 27.49 2.44
N ALA B 795 -22.20 28.66 1.82
CA ALA B 795 -23.38 29.39 1.41
C ALA B 795 -24.19 28.60 0.37
N ARG B 796 -23.51 27.93 -0.55
CA ARG B 796 -24.20 27.16 -1.57
C ARG B 796 -25.05 26.05 -0.95
N MET B 797 -24.45 25.24 -0.07
CA MET B 797 -25.23 24.18 0.55
C MET B 797 -26.33 24.74 1.45
N GLU B 798 -26.05 25.79 2.23
CA GLU B 798 -27.10 26.29 3.10
C GLU B 798 -28.24 26.91 2.30
N TYR B 799 -27.96 27.46 1.12
CA TYR B 799 -29.03 28.02 0.30
C TYR B 799 -29.79 26.94 -0.45
N LYS B 800 -29.14 25.83 -0.81
CA LYS B 800 -29.88 24.67 -1.28
C LYS B 800 -30.84 24.15 -0.20
N LYS B 801 -30.35 24.11 1.05
CA LYS B 801 -31.22 23.74 2.15
C LYS B 801 -32.37 24.73 2.32
N LEU B 802 -32.09 26.03 2.15
CA LEU B 802 -33.13 27.03 2.22
C LEU B 802 -34.16 26.83 1.10
N LEU B 803 -33.69 26.46 -0.10
CA LEU B 803 -34.60 26.14 -1.19
C LEU B 803 -35.54 25.00 -0.81
N GLU B 804 -34.97 23.92 -0.27
CA GLU B 804 -35.81 22.79 0.12
C GLU B 804 -36.78 23.18 1.23
N ARG B 805 -36.33 23.98 2.19
CA ARG B 805 -37.21 24.45 3.25
C ARG B 805 -38.35 25.29 2.69
N ARG B 806 -38.05 26.15 1.72
CA ARG B 806 -39.09 26.99 1.12
C ARG B 806 -40.08 26.16 0.33
N ASP B 807 -39.62 25.12 -0.36
CA ASP B 807 -40.54 24.21 -1.05
C ASP B 807 -41.45 23.51 -0.05
N SER B 808 -40.88 23.04 1.07
CA SER B 808 -41.69 22.41 2.10
C SER B 808 -42.71 23.39 2.67
N LEU B 809 -42.30 24.63 2.90
CA LEU B 809 -43.21 25.65 3.42
C LEU B 809 -44.34 25.93 2.44
N LEU B 810 -44.02 25.99 1.14
CA LEU B 810 -45.06 26.19 0.14
C LEU B 810 -46.04 25.02 0.14
N VAL B 811 -45.53 23.79 0.23
CA VAL B 811 -46.40 22.62 0.29
C VAL B 811 -47.33 22.71 1.49
N ILE B 812 -46.76 23.03 2.66
CA ILE B 812 -47.55 23.09 3.88
C ILE B 812 -48.61 24.17 3.79
N GLN B 813 -48.23 25.36 3.30
CA GLN B 813 -49.18 26.46 3.24
C GLN B 813 -50.29 26.18 2.24
N TRP B 814 -49.97 25.59 1.09
CA TRP B 814 -51.01 25.25 0.13
C TRP B 814 -51.97 24.22 0.69
N ASN B 815 -51.42 23.21 1.38
CA ASN B 815 -52.28 22.18 1.97
C ASN B 815 -53.18 22.75 3.05
N ILE B 816 -52.65 23.63 3.91
CA ILE B 816 -53.49 24.20 4.96
C ILE B 816 -54.51 25.17 4.37
N ARG B 817 -54.17 25.86 3.29
CA ARG B 817 -55.15 26.69 2.60
C ARG B 817 -56.31 25.84 2.09
N ALA B 818 -55.98 24.71 1.45
CA ALA B 818 -57.03 23.81 0.98
C ALA B 818 -57.85 23.26 2.13
N PHE B 819 -57.18 22.94 3.25
CA PHE B 819 -57.88 22.41 4.41
C PHE B 819 -58.86 23.43 4.99
N MET B 820 -58.44 24.69 5.07
CA MET B 820 -59.37 25.74 5.50
C MET B 820 -60.53 25.89 4.51
N GLY B 821 -60.22 25.87 3.22
CA GLY B 821 -61.26 26.03 2.21
C GLY B 821 -62.31 24.92 2.28
N VAL B 822 -61.88 23.70 2.62
CA VAL B 822 -62.84 22.62 2.77
C VAL B 822 -63.44 22.57 4.17
N LYS B 823 -62.78 23.16 5.17
CA LYS B 823 -63.28 23.17 6.53
C LYS B 823 -64.41 24.17 6.71
N ASN B 824 -64.36 25.32 6.02
CA ASN B 824 -65.46 26.26 6.13
C ASN B 824 -66.77 25.68 5.60
N TRP B 825 -66.70 24.66 4.76
CA TRP B 825 -67.90 24.02 4.23
C TRP B 825 -68.55 23.17 5.30
N PRO B 826 -69.82 23.45 5.67
CA PRO B 826 -70.48 22.61 6.69
C PRO B 826 -70.61 21.15 6.29
N TRP B 827 -70.80 20.87 4.99
CA TRP B 827 -71.01 19.49 4.56
C TRP B 827 -69.76 18.63 4.79
N MET B 828 -68.58 19.16 4.47
CA MET B 828 -67.38 18.33 4.38
C MET B 828 -67.08 17.65 5.71
N LYS B 829 -67.16 18.39 6.81
CA LYS B 829 -66.76 17.84 8.11
C LYS B 829 -67.62 16.65 8.50
N LEU B 830 -68.94 16.74 8.28
CA LEU B 830 -69.85 15.71 8.77
C LEU B 830 -69.55 14.35 8.18
N TYR B 831 -69.32 14.28 6.87
CA TYR B 831 -69.06 13.01 6.21
C TYR B 831 -67.58 12.76 5.94
N PHE B 832 -66.70 13.64 6.42
CA PHE B 832 -65.28 13.45 6.22
C PHE B 832 -64.49 13.30 7.51
N LYS B 833 -65.11 13.50 8.68
CA LYS B 833 -64.42 13.25 9.94
C LYS B 833 -64.78 11.91 10.56
N ILE B 834 -65.94 11.34 10.21
CA ILE B 834 -66.34 10.04 10.74
C ILE B 834 -66.18 8.92 9.71
N LYS B 835 -66.15 9.24 8.42
CA LYS B 835 -65.87 8.20 7.42
C LYS B 835 -64.49 7.59 7.59
N PRO B 836 -63.40 8.36 7.74
CA PRO B 836 -62.09 7.71 7.94
C PRO B 836 -62.04 6.82 9.16
N LEU B 837 -62.73 7.18 10.24
CA LEU B 837 -62.73 6.34 11.43
C LEU B 837 -63.59 5.10 11.22
N LEU B 838 -64.77 5.25 10.60
CA LEU B 838 -65.71 4.15 10.48
C LEU B 838 -65.94 3.73 9.03
N LYS B 839 -66.37 4.64 8.16
CA LYS B 839 -66.77 4.25 6.81
C LYS B 839 -65.58 3.94 5.91
N SER B 840 -64.46 4.63 6.09
CA SER B 840 -63.27 4.39 5.30
C SER B 840 -62.36 3.33 5.90
N ALA B 841 -62.66 2.85 7.11
CA ALA B 841 -61.80 1.86 7.75
C ALA B 841 -61.87 0.51 7.04
N GLU B 842 -63.07 0.07 6.67
CA GLU B 842 -63.21 -1.30 6.17
C GLU B 842 -62.72 -1.46 4.73
N ARG B 843 -62.79 -0.41 3.91
CA ARG B 843 -62.38 -0.56 2.52
C ARG B 843 -61.55 0.58 1.94
N GLU B 844 -61.19 1.60 2.72
CA GLU B 844 -60.17 2.55 2.28
C GLU B 844 -58.96 2.56 3.20
N LYS B 845 -59.15 2.72 4.51
CA LYS B 845 -58.02 2.64 5.44
C LYS B 845 -57.39 1.26 5.44
N GLU B 846 -58.08 0.24 4.92
CA GLU B 846 -57.47 -1.07 4.86
C GLU B 846 -56.34 -1.09 3.83
N MET B 847 -56.39 -0.23 2.81
CA MET B 847 -55.19 -0.05 1.98
C MET B 847 -54.05 0.53 2.81
N ALA B 848 -54.34 1.47 3.71
CA ALA B 848 -53.27 1.97 4.57
C ALA B 848 -52.68 0.87 5.43
N SER B 849 -53.53 0.01 5.99
CA SER B 849 -53.06 -1.08 6.84
C SER B 849 -52.21 -2.07 6.04
N MET B 850 -52.69 -2.47 4.86
CA MET B 850 -51.93 -3.40 4.03
C MET B 850 -50.63 -2.78 3.53
N LYS B 851 -50.63 -1.47 3.24
CA LYS B 851 -49.39 -0.82 2.81
C LYS B 851 -48.36 -0.79 3.94
N GLU B 852 -48.79 -0.42 5.16
CA GLU B 852 -47.83 -0.35 6.25
C GLU B 852 -47.32 -1.74 6.64
N GLU B 853 -48.20 -2.74 6.60
CA GLU B 853 -47.74 -4.10 6.89
C GLU B 853 -46.83 -4.62 5.78
N PHE B 854 -47.08 -4.22 4.52
CA PHE B 854 -46.14 -4.57 3.45
C PHE B 854 -44.79 -3.93 3.69
N THR B 855 -44.77 -2.67 4.13
CA THR B 855 -43.50 -1.99 4.39
C THR B 855 -42.74 -2.70 5.51
N ARG B 856 -43.43 -3.05 6.60
CA ARG B 856 -42.77 -3.73 7.71
C ARG B 856 -42.27 -5.10 7.28
N LEU B 857 -43.08 -5.86 6.53
CA LEU B 857 -42.67 -7.17 6.07
C LEU B 857 -41.48 -7.07 5.11
N LYS B 858 -41.48 -6.06 4.24
CA LYS B 858 -40.36 -5.86 3.34
C LYS B 858 -39.09 -5.53 4.10
N GLU B 859 -39.19 -4.68 5.13
CA GLU B 859 -38.03 -4.39 5.96
C GLU B 859 -37.51 -5.66 6.62
N ALA B 860 -38.42 -6.48 7.17
CA ALA B 860 -38.00 -7.72 7.81
C ALA B 860 -37.33 -8.66 6.81
N LEU B 861 -37.89 -8.78 5.61
CA LEU B 861 -37.30 -9.64 4.59
C LEU B 861 -35.93 -9.14 4.16
N GLU B 862 -35.79 -7.82 3.96
CA GLU B 862 -34.49 -7.29 3.57
C GLU B 862 -33.45 -7.51 4.65
N LYS B 863 -33.82 -7.31 5.91
CA LYS B 863 -32.88 -7.56 6.99
C LYS B 863 -32.49 -9.03 7.05
N SER B 864 -33.47 -9.94 6.89
CA SER B 864 -33.18 -11.37 6.93
C SER B 864 -32.28 -11.78 5.77
N GLU B 865 -32.54 -11.25 4.57
CA GLU B 865 -31.71 -11.59 3.42
C GLU B 865 -30.29 -11.03 3.57
N ALA B 866 -30.17 -9.81 4.12
CA ALA B 866 -28.85 -9.26 4.37
C ALA B 866 -28.09 -10.11 5.39
N ARG B 867 -28.78 -10.55 6.43
CA ARG B 867 -28.15 -11.43 7.42
C ARG B 867 -27.73 -12.75 6.79
N ARG B 868 -28.57 -13.30 5.91
CA ARG B 868 -28.22 -14.55 5.23
C ARG B 868 -26.99 -14.35 4.33
N LYS B 869 -26.93 -13.22 3.63
CA LYS B 869 -25.78 -12.96 2.76
C LYS B 869 -24.50 -12.77 3.57
N GLU B 870 -24.58 -12.05 4.69
CA GLU B 870 -23.38 -11.88 5.51
C GLU B 870 -22.98 -13.19 6.16
N LEU B 871 -23.93 -14.05 6.49
CA LEU B 871 -23.59 -15.39 6.99
C LEU B 871 -22.95 -16.23 5.89
N GLU B 872 -23.40 -16.06 4.64
CA GLU B 872 -22.80 -16.80 3.53
C GLU B 872 -21.35 -16.38 3.32
N GLU B 873 -21.09 -15.08 3.30
CA GLU B 873 -19.71 -14.63 3.17
C GLU B 873 -18.88 -15.00 4.41
N LYS B 874 -19.51 -15.04 5.59
CA LYS B 874 -18.81 -15.47 6.79
C LYS B 874 -18.41 -16.93 6.71
N MET B 875 -19.29 -17.79 6.19
CA MET B 875 -18.92 -19.19 6.06
C MET B 875 -17.90 -19.41 4.95
N VAL B 876 -17.91 -18.55 3.92
CA VAL B 876 -16.81 -18.56 2.95
C VAL B 876 -15.50 -18.23 3.66
N SER B 877 -15.52 -17.23 4.54
CA SER B 877 -14.33 -16.89 5.32
C SER B 877 -13.92 -18.06 6.22
N LEU B 878 -14.90 -18.77 6.77
CA LEU B 878 -14.60 -19.94 7.59
C LEU B 878 -13.92 -21.03 6.77
N LEU B 879 -14.33 -21.16 5.50
CA LEU B 879 -13.62 -22.12 4.61
C LEU B 879 -12.21 -21.60 4.44
N GLN B 880 -12.06 -20.29 4.16
CA GLN B 880 -10.73 -19.72 3.89
C GLN B 880 -9.80 -20.03 5.07
N GLU B 881 -10.27 -19.81 6.29
CA GLU B 881 -9.41 -20.00 7.46
C GLU B 881 -9.23 -21.48 7.77
N LYS B 882 -10.21 -22.33 7.44
CA LYS B 882 -10.04 -23.76 7.69
C LYS B 882 -9.02 -24.37 6.73
N ASN B 883 -9.01 -23.95 5.47
CA ASN B 883 -7.96 -24.44 4.57
C ASN B 883 -6.60 -23.87 4.96
N ASP B 884 -6.58 -22.63 5.46
CA ASP B 884 -5.34 -22.09 6.02
C ASP B 884 -4.87 -22.93 7.19
N LEU B 885 -5.80 -23.41 8.03
CA LEU B 885 -5.42 -24.22 9.18
C LEU B 885 -4.95 -25.61 8.76
N GLN B 886 -5.53 -26.18 7.70
CA GLN B 886 -4.96 -27.42 7.19
C GLN B 886 -3.56 -27.20 6.61
N LEU B 887 -3.32 -26.05 5.98
CA LEU B 887 -1.97 -25.71 5.56
C LEU B 887 -1.04 -25.60 6.77
N GLN B 888 -1.53 -25.02 7.86
CA GLN B 888 -0.74 -24.96 9.09
C GLN B 888 -0.43 -26.36 9.61
N VAL B 889 -1.43 -27.25 9.58
CA VAL B 889 -1.22 -28.64 10.02
C VAL B 889 -0.12 -29.29 9.18
N GLN B 890 -0.19 -29.11 7.87
CA GLN B 890 0.92 -29.53 7.01
C GLN B 890 2.24 -28.91 7.46
N ALA B 891 2.20 -27.67 7.93
CA ALA B 891 3.42 -27.02 8.41
C ALA B 891 3.99 -27.74 9.63
N GLU B 892 3.13 -28.15 10.58
CA GLU B 892 3.68 -28.89 11.72
C GLU B 892 4.18 -30.27 11.31
N GLN B 893 3.48 -30.95 10.39
CA GLN B 893 4.06 -32.18 9.86
C GLN B 893 5.40 -31.94 9.19
N ASP B 894 5.60 -30.76 8.60
CA ASP B 894 6.92 -30.38 8.12
C ASP B 894 7.90 -30.19 9.27
N ASN B 895 7.42 -29.65 10.39
CA ASN B 895 8.30 -29.37 11.53
C ASN B 895 8.90 -30.66 12.09
N LEU B 896 8.09 -31.70 12.21
CA LEU B 896 8.57 -32.98 12.74
C LEU B 896 9.57 -33.63 11.78
N ALA C 1 -21.00 53.46 -5.99
CA ALA C 1 -19.64 53.00 -5.75
C ALA C 1 -19.06 52.34 -7.00
N SER C 2 -19.92 51.67 -7.76
CA SER C 2 -19.53 50.97 -8.98
C SER C 2 -20.38 51.45 -10.14
N LYS C 3 -19.76 51.51 -11.32
CA LYS C 3 -20.45 51.97 -12.52
C LYS C 3 -21.01 50.78 -13.30
N ILE C 4 -21.99 51.08 -14.16
CA ILE C 4 -22.59 50.07 -15.02
C ILE C 4 -21.66 49.82 -16.21
N LYS C 5 -21.06 48.64 -16.24
CA LYS C 5 -20.10 48.29 -17.29
C LYS C 5 -20.52 47.10 -18.12
N ILE C 6 -20.82 45.96 -17.48
CA ILE C 6 -21.17 44.74 -18.19
C ILE C 6 -22.48 44.19 -17.62
N GLU C 7 -23.36 43.72 -18.51
CA GLU C 7 -24.61 43.08 -18.13
C GLU C 7 -24.75 41.77 -18.88
N PHE C 8 -25.16 40.72 -18.18
CA PHE C 8 -25.39 39.43 -18.80
C PHE C 8 -26.85 39.32 -19.24
N THR C 9 -27.26 38.12 -19.66
CA THR C 9 -28.61 37.91 -20.14
C THR C 9 -29.62 38.09 -19.01
N PRO C 10 -30.75 38.75 -19.28
CA PRO C 10 -31.68 39.10 -18.19
C PRO C 10 -32.21 37.90 -17.41
N GLU C 11 -32.30 36.73 -18.05
CA GLU C 11 -32.76 35.54 -17.32
C GLU C 11 -31.79 35.17 -16.21
N GLN C 12 -30.48 35.40 -16.41
CA GLN C 12 -29.53 35.20 -15.34
C GLN C 12 -29.77 36.19 -14.19
N ILE C 13 -30.02 37.46 -14.53
CA ILE C 13 -30.44 38.43 -13.52
C ILE C 13 -31.74 37.99 -12.87
N GLU C 14 -32.66 37.42 -13.65
CA GLU C 14 -33.94 37.00 -13.10
C GLU C 14 -33.77 35.88 -12.08
N GLU C 15 -32.93 34.89 -12.38
CA GLU C 15 -32.72 33.81 -11.41
C GLU C 15 -31.91 34.27 -10.20
N PHE C 16 -30.98 35.21 -10.39
CA PHE C 16 -30.31 35.80 -9.24
C PHE C 16 -31.32 36.51 -8.33
N LYS C 17 -32.25 37.25 -8.94
CA LYS C 17 -33.30 37.91 -8.16
C LYS C 17 -34.19 36.89 -7.46
N GLU C 18 -34.48 35.78 -8.14
CA GLU C 18 -35.28 34.72 -7.52
C GLU C 18 -34.58 34.14 -6.31
N ALA C 19 -33.27 33.88 -6.41
CA ALA C 19 -32.52 33.38 -5.26
C ALA C 19 -32.49 34.40 -4.15
N PHE C 20 -32.40 35.67 -4.50
CA PHE C 20 -32.41 36.73 -3.49
C PHE C 20 -33.74 36.77 -2.76
N MET C 21 -34.85 36.61 -3.49
CA MET C 21 -36.16 36.52 -2.87
C MET C 21 -36.25 35.30 -1.96
N LEU C 22 -35.63 34.20 -2.38
CA LEU C 22 -35.47 33.05 -1.49
C LEU C 22 -34.79 33.47 -0.20
N PHE C 23 -33.71 34.24 -0.29
CA PHE C 23 -33.02 34.76 0.88
C PHE C 23 -33.67 36.01 1.45
N ASP C 24 -34.65 36.59 0.77
CA ASP C 24 -35.28 37.81 1.26
C ASP C 24 -36.06 37.51 2.54
N ARG C 25 -35.62 38.11 3.64
CA ARG C 25 -36.29 37.97 4.93
C ARG C 25 -37.27 39.10 5.20
N THR C 26 -37.52 39.98 4.23
CA THR C 26 -38.48 41.06 4.40
C THR C 26 -39.79 40.69 3.70
N PRO C 27 -40.87 40.45 4.44
CA PRO C 27 -42.12 39.97 3.83
C PRO C 27 -42.78 41.00 2.92
N LYS C 28 -43.05 42.19 3.45
CA LYS C 28 -43.69 43.24 2.66
C LYS C 28 -42.67 44.13 1.97
N CYS C 29 -41.55 44.41 2.60
CA CYS C 29 -40.49 45.21 1.99
C CYS C 29 -39.57 44.36 1.12
N GLU C 30 -40.16 43.63 0.18
CA GLU C 30 -39.41 42.73 -0.67
C GLU C 30 -38.49 43.46 -1.63
N MET C 31 -38.75 44.75 -1.88
CA MET C 31 -37.90 45.50 -2.80
C MET C 31 -36.47 45.60 -2.27
N LYS C 32 -36.31 45.85 -0.98
CA LYS C 32 -35.00 45.97 -0.36
C LYS C 32 -34.50 44.60 0.11
N ILE C 33 -33.18 44.46 0.13
CA ILE C 33 -32.52 43.21 0.50
C ILE C 33 -31.45 43.53 1.53
N THR C 34 -30.97 42.48 2.19
CA THR C 34 -29.96 42.63 3.24
C THR C 34 -28.71 43.32 2.71
N TYR C 35 -28.15 44.23 3.51
CA TYR C 35 -27.00 44.99 3.06
C TYR C 35 -25.72 44.15 3.12
N GLY C 36 -25.52 43.42 4.22
CA GLY C 36 -24.27 42.71 4.43
C GLY C 36 -24.30 41.25 4.05
N GLN C 37 -25.44 40.59 4.22
CA GLN C 37 -25.56 39.17 3.93
C GLN C 37 -25.77 38.90 2.45
N CYS C 38 -25.89 39.93 1.62
CA CYS C 38 -25.91 39.71 0.18
C CYS C 38 -24.59 39.15 -0.32
N GLY C 39 -23.49 39.51 0.35
CA GLY C 39 -22.21 38.87 0.06
C GLY C 39 -22.23 37.39 0.36
N ASP C 40 -23.03 36.97 1.35
CA ASP C 40 -23.20 35.54 1.60
C ASP C 40 -23.85 34.86 0.39
N VAL C 41 -24.82 35.52 -0.23
CA VAL C 41 -25.45 34.94 -1.42
C VAL C 41 -24.46 34.93 -2.57
N LEU C 42 -23.70 36.02 -2.72
CA LEU C 42 -22.63 36.06 -3.72
C LEU C 42 -21.69 34.89 -3.54
N ARG C 43 -21.41 34.52 -2.28
CA ARG C 43 -20.74 33.26 -1.98
C ARG C 43 -21.54 32.08 -2.53
N ALA C 44 -22.86 32.08 -2.29
CA ALA C 44 -23.72 31.00 -2.76
C ALA C 44 -23.99 31.06 -4.26
N LEU C 45 -23.59 32.13 -4.94
CA LEU C 45 -23.87 32.29 -6.37
C LEU C 45 -22.70 31.86 -7.23
N GLY C 46 -21.94 30.86 -6.79
CA GLY C 46 -20.82 30.38 -7.58
C GLY C 46 -19.60 31.25 -7.57
N GLN C 47 -19.47 32.14 -6.59
CA GLN C 47 -18.31 33.00 -6.46
C GLN C 47 -17.69 32.84 -5.08
N ASN C 48 -16.43 33.24 -4.95
CA ASN C 48 -15.66 33.10 -3.72
C ASN C 48 -15.10 34.46 -3.32
N PRO C 49 -15.92 35.32 -2.72
CA PRO C 49 -15.43 36.64 -2.30
C PRO C 49 -14.60 36.55 -1.02
N THR C 50 -13.41 37.13 -1.06
CA THR C 50 -12.60 37.26 0.14
C THR C 50 -13.18 38.35 1.03
N GLN C 51 -12.82 38.30 2.32
CA GLN C 51 -13.43 39.20 3.31
C GLN C 51 -13.17 40.65 2.96
N ALA C 52 -11.90 41.02 2.73
CA ALA C 52 -11.60 42.41 2.40
C ALA C 52 -12.30 42.84 1.13
N GLU C 53 -12.32 41.96 0.12
CA GLU C 53 -12.96 42.29 -1.14
C GLU C 53 -14.47 42.42 -1.00
N VAL C 54 -15.10 41.47 -0.30
CA VAL C 54 -16.55 41.55 -0.13
C VAL C 54 -16.91 42.73 0.76
N LEU C 55 -15.95 43.26 1.51
CA LEU C 55 -16.20 44.49 2.25
C LEU C 55 -16.12 45.71 1.35
N ARG C 56 -15.04 45.88 0.58
CA ARG C 56 -14.93 47.17 -0.12
C ARG C 56 -15.70 47.17 -1.43
N VAL C 57 -16.27 46.04 -1.85
CA VAL C 57 -17.29 46.11 -2.89
C VAL C 57 -18.51 46.85 -2.38
N LEU C 58 -18.72 46.84 -1.06
CA LEU C 58 -19.80 47.58 -0.41
C LEU C 58 -19.34 48.94 0.11
N GLY C 59 -18.12 49.36 -0.21
CA GLY C 59 -17.60 50.62 0.26
C GLY C 59 -17.36 50.71 1.76
N LYS C 60 -16.75 49.66 2.33
CA LYS C 60 -16.44 49.60 3.76
C LYS C 60 -17.66 49.86 4.62
N PRO C 61 -18.68 49.01 4.57
CA PRO C 61 -19.86 49.20 5.42
C PRO C 61 -19.56 48.90 6.88
N ARG C 62 -20.31 49.57 7.76
CA ARG C 62 -20.23 49.29 9.18
C ARG C 62 -21.18 48.16 9.54
N GLN C 63 -21.01 47.63 10.76
CA GLN C 63 -21.85 46.51 11.19
C GLN C 63 -23.33 46.89 11.19
N GLU C 64 -23.66 48.08 11.71
CA GLU C 64 -25.02 48.57 11.60
C GLU C 64 -25.41 48.78 10.15
N GLU C 65 -24.49 49.32 9.34
CA GLU C 65 -24.73 49.43 7.91
C GLU C 65 -24.87 48.05 7.27
N LEU C 66 -24.08 47.07 7.74
CA LEU C 66 -24.15 45.73 7.18
C LEU C 66 -25.50 45.08 7.44
N ASN C 67 -26.06 45.24 8.63
CA ASN C 67 -27.25 44.50 9.01
C ASN C 67 -28.51 45.36 9.15
N THR C 68 -28.46 46.51 9.80
CA THR C 68 -29.68 47.27 10.06
C THR C 68 -30.24 47.86 8.78
N LYS C 69 -29.47 48.70 8.09
CA LYS C 69 -29.96 49.36 6.89
C LYS C 69 -30.09 48.36 5.74
N MET C 70 -30.98 48.69 4.81
CA MET C 70 -31.26 47.85 3.65
C MET C 70 -30.53 48.41 2.43
N MET C 71 -30.64 47.70 1.32
CA MET C 71 -30.08 48.17 0.06
C MET C 71 -30.75 47.43 -1.09
N ASP C 72 -30.66 48.02 -2.27
CA ASP C 72 -31.16 47.41 -3.50
C ASP C 72 -29.98 46.75 -4.20
N PHE C 73 -30.03 45.43 -4.34
CA PHE C 73 -28.91 44.72 -4.93
C PHE C 73 -28.65 45.17 -6.35
N GLU C 74 -29.73 45.46 -7.10
CA GLU C 74 -29.61 45.70 -8.54
C GLU C 74 -28.63 46.83 -8.84
N THR C 75 -28.40 47.73 -7.89
CA THR C 75 -27.30 48.66 -8.02
C THR C 75 -25.96 47.93 -8.00
N PHE C 76 -25.82 46.94 -7.12
CA PHE C 76 -24.57 46.18 -6.97
C PHE C 76 -24.38 45.13 -8.04
N LEU C 77 -25.44 44.79 -8.77
CA LEU C 77 -25.36 43.73 -9.77
C LEU C 77 -24.21 43.91 -10.76
N PRO C 78 -23.98 45.09 -11.34
CA PRO C 78 -22.78 45.26 -12.17
C PRO C 78 -21.49 44.96 -11.42
N MET C 79 -21.42 45.33 -10.14
CA MET C 79 -20.21 45.06 -9.37
C MET C 79 -20.08 43.58 -9.06
N LEU C 80 -21.20 42.89 -8.83
CA LEU C 80 -21.15 41.44 -8.66
C LEU C 80 -20.63 40.76 -9.92
N GLN C 81 -21.12 41.19 -11.09
CA GLN C 81 -20.62 40.64 -12.34
C GLN C 81 -19.15 40.96 -12.54
N HIS C 82 -18.72 42.16 -12.14
CA HIS C 82 -17.30 42.52 -12.22
C HIS C 82 -16.46 41.61 -11.34
N ILE C 83 -16.92 41.34 -10.11
CA ILE C 83 -16.21 40.43 -9.22
C ILE C 83 -16.12 39.04 -9.85
N SER C 84 -17.22 38.58 -10.45
CA SER C 84 -17.21 37.28 -11.10
C SER C 84 -16.20 37.24 -12.23
N LYS C 85 -16.11 38.31 -13.02
CA LYS C 85 -15.23 38.33 -14.18
C LYS C 85 -13.78 38.70 -13.86
N ASN C 86 -13.49 39.14 -12.62
CA ASN C 86 -12.10 39.42 -12.26
C ASN C 86 -11.23 38.17 -12.34
N LYS C 87 -11.77 37.03 -11.91
CA LYS C 87 -11.02 35.78 -11.83
C LYS C 87 -9.75 35.97 -11.00
N ASP C 88 -9.92 36.54 -9.80
CA ASP C 88 -8.83 36.71 -8.86
C ASP C 88 -8.69 35.49 -7.95
N THR C 89 -8.62 34.31 -8.58
CA THR C 89 -8.61 33.05 -7.88
C THR C 89 -7.50 32.16 -8.45
N GLY C 90 -6.94 31.32 -7.58
CA GLY C 90 -5.95 30.36 -8.01
C GLY C 90 -6.59 29.13 -8.62
N THR C 91 -5.72 28.26 -9.15
CA THR C 91 -6.17 27.02 -9.77
C THR C 91 -6.11 25.88 -8.77
N TYR C 92 -6.72 24.76 -9.15
CA TYR C 92 -6.76 23.59 -8.27
C TYR C 92 -5.35 23.10 -7.93
N GLU C 93 -4.48 22.99 -8.94
CA GLU C 93 -3.10 22.63 -8.70
C GLU C 93 -2.40 23.68 -7.86
N ASP C 94 -2.73 24.95 -8.09
CA ASP C 94 -2.18 26.02 -7.25
C ASP C 94 -2.62 25.85 -5.79
N PHE C 95 -3.88 25.52 -5.57
CA PHE C 95 -4.37 25.32 -4.21
C PHE C 95 -3.68 24.14 -3.53
N VAL C 96 -3.54 23.02 -4.25
CA VAL C 96 -2.92 21.84 -3.64
C VAL C 96 -1.43 22.09 -3.40
N GLU C 97 -0.77 22.86 -4.27
CA GLU C 97 0.62 23.21 -4.01
C GLU C 97 0.73 24.13 -2.79
N GLY C 98 -0.20 25.08 -2.65
CA GLY C 98 -0.16 25.97 -1.50
C GLY C 98 -0.39 25.25 -0.19
N LEU C 99 -1.34 24.31 -0.17
CA LEU C 99 -1.60 23.58 1.07
C LEU C 99 -0.63 22.42 1.27
N ARG C 100 0.15 22.06 0.24
CA ARG C 100 1.12 20.99 0.38
C ARG C 100 2.22 21.34 1.37
N VAL C 101 2.70 22.59 1.34
CA VAL C 101 3.78 23.00 2.24
C VAL C 101 3.32 22.90 3.69
N PHE C 102 2.01 22.95 3.93
CA PHE C 102 1.45 22.75 5.26
C PHE C 102 1.41 21.26 5.60
N ASP C 103 2.58 20.64 5.52
CA ASP C 103 2.74 19.22 5.84
C ASP C 103 4.19 18.99 6.23
N LYS C 104 4.42 17.89 6.95
CA LYS C 104 5.75 17.55 7.42
C LYS C 104 6.18 16.15 7.02
N GLU C 105 5.40 15.45 6.21
CA GLU C 105 5.76 14.11 5.75
C GLU C 105 5.54 13.86 4.27
N GLY C 106 4.80 14.72 3.57
CA GLY C 106 4.59 14.52 2.15
C GLY C 106 3.84 13.25 1.80
N ASN C 107 2.80 12.93 2.56
CA ASN C 107 1.99 11.74 2.32
C ASN C 107 0.79 12.01 1.42
N GLY C 108 0.65 13.23 0.91
CA GLY C 108 -0.51 13.59 0.12
C GLY C 108 -1.72 13.99 0.93
N THR C 109 -1.57 14.19 2.24
CA THR C 109 -2.67 14.55 3.11
C THR C 109 -2.18 15.53 4.17
N VAL C 110 -3.13 16.11 4.91
CA VAL C 110 -2.83 17.07 5.97
C VAL C 110 -3.64 16.70 7.19
N MET C 111 -3.03 16.85 8.37
CA MET C 111 -3.70 16.47 9.61
C MET C 111 -4.86 17.42 9.89
N GLY C 112 -5.95 16.87 10.44
CA GLY C 112 -7.21 17.60 10.48
C GLY C 112 -7.19 18.81 11.40
N ALA C 113 -6.66 18.64 12.62
CA ALA C 113 -6.78 19.70 13.61
C ALA C 113 -6.02 20.96 13.20
N GLU C 114 -4.79 20.79 12.72
CA GLU C 114 -4.03 21.93 12.24
C GLU C 114 -4.69 22.58 11.03
N LEU C 115 -5.33 21.78 10.17
CA LEU C 115 -6.06 22.32 9.04
C LEU C 115 -7.21 23.20 9.50
N ARG C 116 -7.98 22.73 10.48
CA ARG C 116 -9.04 23.55 11.05
C ARG C 116 -8.48 24.83 11.67
N HIS C 117 -7.37 24.71 12.38
CA HIS C 117 -6.76 25.88 13.02
C HIS C 117 -6.36 26.92 11.99
N VAL C 118 -5.65 26.51 10.94
CA VAL C 118 -5.21 27.48 9.94
C VAL C 118 -6.39 28.03 9.15
N LEU C 119 -7.42 27.23 8.89
CA LEU C 119 -8.60 27.73 8.20
C LEU C 119 -9.31 28.79 9.05
N ALA C 120 -9.39 28.57 10.36
CA ALA C 120 -10.09 29.50 11.23
C ALA C 120 -9.22 30.69 11.66
N THR C 121 -7.94 30.46 11.94
CA THR C 121 -7.08 31.46 12.53
C THR C 121 -6.09 32.08 11.54
N LEU C 122 -5.33 31.25 10.82
CA LEU C 122 -4.30 31.78 9.93
C LEU C 122 -4.91 32.60 8.79
N GLY C 123 -6.02 32.13 8.24
CA GLY C 123 -6.70 32.83 7.16
C GLY C 123 -7.73 33.81 7.66
N GLU C 124 -8.72 34.07 6.81
CA GLU C 124 -9.81 34.96 7.18
C GLU C 124 -10.64 34.34 8.30
N ARG C 125 -11.27 35.20 9.10
CA ARG C 125 -11.99 34.75 10.28
C ARG C 125 -13.18 33.89 9.88
N LEU C 126 -13.30 32.73 10.53
CA LEU C 126 -14.39 31.80 10.28
C LEU C 126 -14.68 31.03 11.56
N THR C 127 -15.97 30.84 11.85
CA THR C 127 -16.36 30.05 13.00
C THR C 127 -15.93 28.61 12.83
N GLU C 128 -15.61 27.96 13.95
CA GLU C 128 -15.09 26.59 13.90
C GLU C 128 -16.12 25.63 13.33
N ASP C 129 -17.33 25.62 13.89
CA ASP C 129 -18.37 24.71 13.42
C ASP C 129 -18.46 24.70 11.90
N GLU C 130 -18.22 25.85 11.28
CA GLU C 130 -18.13 25.89 9.83
C GLU C 130 -17.00 25.01 9.31
N VAL C 131 -15.83 25.02 9.96
CA VAL C 131 -14.73 24.22 9.43
C VAL C 131 -14.99 22.73 9.65
N GLU C 132 -15.51 22.35 10.83
CA GLU C 132 -15.81 20.93 11.01
C GLU C 132 -16.89 20.46 10.04
N LYS C 133 -17.91 21.28 9.75
CA LYS C 133 -18.86 20.86 8.74
C LYS C 133 -18.28 20.93 7.33
N LEU C 134 -17.24 21.73 7.12
CA LEU C 134 -16.59 21.77 5.81
C LEU C 134 -15.83 20.48 5.53
N MET C 135 -15.01 20.03 6.48
CA MET C 135 -14.38 18.72 6.36
C MET C 135 -15.16 17.62 7.08
N ALA C 136 -16.45 17.80 7.28
CA ALA C 136 -17.30 16.68 7.71
C ALA C 136 -17.37 15.65 6.59
N GLY C 137 -17.00 14.43 6.90
CA GLY C 137 -16.86 13.40 5.88
C GLY C 137 -15.47 13.35 5.29
N GLN C 138 -14.92 14.52 4.94
CA GLN C 138 -13.52 14.58 4.53
C GLN C 138 -12.59 14.20 5.68
N GLU C 139 -13.05 14.40 6.92
CA GLU C 139 -12.27 13.96 8.07
C GLU C 139 -12.17 12.44 8.08
N ASP C 140 -10.99 11.93 8.38
CA ASP C 140 -10.73 10.49 8.35
C ASP C 140 -10.31 10.02 9.75
N SER C 141 -9.88 8.75 9.82
CA SER C 141 -9.57 8.14 11.11
C SER C 141 -8.34 8.79 11.75
N ASN C 142 -7.25 8.92 11.00
CA ASN C 142 -6.01 9.47 11.54
C ASN C 142 -5.88 10.98 11.32
N GLY C 143 -6.90 11.63 10.79
CA GLY C 143 -6.89 13.06 10.60
C GLY C 143 -6.22 13.53 9.33
N CYS C 144 -5.65 12.62 8.53
CA CYS C 144 -4.91 13.00 7.32
C CYS C 144 -5.91 13.32 6.22
N ILE C 145 -6.34 14.59 6.21
CA ILE C 145 -7.34 15.04 5.24
C ILE C 145 -6.74 15.02 3.84
N ASN C 146 -7.46 14.41 2.90
CA ASN C 146 -7.03 14.39 1.51
C ASN C 146 -7.24 15.77 0.92
N TYR C 147 -6.23 16.64 1.03
CA TYR C 147 -6.43 18.05 0.71
C TYR C 147 -6.74 18.25 -0.77
N GLU C 148 -6.16 17.44 -1.66
CA GLU C 148 -6.44 17.58 -3.08
C GLU C 148 -7.91 17.29 -3.37
N ALA C 149 -8.41 16.14 -2.92
CA ALA C 149 -9.82 15.82 -3.13
C ALA C 149 -10.72 16.81 -2.40
N PHE C 150 -10.33 17.21 -1.18
CA PHE C 150 -11.14 18.15 -0.42
C PHE C 150 -11.28 19.47 -1.16
N VAL C 151 -10.17 20.00 -1.69
CA VAL C 151 -10.23 21.30 -2.35
C VAL C 151 -10.94 21.19 -3.69
N LYS C 152 -10.77 20.07 -4.41
CA LYS C 152 -11.50 19.92 -5.67
C LYS C 152 -13.00 19.81 -5.42
N HIS C 153 -13.40 19.12 -4.35
CA HIS C 153 -14.81 19.08 -3.97
C HIS C 153 -15.31 20.46 -3.58
N ILE C 154 -14.49 21.23 -2.87
CA ILE C 154 -14.90 22.57 -2.47
C ILE C 154 -15.13 23.45 -3.70
N MET C 155 -14.08 23.68 -4.49
CA MET C 155 -14.20 24.59 -5.61
C MET C 155 -15.21 24.10 -6.64
N SER C 156 -15.35 22.78 -6.79
CA SER C 156 -16.36 22.25 -7.70
C SER C 156 -17.76 22.32 -7.10
N SER C 157 -17.88 22.25 -5.78
CA SER C 157 -19.18 22.27 -5.13
C SER C 157 -19.15 23.12 -3.86
N ALA D 1 -36.90 -50.99 -39.58
CA ALA D 1 -36.81 -52.17 -40.42
C ALA D 1 -38.14 -52.45 -41.12
N SER D 2 -38.83 -53.49 -40.68
CA SER D 2 -40.12 -53.84 -41.26
C SER D 2 -41.16 -52.77 -40.93
N LYS D 3 -42.02 -52.48 -41.90
CA LYS D 3 -43.08 -51.50 -41.74
C LYS D 3 -44.43 -52.21 -41.76
N ILE D 4 -45.26 -51.95 -40.74
CA ILE D 4 -46.56 -52.57 -40.60
C ILE D 4 -47.63 -51.50 -40.74
N LYS D 5 -48.60 -51.75 -41.62
CA LYS D 5 -49.59 -50.74 -41.96
C LYS D 5 -50.52 -50.44 -40.78
N ILE D 6 -51.08 -51.49 -40.17
CA ILE D 6 -52.11 -51.34 -39.15
C ILE D 6 -51.56 -51.78 -37.80
N GLU D 7 -51.09 -50.81 -37.01
CA GLU D 7 -50.67 -51.04 -35.63
C GLU D 7 -51.13 -49.89 -34.75
N PHE D 8 -52.35 -49.40 -34.94
CA PHE D 8 -52.77 -48.17 -34.30
C PHE D 8 -54.25 -48.23 -33.96
N THR D 9 -54.73 -47.18 -33.31
CA THR D 9 -56.12 -46.90 -33.00
C THR D 9 -56.46 -45.50 -33.46
N PRO D 10 -57.71 -45.23 -33.86
CA PRO D 10 -57.97 -43.96 -34.57
C PRO D 10 -57.80 -42.71 -33.72
N GLU D 11 -58.07 -42.77 -32.41
CA GLU D 11 -57.97 -41.56 -31.59
C GLU D 11 -56.51 -41.14 -31.39
N GLN D 12 -55.63 -42.10 -31.10
CA GLN D 12 -54.24 -41.74 -30.92
C GLN D 12 -53.62 -41.20 -32.21
N ILE D 13 -54.22 -41.51 -33.36
CA ILE D 13 -53.79 -40.87 -34.61
C ILE D 13 -54.03 -39.37 -34.53
N GLU D 14 -55.20 -38.97 -34.06
CA GLU D 14 -55.49 -37.55 -33.88
C GLU D 14 -54.56 -36.93 -32.84
N GLU D 15 -54.31 -37.65 -31.75
CA GLU D 15 -53.41 -37.12 -30.72
C GLU D 15 -52.00 -36.92 -31.27
N PHE D 16 -51.50 -37.90 -32.03
CA PHE D 16 -50.16 -37.80 -32.61
C PHE D 16 -50.09 -36.70 -33.66
N LYS D 17 -51.16 -36.51 -34.44
CA LYS D 17 -51.20 -35.41 -35.39
C LYS D 17 -51.12 -34.07 -34.68
N GLU D 18 -51.89 -33.92 -33.60
CA GLU D 18 -51.82 -32.68 -32.83
C GLU D 18 -50.43 -32.47 -32.25
N ALA D 19 -49.83 -33.53 -31.73
CA ALA D 19 -48.48 -33.44 -31.15
C ALA D 19 -47.48 -33.00 -32.21
N PHE D 20 -47.54 -33.60 -33.39
CA PHE D 20 -46.58 -33.28 -34.45
C PHE D 20 -46.78 -31.85 -34.96
N MET D 21 -48.03 -31.43 -35.14
CA MET D 21 -48.26 -30.07 -35.65
C MET D 21 -47.88 -29.02 -34.62
N LEU D 22 -48.13 -29.27 -33.34
CA LEU D 22 -47.77 -28.32 -32.31
C LEU D 22 -46.31 -28.41 -31.88
N PHE D 23 -45.58 -29.43 -32.34
CA PHE D 23 -44.17 -29.57 -32.03
C PHE D 23 -43.26 -29.39 -33.24
N ASP D 24 -43.82 -29.38 -34.45
CA ASP D 24 -43.02 -29.22 -35.67
C ASP D 24 -42.16 -27.97 -35.60
N ARG D 25 -40.85 -28.16 -35.57
CA ARG D 25 -39.93 -27.02 -35.40
C ARG D 25 -39.99 -26.08 -36.60
N THR D 26 -40.07 -26.63 -37.81
CA THR D 26 -40.11 -25.80 -39.01
C THR D 26 -41.47 -25.11 -39.09
N PRO D 27 -41.53 -23.78 -39.09
CA PRO D 27 -42.82 -23.10 -39.14
C PRO D 27 -43.42 -23.04 -40.55
N LYS D 28 -42.55 -22.93 -41.56
CA LYS D 28 -43.02 -22.78 -42.93
C LYS D 28 -43.76 -24.01 -43.43
N CYS D 29 -43.54 -25.17 -42.81
CA CYS D 29 -44.24 -26.39 -43.16
C CYS D 29 -45.22 -26.76 -42.06
N GLU D 30 -46.05 -27.76 -42.33
CA GLU D 30 -47.00 -28.26 -41.36
C GLU D 30 -46.92 -29.77 -41.24
N MET D 31 -46.55 -30.44 -42.33
CA MET D 31 -46.73 -31.88 -42.42
C MET D 31 -45.43 -32.67 -42.33
N LYS D 32 -44.29 -32.05 -42.68
CA LYS D 32 -43.00 -32.74 -42.71
C LYS D 32 -42.15 -32.35 -41.51
N ILE D 33 -41.31 -33.29 -41.07
CA ILE D 33 -40.48 -33.13 -39.88
C ILE D 33 -39.06 -33.57 -40.22
N THR D 34 -38.08 -32.86 -39.67
CA THR D 34 -36.68 -33.16 -39.95
C THR D 34 -36.33 -34.59 -39.54
N TYR D 35 -35.48 -35.23 -40.34
CA TYR D 35 -35.12 -36.63 -40.08
C TYR D 35 -34.44 -36.77 -38.72
N GLY D 36 -33.55 -35.84 -38.37
CA GLY D 36 -32.97 -35.84 -37.05
C GLY D 36 -33.94 -35.44 -35.97
N GLN D 37 -34.99 -34.71 -36.31
CA GLN D 37 -36.02 -34.31 -35.37
C GLN D 37 -37.02 -35.43 -35.06
N CYS D 38 -37.15 -36.42 -35.94
CA CYS D 38 -38.11 -37.49 -35.72
C CYS D 38 -37.75 -38.29 -34.46
N GLY D 39 -36.47 -38.58 -34.27
CA GLY D 39 -36.06 -39.26 -33.05
C GLY D 39 -36.37 -38.44 -31.81
N ASP D 40 -36.16 -37.12 -31.88
CA ASP D 40 -36.48 -36.26 -30.75
C ASP D 40 -37.98 -36.29 -30.45
N VAL D 41 -38.81 -36.24 -31.50
CA VAL D 41 -40.26 -36.32 -31.29
C VAL D 41 -40.64 -37.63 -30.64
N LEU D 42 -40.06 -38.73 -31.12
CA LEU D 42 -40.37 -40.04 -30.56
C LEU D 42 -39.96 -40.13 -29.10
N ARG D 43 -38.78 -39.61 -28.76
CA ARG D 43 -38.34 -39.60 -27.37
C ARG D 43 -39.26 -38.73 -26.51
N ALA D 44 -39.70 -37.59 -27.06
CA ALA D 44 -40.51 -36.65 -26.31
C ALA D 44 -41.96 -37.10 -26.15
N LEU D 45 -42.44 -38.03 -26.97
CA LEU D 45 -43.84 -38.40 -26.98
C LEU D 45 -44.16 -39.55 -26.01
N GLY D 46 -43.35 -39.74 -24.97
CA GLY D 46 -43.66 -40.67 -23.92
C GLY D 46 -42.88 -41.97 -23.94
N GLN D 47 -42.18 -42.27 -25.03
CA GLN D 47 -41.38 -43.49 -25.14
C GLN D 47 -39.92 -43.12 -25.35
N ASN D 48 -39.03 -43.81 -24.63
CA ASN D 48 -37.61 -43.47 -24.58
C ASN D 48 -36.74 -44.60 -25.11
N PRO D 49 -36.27 -44.53 -26.35
CA PRO D 49 -35.41 -45.58 -26.89
C PRO D 49 -33.92 -45.31 -26.67
N THR D 50 -33.08 -46.25 -27.06
CA THR D 50 -31.63 -46.06 -27.06
C THR D 50 -31.17 -45.59 -28.42
N GLN D 51 -29.91 -45.11 -28.46
CA GLN D 51 -29.35 -44.66 -29.73
C GLN D 51 -29.23 -45.82 -30.71
N ALA D 52 -28.78 -46.99 -30.24
CA ALA D 52 -28.70 -48.16 -31.10
C ALA D 52 -30.08 -48.57 -31.59
N GLU D 53 -31.08 -48.55 -30.70
CA GLU D 53 -32.42 -48.94 -31.08
C GLU D 53 -33.03 -47.97 -32.09
N VAL D 54 -32.86 -46.67 -31.87
CA VAL D 54 -33.41 -45.69 -32.80
C VAL D 54 -32.68 -45.76 -34.14
N LEU D 55 -31.39 -46.10 -34.12
CA LEU D 55 -30.68 -46.32 -35.38
C LEU D 55 -31.23 -47.55 -36.10
N ARG D 56 -31.49 -48.63 -35.35
CA ARG D 56 -31.98 -49.87 -35.95
C ARG D 56 -33.35 -49.69 -36.58
N VAL D 57 -34.27 -49.03 -35.86
CA VAL D 57 -35.62 -48.86 -36.40
C VAL D 57 -35.60 -47.91 -37.59
N LEU D 58 -34.72 -46.91 -37.58
CA LEU D 58 -34.62 -45.95 -38.68
C LEU D 58 -33.83 -46.49 -39.87
N GLY D 59 -33.53 -47.79 -39.88
CA GLY D 59 -32.79 -48.38 -40.98
C GLY D 59 -31.30 -48.06 -41.01
N LYS D 60 -30.71 -47.70 -39.88
CA LYS D 60 -29.31 -47.31 -39.77
C LYS D 60 -28.99 -46.17 -40.74
N PRO D 61 -29.58 -44.98 -40.54
CA PRO D 61 -29.30 -43.87 -41.46
C PRO D 61 -27.97 -43.19 -41.14
N ARG D 62 -27.67 -42.11 -41.87
CA ARG D 62 -26.46 -41.33 -41.65
C ARG D 62 -26.82 -39.99 -41.04
N GLN D 63 -25.84 -39.39 -40.34
CA GLN D 63 -26.08 -38.10 -39.70
C GLN D 63 -26.39 -37.02 -40.73
N GLU D 64 -25.75 -37.09 -41.91
CA GLU D 64 -26.13 -36.19 -42.99
C GLU D 64 -27.58 -36.42 -43.40
N GLU D 65 -27.99 -37.68 -43.49
CA GLU D 65 -29.39 -37.98 -43.76
C GLU D 65 -30.28 -37.53 -42.62
N LEU D 66 -29.76 -37.59 -41.38
CA LEU D 66 -30.53 -37.10 -40.24
C LEU D 66 -30.82 -35.61 -40.36
N ASN D 67 -29.82 -34.82 -40.75
CA ASN D 67 -29.95 -33.37 -40.73
C ASN D 67 -30.28 -32.75 -42.09
N THR D 68 -30.46 -33.56 -43.14
CA THR D 68 -30.76 -33.01 -44.47
C THR D 68 -32.14 -33.41 -44.97
N LYS D 69 -32.43 -34.71 -45.04
CA LYS D 69 -33.71 -35.14 -45.60
C LYS D 69 -34.80 -35.11 -44.54
N MET D 70 -36.05 -35.22 -45.00
CA MET D 70 -37.22 -35.06 -44.15
C MET D 70 -37.94 -36.40 -43.98
N MET D 71 -38.99 -36.36 -43.16
CA MET D 71 -39.92 -37.47 -42.97
C MET D 71 -41.33 -36.93 -42.89
N ASP D 72 -42.28 -37.82 -43.12
CA ASP D 72 -43.70 -37.50 -43.09
C ASP D 72 -44.32 -38.07 -41.83
N PHE D 73 -45.39 -37.43 -41.36
CA PHE D 73 -45.97 -37.77 -40.07
C PHE D 73 -46.49 -39.20 -40.04
N GLU D 74 -47.32 -39.57 -41.02
CA GLU D 74 -47.89 -40.91 -41.02
C GLU D 74 -46.93 -41.98 -41.50
N THR D 75 -45.81 -41.59 -42.11
CA THR D 75 -44.75 -42.55 -42.39
C THR D 75 -43.97 -42.89 -41.13
N PHE D 76 -43.71 -41.90 -40.28
CA PHE D 76 -43.01 -42.11 -39.03
C PHE D 76 -43.93 -42.64 -37.93
N LEU D 77 -45.25 -42.54 -38.13
CA LEU D 77 -46.21 -43.01 -37.13
C LEU D 77 -46.12 -44.51 -36.85
N PRO D 78 -46.05 -45.40 -37.85
CA PRO D 78 -45.94 -46.83 -37.53
C PRO D 78 -44.70 -47.15 -36.72
N MET D 79 -43.59 -46.44 -36.95
CA MET D 79 -42.41 -46.64 -36.12
C MET D 79 -42.66 -46.19 -34.69
N LEU D 80 -43.44 -45.11 -34.51
CA LEU D 80 -43.84 -44.71 -33.17
C LEU D 80 -44.63 -45.81 -32.48
N GLN D 81 -45.59 -46.41 -33.19
CA GLN D 81 -46.38 -47.48 -32.61
C GLN D 81 -45.50 -48.68 -32.27
N HIS D 82 -44.56 -49.02 -33.16
CA HIS D 82 -43.66 -50.13 -32.91
C HIS D 82 -42.81 -49.88 -31.66
N ILE D 83 -42.28 -48.67 -31.51
CA ILE D 83 -41.48 -48.34 -30.33
C ILE D 83 -42.33 -48.42 -29.08
N SER D 84 -43.56 -47.91 -29.14
CA SER D 84 -44.45 -47.99 -27.99
C SER D 84 -44.73 -49.44 -27.62
N LYS D 85 -44.90 -50.31 -28.61
CA LYS D 85 -45.12 -51.72 -28.33
C LYS D 85 -43.87 -52.42 -27.82
N ASN D 86 -42.68 -51.92 -28.15
CA ASN D 86 -41.44 -52.57 -27.71
C ASN D 86 -41.36 -52.60 -26.19
N LYS D 87 -41.28 -51.42 -25.56
CA LYS D 87 -41.19 -51.28 -24.11
C LYS D 87 -40.01 -52.08 -23.55
N ASP D 88 -38.81 -51.68 -24.00
CA ASP D 88 -37.57 -52.30 -23.52
C ASP D 88 -36.98 -51.49 -22.37
N THR D 89 -37.78 -51.37 -21.30
CA THR D 89 -37.43 -50.57 -20.14
C THR D 89 -37.44 -51.43 -18.88
N GLY D 90 -36.61 -51.04 -17.91
CA GLY D 90 -36.52 -51.74 -16.65
C GLY D 90 -37.55 -51.25 -15.65
N THR D 91 -37.31 -51.58 -14.39
CA THR D 91 -38.20 -51.23 -13.29
C THR D 91 -37.42 -50.50 -12.20
N TYR D 92 -38.12 -50.10 -11.14
CA TYR D 92 -37.51 -49.31 -10.08
C TYR D 92 -36.45 -50.11 -9.34
N GLU D 93 -36.78 -51.35 -8.94
CA GLU D 93 -35.83 -52.16 -8.19
C GLU D 93 -34.60 -52.48 -9.02
N ASP D 94 -34.79 -52.83 -10.30
CA ASP D 94 -33.65 -53.10 -11.17
C ASP D 94 -32.79 -51.86 -11.34
N PHE D 95 -33.41 -50.70 -11.52
CA PHE D 95 -32.66 -49.46 -11.70
C PHE D 95 -31.83 -49.14 -10.47
N VAL D 96 -32.45 -49.21 -9.28
CA VAL D 96 -31.72 -48.88 -8.06
C VAL D 96 -30.66 -49.93 -7.75
N GLU D 97 -30.89 -51.19 -8.13
CA GLU D 97 -29.88 -52.21 -7.91
C GLU D 97 -28.67 -51.97 -8.81
N GLY D 98 -28.91 -51.67 -10.08
CA GLY D 98 -27.81 -51.36 -10.98
C GLY D 98 -27.05 -50.11 -10.59
N LEU D 99 -27.77 -49.10 -10.10
CA LEU D 99 -27.15 -47.84 -9.70
C LEU D 99 -26.56 -47.89 -8.29
N ARG D 100 -26.83 -48.95 -7.54
CA ARG D 100 -26.36 -49.03 -6.15
C ARG D 100 -24.84 -49.16 -6.08
N VAL D 101 -24.23 -49.85 -7.04
CA VAL D 101 -22.81 -50.18 -6.98
C VAL D 101 -21.95 -48.95 -7.21
N PHE D 102 -22.59 -47.80 -7.45
CA PHE D 102 -21.85 -46.54 -7.60
C PHE D 102 -21.67 -45.84 -6.27
N ASP D 103 -21.17 -46.59 -5.28
CA ASP D 103 -20.99 -46.07 -3.93
C ASP D 103 -19.94 -46.91 -3.22
N LYS D 104 -19.40 -46.36 -2.15
CA LYS D 104 -18.37 -47.04 -1.37
C LYS D 104 -18.87 -47.53 -0.01
N GLU D 105 -20.06 -47.10 0.43
CA GLU D 105 -20.58 -47.49 1.73
C GLU D 105 -22.04 -47.90 1.73
N GLY D 106 -22.76 -47.72 0.62
CA GLY D 106 -24.16 -48.09 0.57
C GLY D 106 -25.05 -47.27 1.49
N ASN D 107 -24.83 -45.96 1.56
CA ASN D 107 -25.61 -45.08 2.40
C ASN D 107 -26.87 -44.57 1.71
N GLY D 108 -27.12 -44.97 0.47
CA GLY D 108 -28.26 -44.50 -0.27
C GLY D 108 -28.02 -43.26 -1.10
N THR D 109 -26.85 -42.64 -0.99
CA THR D 109 -26.52 -41.45 -1.77
C THR D 109 -25.23 -41.68 -2.55
N VAL D 110 -25.15 -41.04 -3.71
CA VAL D 110 -23.97 -41.14 -4.57
C VAL D 110 -23.49 -39.74 -4.93
N MET D 111 -22.19 -39.62 -5.15
CA MET D 111 -21.61 -38.32 -5.50
C MET D 111 -22.11 -37.86 -6.86
N GLY D 112 -22.34 -36.55 -6.99
CA GLY D 112 -22.73 -36.00 -8.28
C GLY D 112 -21.66 -36.15 -9.33
N ALA D 113 -20.39 -36.02 -8.93
CA ALA D 113 -19.29 -36.08 -9.90
C ALA D 113 -19.19 -37.46 -10.54
N GLU D 114 -19.22 -38.52 -9.71
CA GLU D 114 -19.15 -39.86 -10.26
C GLU D 114 -20.38 -40.18 -11.09
N LEU D 115 -21.55 -39.70 -10.68
CA LEU D 115 -22.75 -39.91 -11.48
C LEU D 115 -22.63 -39.26 -12.84
N ARG D 116 -22.12 -38.03 -12.89
CA ARG D 116 -21.90 -37.35 -14.16
C ARG D 116 -20.90 -38.12 -15.02
N HIS D 117 -19.81 -38.58 -14.42
CA HIS D 117 -18.78 -39.29 -15.18
C HIS D 117 -19.33 -40.58 -15.77
N VAL D 118 -20.10 -41.33 -14.99
CA VAL D 118 -20.63 -42.60 -15.50
C VAL D 118 -21.78 -42.36 -16.48
N LEU D 119 -22.50 -41.25 -16.34
CA LEU D 119 -23.51 -40.91 -17.33
C LEU D 119 -22.88 -40.50 -18.66
N ALA D 120 -21.73 -39.84 -18.61
CA ALA D 120 -21.10 -39.32 -19.81
C ALA D 120 -20.23 -40.36 -20.53
N THR D 121 -19.23 -40.90 -19.83
CA THR D 121 -18.21 -41.71 -20.50
C THR D 121 -18.13 -43.13 -19.95
N LEU D 122 -19.27 -43.80 -19.78
CA LEU D 122 -19.24 -45.20 -19.37
C LEU D 122 -20.12 -46.05 -20.29
N GLY D 123 -21.15 -45.44 -20.87
CA GLY D 123 -22.02 -46.13 -21.79
C GLY D 123 -22.36 -45.30 -23.00
N GLU D 124 -23.65 -45.17 -23.31
CA GLU D 124 -24.09 -44.28 -24.37
C GLU D 124 -23.71 -42.84 -24.01
N ARG D 125 -22.79 -42.25 -24.77
CA ARG D 125 -22.26 -40.94 -24.43
C ARG D 125 -23.37 -39.90 -24.38
N LEU D 126 -23.36 -39.11 -23.31
CA LEU D 126 -24.35 -38.07 -23.10
C LEU D 126 -23.72 -36.71 -23.27
N THR D 127 -24.41 -35.82 -23.99
CA THR D 127 -23.95 -34.45 -24.11
C THR D 127 -23.86 -33.81 -22.72
N GLU D 128 -22.82 -33.00 -22.52
CA GLU D 128 -22.61 -32.40 -21.20
C GLU D 128 -23.78 -31.52 -20.79
N ASP D 129 -24.15 -30.56 -21.66
CA ASP D 129 -25.27 -29.68 -21.35
C ASP D 129 -26.47 -30.45 -20.83
N GLU D 130 -26.71 -31.64 -21.40
CA GLU D 130 -27.75 -32.52 -20.87
C GLU D 130 -27.45 -32.94 -19.44
N VAL D 131 -26.20 -33.32 -19.15
CA VAL D 131 -25.94 -33.88 -17.82
C VAL D 131 -26.04 -32.79 -16.76
N GLU D 132 -25.72 -31.53 -17.09
CA GLU D 132 -26.02 -30.48 -16.11
C GLU D 132 -27.51 -30.16 -16.05
N LYS D 133 -28.20 -30.08 -17.19
CA LYS D 133 -29.57 -29.59 -17.15
C LYS D 133 -30.55 -30.62 -16.60
N LEU D 134 -30.22 -31.91 -16.64
CA LEU D 134 -31.08 -32.91 -16.00
C LEU D 134 -30.91 -32.94 -14.49
N MET D 135 -29.72 -32.63 -13.99
CA MET D 135 -29.47 -32.62 -12.55
C MET D 135 -29.74 -31.27 -11.90
N ALA D 136 -30.23 -30.29 -12.66
CA ALA D 136 -30.57 -29.00 -12.08
C ALA D 136 -31.85 -29.11 -11.26
N GLY D 137 -31.80 -28.61 -10.03
CA GLY D 137 -32.93 -28.66 -9.12
C GLY D 137 -32.93 -29.85 -8.20
N GLN D 138 -32.11 -30.86 -8.47
CA GLN D 138 -32.01 -32.04 -7.61
C GLN D 138 -30.65 -32.20 -6.97
N GLU D 139 -29.69 -31.31 -7.29
CA GLU D 139 -28.38 -31.38 -6.67
C GLU D 139 -28.45 -31.04 -5.20
N ASP D 140 -27.67 -31.76 -4.38
CA ASP D 140 -27.63 -31.53 -2.95
C ASP D 140 -26.45 -30.64 -2.59
N SER D 141 -26.28 -30.42 -1.27
CA SER D 141 -25.27 -29.47 -0.81
C SER D 141 -23.86 -29.94 -1.11
N ASN D 142 -23.53 -31.18 -0.76
CA ASN D 142 -22.18 -31.70 -0.90
C ASN D 142 -22.05 -32.70 -2.04
N GLY D 143 -23.06 -32.82 -2.89
CA GLY D 143 -22.99 -33.67 -4.06
C GLY D 143 -23.46 -35.10 -3.87
N CYS D 144 -23.73 -35.52 -2.62
CA CYS D 144 -24.20 -36.87 -2.38
C CYS D 144 -25.65 -37.01 -2.81
N ILE D 145 -25.87 -37.44 -4.05
CA ILE D 145 -27.21 -37.52 -4.62
C ILE D 145 -27.85 -38.84 -4.19
N ASN D 146 -29.01 -38.76 -3.55
CA ASN D 146 -29.79 -39.94 -3.23
C ASN D 146 -30.34 -40.54 -4.52
N TYR D 147 -29.77 -41.68 -4.93
CA TYR D 147 -30.09 -42.23 -6.25
C TYR D 147 -31.54 -42.69 -6.35
N GLU D 148 -32.14 -43.11 -5.24
CA GLU D 148 -33.53 -43.56 -5.28
C GLU D 148 -34.46 -42.42 -5.66
N ALA D 149 -34.30 -41.26 -5.01
CA ALA D 149 -35.10 -40.10 -5.38
C ALA D 149 -34.80 -39.68 -6.82
N PHE D 150 -33.54 -39.78 -7.23
CA PHE D 150 -33.17 -39.41 -8.59
C PHE D 150 -33.91 -40.25 -9.62
N VAL D 151 -33.89 -41.58 -9.46
CA VAL D 151 -34.53 -42.45 -10.43
C VAL D 151 -36.05 -42.32 -10.37
N LYS D 152 -36.61 -42.14 -9.16
CA LYS D 152 -38.05 -41.98 -9.07
C LYS D 152 -38.51 -40.67 -9.71
N HIS D 153 -37.70 -39.62 -9.59
CA HIS D 153 -37.99 -38.37 -10.30
C HIS D 153 -37.87 -38.56 -11.81
N ILE D 154 -36.87 -39.34 -12.24
CA ILE D 154 -36.71 -39.59 -13.68
C ILE D 154 -37.96 -40.26 -14.24
N MET D 155 -38.40 -41.35 -13.61
CA MET D 155 -39.52 -42.10 -14.14
C MET D 155 -40.84 -41.35 -13.96
N SER D 156 -41.00 -40.63 -12.84
CA SER D 156 -42.21 -39.83 -12.65
C SER D 156 -42.31 -38.74 -13.70
N SER D 157 -41.19 -38.09 -14.01
CA SER D 157 -41.16 -37.04 -15.02
C SER D 157 -40.97 -37.63 -16.41
N MET E 1 -57.24 15.21 -16.27
CA MET E 1 -58.05 14.26 -15.54
C MET E 1 -58.29 14.76 -14.11
N PHE E 2 -59.56 14.82 -13.72
CA PHE E 2 -59.92 15.29 -12.39
C PHE E 2 -59.81 14.16 -11.37
N GLU E 3 -59.78 14.56 -10.10
CA GLU E 3 -59.77 13.62 -8.97
C GLU E 3 -58.60 12.65 -9.08
N GLN E 4 -57.39 13.20 -8.98
CA GLN E 4 -56.18 12.44 -9.26
C GLN E 4 -55.90 11.40 -8.18
N THR E 5 -55.64 11.86 -6.96
CA THR E 5 -55.20 10.99 -5.88
C THR E 5 -56.15 11.11 -4.69
N GLN E 6 -56.35 10.00 -4.00
CA GLN E 6 -57.21 9.85 -2.83
C GLN E 6 -58.68 10.00 -3.15
N ILE E 7 -59.04 10.17 -4.42
CA ILE E 7 -60.44 10.33 -4.81
C ILE E 7 -60.95 9.16 -5.66
N GLN E 8 -60.08 8.36 -6.27
CA GLN E 8 -60.55 7.20 -7.02
C GLN E 8 -61.29 6.21 -6.12
N GLU E 9 -60.94 6.20 -4.83
CA GLU E 9 -61.72 5.44 -3.85
C GLU E 9 -62.88 6.24 -3.28
N PHE E 10 -62.85 7.57 -3.41
CA PHE E 10 -63.94 8.40 -2.91
C PHE E 10 -65.25 8.11 -3.63
N LYS E 11 -65.19 7.46 -4.80
CA LYS E 11 -66.41 6.97 -5.43
C LYS E 11 -67.14 6.00 -4.51
N GLU E 12 -66.40 5.14 -3.83
CA GLU E 12 -67.01 4.25 -2.83
C GLU E 12 -67.66 5.06 -1.72
N ALA E 13 -66.99 6.13 -1.28
CA ALA E 13 -67.57 6.97 -0.23
C ALA E 13 -68.88 7.59 -0.69
N PHE E 14 -68.92 8.10 -1.91
CA PHE E 14 -70.17 8.69 -2.40
C PHE E 14 -71.25 7.64 -2.60
N THR E 15 -70.88 6.43 -3.01
CA THR E 15 -71.87 5.36 -3.11
C THR E 15 -72.48 5.05 -1.75
N ILE E 16 -71.64 4.95 -0.72
CA ILE E 16 -72.17 4.65 0.61
C ILE E 16 -72.87 5.87 1.23
N MET E 17 -72.64 7.07 0.70
CA MET E 17 -73.46 8.21 1.10
C MET E 17 -74.92 7.99 0.70
N ASP E 18 -75.14 7.42 -0.47
CA ASP E 18 -76.50 7.21 -0.98
C ASP E 18 -77.04 5.88 -0.47
N GLN E 19 -78.35 5.85 -0.18
CA GLN E 19 -79.00 4.68 0.37
C GLN E 19 -80.08 4.10 -0.53
N ASN E 20 -80.87 4.94 -1.21
CA ASN E 20 -81.94 4.46 -2.07
C ASN E 20 -81.45 4.07 -3.47
N ARG E 21 -80.19 4.32 -3.78
CA ARG E 21 -79.58 3.86 -5.04
C ARG E 21 -80.31 4.41 -6.26
N ASP E 22 -80.46 5.73 -6.30
CA ASP E 22 -81.07 6.42 -7.44
C ASP E 22 -80.04 7.02 -8.39
N GLY E 23 -78.76 6.70 -8.20
CA GLY E 23 -77.71 7.26 -9.02
C GLY E 23 -77.11 8.55 -8.52
N PHE E 24 -77.66 9.13 -7.46
CA PHE E 24 -77.14 10.37 -6.88
C PHE E 24 -77.58 10.42 -5.42
N ILE E 25 -77.41 11.59 -4.79
CA ILE E 25 -77.82 11.78 -3.40
C ILE E 25 -79.22 12.38 -3.40
N ASP E 26 -80.15 11.70 -2.73
CA ASP E 26 -81.53 12.13 -2.72
C ASP E 26 -81.72 13.36 -1.83
N LYS E 27 -82.74 14.15 -2.14
CA LYS E 27 -83.03 15.34 -1.35
C LYS E 27 -83.36 14.98 0.09
N ASN E 28 -84.12 13.92 0.31
CA ASN E 28 -84.50 13.48 1.63
C ASN E 28 -83.53 12.47 2.23
N ASP E 29 -82.50 12.07 1.48
CA ASP E 29 -81.51 11.12 1.99
C ASP E 29 -80.64 11.71 3.10
N LEU E 30 -80.66 13.03 3.28
CA LEU E 30 -79.75 13.68 4.23
C LEU E 30 -79.93 13.18 5.65
N ARG E 31 -81.09 12.60 5.98
CA ARG E 31 -81.29 12.07 7.32
C ARG E 31 -80.27 10.99 7.66
N ASP E 32 -79.69 10.32 6.65
CA ASP E 32 -78.65 9.34 6.93
C ASP E 32 -77.47 10.00 7.63
N THR E 33 -77.14 11.23 7.23
CA THR E 33 -76.13 11.99 7.97
C THR E 33 -76.56 12.21 9.40
N PHE E 34 -77.84 12.55 9.61
CA PHE E 34 -78.38 12.60 10.97
C PHE E 34 -78.29 11.23 11.64
N ALA E 35 -78.44 10.16 10.86
CA ALA E 35 -78.22 8.81 11.37
C ALA E 35 -76.74 8.46 11.47
N ALA E 36 -75.87 9.20 10.78
CA ALA E 36 -74.43 8.95 10.83
C ALA E 36 -73.78 9.61 12.04
N LEU E 37 -74.45 10.53 12.70
CA LEU E 37 -73.89 11.22 13.86
C LEU E 37 -74.54 10.73 15.15
N ASN E 41 -78.35 18.47 14.51
CA ASN E 41 -79.74 18.26 14.15
C ASN E 41 -80.03 18.83 12.77
N VAL E 42 -80.79 18.07 11.98
CA VAL E 42 -81.18 18.50 10.64
C VAL E 42 -82.42 19.38 10.76
N LYS E 43 -82.33 20.60 10.24
CA LYS E 43 -83.41 21.57 10.28
C LYS E 43 -83.79 21.96 8.85
N ASN E 44 -84.67 22.95 8.73
CA ASN E 44 -85.04 23.46 7.41
C ASN E 44 -83.83 24.03 6.69
N GLU E 45 -82.95 24.72 7.43
CA GLU E 45 -81.69 25.19 6.86
C GLU E 45 -80.88 24.02 6.31
N GLU E 46 -80.72 22.96 7.11
CA GLU E 46 -80.00 21.78 6.64
C GLU E 46 -80.75 21.08 5.51
N ILE E 47 -82.07 21.18 5.49
CA ILE E 47 -82.85 20.54 4.44
C ILE E 47 -82.62 21.23 3.10
N ASP E 48 -82.68 22.56 3.08
CA ASP E 48 -82.61 23.31 1.84
C ASP E 48 -81.21 23.82 1.50
N GLU E 49 -80.20 23.49 2.32
CA GLU E 49 -78.83 23.81 1.96
C GLU E 49 -78.32 22.98 0.79
N MET E 50 -79.07 21.94 0.38
CA MET E 50 -78.67 21.14 -0.77
C MET E 50 -78.58 21.99 -2.03
N ILE E 51 -79.56 22.86 -2.26
CA ILE E 51 -79.56 23.70 -3.46
C ILE E 51 -78.34 24.61 -3.47
N LYS E 52 -77.96 25.13 -2.31
CA LYS E 52 -76.79 26.00 -2.24
C LYS E 52 -75.50 25.23 -2.48
N GLU E 53 -75.35 24.07 -1.82
CA GLU E 53 -74.10 23.32 -1.93
C GLU E 53 -74.10 22.36 -3.12
N ALA E 54 -75.24 22.13 -3.74
CA ALA E 54 -75.34 21.30 -4.92
C ALA E 54 -76.31 21.92 -5.92
N PRO E 55 -75.91 22.12 -7.18
CA PRO E 55 -76.82 22.77 -8.13
C PRO E 55 -78.14 22.03 -8.32
N GLY E 56 -78.11 20.70 -8.31
CA GLY E 56 -79.30 19.91 -8.47
C GLY E 56 -79.03 18.43 -8.47
N PRO E 57 -79.96 17.65 -7.92
CA PRO E 57 -79.77 16.19 -7.86
C PRO E 57 -79.93 15.54 -9.23
N ILE E 58 -78.86 15.53 -10.04
CA ILE E 58 -78.90 15.07 -11.42
C ILE E 58 -78.10 13.79 -11.62
N ASN E 59 -76.82 13.81 -11.26
CA ASN E 59 -75.92 12.74 -11.63
C ASN E 59 -74.95 12.44 -10.50
N PHE E 60 -74.05 11.48 -10.76
CA PHE E 60 -73.10 10.95 -9.79
C PHE E 60 -71.71 11.56 -9.98
N THR E 61 -71.15 11.42 -11.19
CA THR E 61 -69.81 11.89 -11.46
C THR E 61 -69.72 13.41 -11.37
N VAL E 62 -70.80 14.12 -11.73
CA VAL E 62 -70.80 15.57 -11.59
C VAL E 62 -70.73 15.96 -10.12
N PHE E 63 -71.41 15.22 -9.25
CA PHE E 63 -71.28 15.47 -7.82
C PHE E 63 -69.87 15.16 -7.33
N LEU E 64 -69.28 14.08 -7.84
CA LEU E 64 -67.90 13.76 -7.50
C LEU E 64 -66.98 14.93 -7.84
N THR E 65 -67.09 15.46 -9.06
CA THR E 65 -66.23 16.56 -9.47
C THR E 65 -66.53 17.83 -8.67
N MET E 66 -67.81 18.08 -8.39
CA MET E 66 -68.21 19.28 -7.64
C MET E 66 -67.64 19.26 -6.24
N PHE E 67 -67.70 18.11 -5.57
CA PHE E 67 -67.03 17.95 -4.29
C PHE E 67 -65.51 17.89 -4.45
N GLY E 68 -65.03 17.62 -5.67
CA GLY E 68 -63.61 17.57 -5.92
C GLY E 68 -62.90 18.90 -6.02
N GLU E 69 -63.55 19.92 -6.59
CA GLU E 69 -62.84 21.20 -6.70
C GLU E 69 -62.42 21.75 -5.36
N LYS E 70 -63.11 21.36 -4.28
CA LYS E 70 -62.69 21.77 -2.95
C LYS E 70 -61.32 21.19 -2.60
N LEU E 71 -61.05 19.95 -3.04
CA LEU E 71 -59.82 19.26 -2.72
C LEU E 71 -58.78 19.30 -3.84
N LYS E 72 -58.76 20.38 -4.64
CA LYS E 72 -57.72 20.51 -5.65
C LYS E 72 -56.34 20.62 -5.02
N GLY E 73 -56.26 21.16 -3.80
CA GLY E 73 -55.01 21.27 -3.09
C GLY E 73 -54.66 20.08 -2.23
N ALA E 74 -55.42 19.00 -2.31
CA ALA E 74 -55.17 17.84 -1.47
C ALA E 74 -53.85 17.16 -1.84
N ASP E 75 -53.23 16.55 -0.85
CA ASP E 75 -51.99 15.82 -1.01
C ASP E 75 -51.97 14.66 -0.02
N PRO E 76 -51.17 13.62 -0.28
CA PRO E 76 -51.12 12.49 0.65
C PRO E 76 -50.65 12.92 2.03
N GLU E 77 -51.21 12.25 3.05
CA GLU E 77 -50.84 12.54 4.43
C GLU E 77 -49.37 12.26 4.68
N GLU E 78 -48.85 11.18 4.10
CA GLU E 78 -47.43 10.85 4.27
C GLU E 78 -46.54 11.93 3.70
N THR E 79 -46.96 12.58 2.61
CA THR E 79 -46.17 13.68 2.05
C THR E 79 -46.09 14.84 3.03
N ILE E 80 -47.21 15.18 3.68
CA ILE E 80 -47.20 16.26 4.66
C ILE E 80 -46.34 15.88 5.85
N LEU E 81 -46.43 14.62 6.29
CA LEU E 81 -45.58 14.17 7.40
C LEU E 81 -44.11 14.28 7.04
N ASN E 82 -43.74 13.88 5.81
CA ASN E 82 -42.36 13.97 5.38
C ASN E 82 -41.90 15.42 5.32
N ALA E 83 -42.75 16.31 4.80
CA ALA E 83 -42.39 17.73 4.74
C ALA E 83 -42.16 18.31 6.12
N PHE E 84 -43.05 17.99 7.07
CA PHE E 84 -42.88 18.50 8.42
C PHE E 84 -41.65 17.89 9.10
N LYS E 85 -41.36 16.62 8.83
CA LYS E 85 -40.20 15.98 9.43
C LYS E 85 -38.90 16.57 8.88
N VAL E 86 -38.83 16.83 7.58
CA VAL E 86 -37.63 17.45 7.02
C VAL E 86 -37.56 18.94 7.36
N PHE E 87 -38.68 19.55 7.76
CA PHE E 87 -38.63 20.93 8.23
C PHE E 87 -37.78 21.04 9.50
N ASP E 88 -37.94 20.09 10.41
CA ASP E 88 -37.11 20.01 11.61
C ASP E 88 -36.81 18.55 11.93
N PRO E 89 -35.54 18.14 11.92
CA PRO E 89 -35.22 16.71 12.08
C PRO E 89 -35.68 16.13 13.41
N GLU E 90 -35.82 16.94 14.45
CA GLU E 90 -36.34 16.43 15.72
C GLU E 90 -37.77 15.94 15.56
N GLY E 91 -38.60 16.68 14.84
CA GLY E 91 -39.96 16.25 14.55
C GLY E 91 -40.83 16.03 15.76
N LYS E 92 -40.67 16.87 16.80
CA LYS E 92 -41.48 16.76 18.00
C LYS E 92 -42.56 17.85 18.07
N GLY E 93 -42.72 18.65 17.02
CA GLY E 93 -43.77 19.63 16.98
C GLY E 93 -43.67 20.73 18.02
N VAL E 94 -42.49 20.97 18.57
CA VAL E 94 -42.31 22.01 19.59
C VAL E 94 -42.19 23.40 19.01
N LEU E 95 -42.30 23.55 17.69
CA LEU E 95 -42.19 24.87 17.08
C LEU E 95 -43.35 25.74 17.52
N LYS E 96 -43.04 26.90 18.09
CA LYS E 96 -44.05 27.77 18.64
C LYS E 96 -44.99 28.27 17.54
N ALA E 97 -46.24 28.53 17.94
CA ALA E 97 -47.25 28.94 16.96
C ALA E 97 -46.82 30.20 16.22
N ASP E 98 -46.45 31.25 16.96
CA ASP E 98 -46.04 32.49 16.33
C ASP E 98 -44.79 32.31 15.47
N TYR E 99 -43.90 31.40 15.88
CA TYR E 99 -42.70 31.11 15.08
C TYR E 99 -43.10 30.54 13.72
N VAL E 100 -44.05 29.60 13.69
CA VAL E 100 -44.54 29.07 12.44
C VAL E 100 -45.24 30.15 11.63
N ARG E 101 -46.04 30.99 12.28
CA ARG E 101 -46.73 32.06 11.56
C ARG E 101 -45.75 33.02 10.91
N GLU E 102 -44.71 33.42 11.63
CA GLU E 102 -43.75 34.36 11.05
C GLU E 102 -42.97 33.72 9.92
N MET E 103 -42.57 32.44 10.06
CA MET E 103 -41.87 31.79 8.96
C MET E 103 -42.75 31.72 7.72
N LEU E 104 -44.01 31.35 7.89
CA LEU E 104 -44.91 31.22 6.75
C LEU E 104 -45.22 32.58 6.12
N THR E 105 -45.38 33.62 6.94
CA THR E 105 -45.64 34.94 6.39
C THR E 105 -44.44 35.47 5.60
N THR E 106 -43.23 35.27 6.13
CA THR E 106 -42.07 35.90 5.52
C THR E 106 -41.51 35.12 4.35
N GLN E 107 -41.89 33.86 4.18
CA GLN E 107 -41.28 33.01 3.17
C GLN E 107 -42.27 32.52 2.13
N ALA E 108 -43.36 31.87 2.53
CA ALA E 108 -44.22 31.19 1.56
C ALA E 108 -45.21 32.15 0.92
N GLU E 109 -46.17 32.66 1.70
CA GLU E 109 -47.21 33.52 1.17
C GLU E 109 -47.57 34.58 2.21
N ARG E 110 -48.07 35.71 1.72
CA ARG E 110 -48.21 36.92 2.52
C ARG E 110 -49.47 36.76 3.38
N PHE E 111 -49.35 35.96 4.44
CA PHE E 111 -50.51 35.63 5.26
C PHE E 111 -50.86 36.80 6.17
N SER E 112 -52.09 37.30 6.01
CA SER E 112 -52.57 38.44 6.78
C SER E 112 -53.22 37.97 8.08
N LYS E 113 -53.74 38.94 8.84
CA LYS E 113 -54.35 38.62 10.13
C LYS E 113 -55.59 37.75 9.97
N GLU E 114 -56.39 38.01 8.93
CA GLU E 114 -57.58 37.20 8.67
C GLU E 114 -57.26 35.75 8.34
N GLU E 115 -56.00 35.45 8.02
CA GLU E 115 -55.53 34.08 7.89
C GLU E 115 -54.86 33.57 9.16
N VAL E 116 -54.15 34.45 9.87
CA VAL E 116 -53.47 34.05 11.10
C VAL E 116 -54.47 33.62 12.15
N ASP E 117 -55.57 34.37 12.31
CA ASP E 117 -56.58 34.00 13.30
C ASP E 117 -57.24 32.67 12.96
N GLN E 118 -57.52 32.44 11.68
CA GLN E 118 -58.10 31.17 11.26
C GLN E 118 -57.13 30.02 11.53
N MET E 119 -55.84 30.24 11.26
CA MET E 119 -54.86 29.19 11.55
C MET E 119 -54.74 28.93 13.04
N PHE E 120 -54.84 29.99 13.86
CA PHE E 120 -54.88 29.82 15.31
C PHE E 120 -56.08 28.98 15.73
N ALA E 121 -57.24 29.26 15.13
CA ALA E 121 -58.43 28.45 15.41
C ALA E 121 -58.24 27.00 14.99
N ALA E 122 -57.50 26.78 13.89
CA ALA E 122 -57.24 25.42 13.45
C ALA E 122 -56.40 24.65 14.47
N PHE E 123 -55.37 25.30 15.03
CA PHE E 123 -54.50 24.66 16.02
C PHE E 123 -54.12 25.72 17.05
N PRO E 124 -54.82 25.75 18.19
CA PRO E 124 -54.45 26.72 19.23
C PRO E 124 -53.06 26.42 19.76
N PRO E 125 -52.31 27.45 20.14
CA PRO E 125 -50.98 27.22 20.69
C PRO E 125 -51.03 26.45 22.00
N ASP E 126 -49.99 25.66 22.24
CA ASP E 126 -49.88 24.87 23.46
C ASP E 126 -49.33 25.71 24.60
N ASN E 130 -47.14 25.80 21.37
CA ASN E 130 -46.53 25.49 20.08
C ASN E 130 -47.56 24.92 19.11
N LEU E 131 -47.07 24.28 18.05
CA LEU E 131 -47.93 23.63 17.06
C LEU E 131 -47.38 22.23 16.81
N ASP E 132 -47.99 21.24 17.47
CA ASP E 132 -47.62 19.84 17.25
C ASP E 132 -48.15 19.40 15.89
N TYR E 133 -47.25 19.25 14.92
CA TYR E 133 -47.67 19.00 13.55
C TYR E 133 -48.40 17.68 13.38
N LYS E 134 -48.23 16.74 14.31
CA LYS E 134 -48.85 15.42 14.16
C LYS E 134 -50.37 15.54 14.06
N ASN E 135 -50.99 16.26 15.00
CA ASN E 135 -52.44 16.39 15.00
C ASN E 135 -52.92 17.12 13.75
N LEU E 136 -52.19 18.16 13.33
CA LEU E 136 -52.59 18.91 12.13
C LEU E 136 -52.55 18.02 10.89
N VAL E 137 -51.46 17.26 10.72
CA VAL E 137 -51.35 16.40 9.55
C VAL E 137 -52.39 15.28 9.60
N HIS E 138 -52.70 14.79 10.80
CA HIS E 138 -53.74 13.77 10.91
C HIS E 138 -55.12 14.33 10.59
N ILE E 139 -55.40 15.57 10.98
CA ILE E 139 -56.73 16.13 10.81
C ILE E 139 -56.98 16.74 9.44
N ILE E 140 -55.92 17.17 8.73
CA ILE E 140 -56.14 17.71 7.39
C ILE E 140 -56.69 16.64 6.46
N THR E 141 -56.14 15.42 6.54
CA THR E 141 -56.71 14.26 5.87
C THR E 141 -57.71 13.52 6.74
N HIS E 142 -57.94 13.99 7.97
CA HIS E 142 -58.87 13.37 8.90
C HIS E 142 -58.47 11.93 9.22
N GLY E 143 -57.18 11.62 9.13
CA GLY E 143 -56.68 10.31 9.46
C GLY E 143 -56.53 10.03 10.95
N GLU E 144 -56.72 11.05 11.79
CA GLU E 144 -56.62 10.91 13.24
C GLU E 144 -55.27 10.33 13.67
N MET F 1 -67.34 -17.60 -23.27
CA MET F 1 -66.22 -16.90 -23.90
C MET F 1 -66.10 -15.47 -23.40
N PHE F 2 -67.00 -15.09 -22.49
CA PHE F 2 -67.03 -13.75 -21.92
C PHE F 2 -66.35 -13.76 -20.57
N GLU F 3 -65.37 -12.87 -20.38
CA GLU F 3 -64.68 -12.78 -19.11
C GLU F 3 -65.58 -12.13 -18.07
N GLN F 4 -65.70 -12.77 -16.90
CA GLN F 4 -66.62 -12.28 -15.88
C GLN F 4 -66.24 -10.89 -15.39
N THR F 5 -64.94 -10.65 -15.17
CA THR F 5 -64.51 -9.32 -14.76
C THR F 5 -64.88 -8.29 -15.82
N GLN F 6 -64.68 -8.62 -17.09
CA GLN F 6 -65.00 -7.68 -18.16
C GLN F 6 -66.50 -7.48 -18.33
N ILE F 7 -67.32 -8.51 -18.11
CA ILE F 7 -68.75 -8.32 -18.25
C ILE F 7 -69.29 -7.48 -17.09
N GLN F 8 -68.75 -7.66 -15.88
CA GLN F 8 -69.14 -6.75 -14.80
C GLN F 8 -68.62 -5.33 -15.03
N GLU F 9 -67.46 -5.18 -15.66
CA GLU F 9 -67.00 -3.85 -16.05
C GLU F 9 -67.94 -3.22 -17.07
N PHE F 10 -68.42 -4.02 -18.03
CA PHE F 10 -69.40 -3.53 -19.00
C PHE F 10 -70.69 -3.12 -18.31
N LYS F 11 -71.14 -3.90 -17.33
CA LYS F 11 -72.33 -3.54 -16.57
C LYS F 11 -72.14 -2.22 -15.82
N GLU F 12 -70.97 -2.04 -15.19
CA GLU F 12 -70.69 -0.80 -14.49
C GLU F 12 -70.65 0.39 -15.45
N ALA F 13 -70.05 0.20 -16.62
CA ALA F 13 -70.03 1.26 -17.62
C ALA F 13 -71.43 1.59 -18.10
N PHE F 14 -72.26 0.57 -18.31
CA PHE F 14 -73.66 0.80 -18.67
C PHE F 14 -74.38 1.58 -17.59
N THR F 15 -74.10 1.28 -16.32
CA THR F 15 -74.72 2.01 -15.22
C THR F 15 -74.29 3.47 -15.23
N ILE F 16 -72.99 3.73 -15.41
CA ILE F 16 -72.51 5.11 -15.34
C ILE F 16 -72.99 5.92 -16.54
N MET F 17 -73.08 5.30 -17.71
CA MET F 17 -73.54 6.04 -18.88
C MET F 17 -75.06 6.25 -18.86
N ASP F 18 -75.79 5.40 -18.15
CA ASP F 18 -77.25 5.52 -18.05
C ASP F 18 -77.60 6.50 -16.94
N GLN F 19 -77.21 7.75 -17.15
CA GLN F 19 -77.48 8.79 -16.17
C GLN F 19 -78.96 9.15 -16.10
N ASN F 20 -79.72 8.87 -17.16
CA ASN F 20 -81.16 9.13 -17.16
C ASN F 20 -81.97 8.04 -16.49
N ARG F 21 -81.35 6.89 -16.21
CA ARG F 21 -82.02 5.73 -15.61
C ARG F 21 -83.20 5.24 -16.43
N ASP F 22 -83.21 5.56 -17.74
CA ASP F 22 -84.27 5.12 -18.63
C ASP F 22 -84.05 3.71 -19.16
N GLY F 23 -82.90 3.11 -18.90
CA GLY F 23 -82.59 1.79 -19.38
C GLY F 23 -81.97 1.74 -20.76
N PHE F 24 -81.97 2.86 -21.49
CA PHE F 24 -81.41 2.92 -22.83
C PHE F 24 -80.60 4.19 -22.98
N ILE F 25 -79.66 4.16 -23.91
CA ILE F 25 -78.77 5.30 -24.16
C ILE F 25 -79.37 6.17 -25.26
N ASP F 26 -79.60 7.44 -24.93
CA ASP F 26 -80.09 8.43 -25.88
C ASP F 26 -78.98 9.42 -26.19
N LYS F 27 -79.29 10.39 -27.05
CA LYS F 27 -78.31 11.41 -27.42
C LYS F 27 -77.90 12.25 -26.23
N ASN F 28 -78.86 12.60 -25.37
CA ASN F 28 -78.54 13.37 -24.17
C ASN F 28 -77.61 12.61 -23.25
N ASP F 29 -77.82 11.29 -23.14
CA ASP F 29 -76.92 10.47 -22.32
C ASP F 29 -75.49 10.51 -22.83
N LEU F 30 -75.32 10.38 -24.16
CA LEU F 30 -73.98 10.43 -24.73
C LEU F 30 -73.36 11.81 -24.56
N ARG F 31 -74.15 12.87 -24.73
CA ARG F 31 -73.62 14.23 -24.51
C ARG F 31 -73.14 14.39 -23.07
N ASP F 32 -73.96 13.96 -22.10
CA ASP F 32 -73.60 14.12 -20.70
C ASP F 32 -72.37 13.32 -20.35
N THR F 33 -72.30 12.06 -20.81
CA THR F 33 -71.14 11.23 -20.47
C THR F 33 -69.87 11.73 -21.16
N PHE F 34 -69.99 12.24 -22.39
CA PHE F 34 -68.81 12.78 -23.07
C PHE F 34 -68.32 14.06 -22.40
N ALA F 35 -69.25 14.88 -21.91
CA ALA F 35 -68.85 16.04 -21.13
C ALA F 35 -68.18 15.63 -19.82
N ALA F 36 -68.72 14.59 -19.17
CA ALA F 36 -68.21 14.20 -17.85
C ALA F 36 -66.82 13.59 -17.95
N LEU F 37 -66.62 12.63 -18.85
CA LEU F 37 -65.36 11.89 -18.91
C LEU F 37 -64.45 12.36 -20.03
N GLY F 38 -65.00 12.67 -21.21
CA GLY F 38 -64.21 13.17 -22.32
C GLY F 38 -64.05 14.67 -22.25
N ARG F 39 -63.56 15.24 -23.35
CA ARG F 39 -63.35 16.66 -23.49
C ARG F 39 -64.40 17.26 -24.42
N VAL F 40 -64.77 18.52 -24.15
CA VAL F 40 -65.79 19.21 -24.95
C VAL F 40 -65.28 19.64 -26.30
N ASN F 41 -64.03 19.34 -26.64
CA ASN F 41 -63.49 19.75 -27.95
C ASN F 41 -64.26 19.09 -29.09
N VAL F 42 -64.60 17.82 -28.94
CA VAL F 42 -65.31 17.08 -29.98
C VAL F 42 -66.81 17.20 -29.67
N LYS F 43 -67.48 18.10 -30.38
CA LYS F 43 -68.93 18.27 -30.26
C LYS F 43 -69.65 18.01 -31.59
N ASN F 44 -69.00 17.32 -32.53
CA ASN F 44 -69.60 17.01 -33.81
C ASN F 44 -70.74 16.01 -33.63
N GLU F 45 -71.41 15.69 -34.74
CA GLU F 45 -72.56 14.80 -34.68
C GLU F 45 -72.15 13.33 -34.68
N GLU F 46 -71.26 12.95 -33.76
CA GLU F 46 -71.02 11.53 -33.52
C GLU F 46 -72.14 10.90 -32.72
N ILE F 47 -72.99 11.72 -32.11
CA ILE F 47 -74.20 11.20 -31.47
C ILE F 47 -75.10 10.54 -32.51
N ASP F 48 -75.16 11.10 -33.71
CA ASP F 48 -75.89 10.46 -34.79
C ASP F 48 -75.29 9.11 -35.15
N GLU F 49 -73.95 9.04 -35.19
CA GLU F 49 -73.30 7.75 -35.44
C GLU F 49 -73.65 6.74 -34.36
N MET F 50 -73.60 7.15 -33.09
CA MET F 50 -73.81 6.22 -31.99
C MET F 50 -75.28 5.82 -31.86
N ILE F 51 -76.20 6.63 -32.37
CA ILE F 51 -77.61 6.27 -32.33
C ILE F 51 -78.04 5.49 -33.56
N LYS F 52 -77.36 5.67 -34.70
CA LYS F 52 -77.69 4.90 -35.89
C LYS F 52 -76.97 3.55 -35.95
N GLU F 53 -75.83 3.43 -35.26
CA GLU F 53 -75.20 2.12 -35.15
C GLU F 53 -76.04 1.15 -34.34
N ALA F 54 -76.73 1.65 -33.31
CA ALA F 54 -77.63 0.85 -32.48
C ALA F 54 -78.97 1.56 -32.40
N PRO F 55 -79.78 1.48 -33.45
CA PRO F 55 -81.04 2.24 -33.48
C PRO F 55 -82.02 1.76 -32.42
N GLY F 56 -82.88 2.69 -32.00
CA GLY F 56 -83.93 2.39 -31.06
C GLY F 56 -83.43 2.20 -29.65
N PRO F 57 -84.30 1.75 -28.75
CA PRO F 57 -83.86 1.46 -27.38
C PRO F 57 -82.78 0.39 -27.37
N ILE F 58 -81.78 0.60 -26.52
CA ILE F 58 -80.63 -0.29 -26.42
C ILE F 58 -80.36 -0.60 -24.96
N ASN F 59 -80.40 -1.88 -24.61
CA ASN F 59 -80.22 -2.34 -23.25
C ASN F 59 -78.80 -2.90 -23.06
N PHE F 60 -78.57 -3.51 -21.90
CA PHE F 60 -77.25 -4.09 -21.63
C PHE F 60 -76.95 -5.27 -22.55
N THR F 61 -77.98 -5.93 -23.08
CA THR F 61 -77.76 -7.10 -23.93
C THR F 61 -77.07 -6.71 -25.24
N VAL F 62 -77.60 -5.70 -25.92
CA VAL F 62 -77.00 -5.29 -27.19
C VAL F 62 -75.61 -4.71 -26.97
N PHE F 63 -75.41 -3.99 -25.86
CA PHE F 63 -74.08 -3.49 -25.54
C PHE F 63 -73.10 -4.64 -25.30
N LEU F 64 -73.54 -5.68 -24.58
CA LEU F 64 -72.69 -6.84 -24.32
C LEU F 64 -72.32 -7.54 -25.63
N THR F 65 -73.31 -7.72 -26.51
CA THR F 65 -73.02 -8.35 -27.80
C THR F 65 -72.07 -7.50 -28.64
N MET F 66 -72.26 -6.18 -28.62
CA MET F 66 -71.38 -5.27 -29.34
C MET F 66 -69.95 -5.35 -28.82
N PHE F 67 -69.78 -5.39 -27.49
CA PHE F 67 -68.45 -5.55 -26.92
C PHE F 67 -67.84 -6.89 -27.31
N GLY F 68 -68.66 -7.95 -27.29
CA GLY F 68 -68.15 -9.27 -27.64
C GLY F 68 -67.68 -9.35 -29.08
N GLU F 69 -68.48 -8.83 -30.02
CA GLU F 69 -68.07 -8.88 -31.42
C GLU F 69 -66.89 -7.95 -31.67
N LYS F 70 -66.87 -6.79 -31.02
CA LYS F 70 -65.71 -5.89 -31.14
C LYS F 70 -64.48 -6.51 -30.51
N LEU F 71 -64.59 -6.98 -29.27
CA LEU F 71 -63.48 -7.60 -28.56
C LEU F 71 -63.65 -9.11 -28.67
N LYS F 72 -63.35 -9.63 -29.85
CA LYS F 72 -63.43 -11.06 -30.12
C LYS F 72 -62.17 -11.74 -29.58
N GLY F 73 -62.35 -12.67 -28.64
CA GLY F 73 -61.22 -13.30 -28.00
C GLY F 73 -60.70 -12.46 -26.84
N ALA F 74 -61.60 -12.09 -25.94
CA ALA F 74 -61.23 -11.24 -24.81
C ALA F 74 -60.26 -11.95 -23.89
N ASP F 75 -59.25 -11.21 -23.42
CA ASP F 75 -58.24 -11.75 -22.53
C ASP F 75 -57.93 -10.71 -21.45
N PRO F 76 -57.92 -11.10 -20.17
CA PRO F 76 -57.54 -10.15 -19.12
C PRO F 76 -56.11 -9.66 -19.31
N GLU F 77 -55.89 -8.39 -18.96
CA GLU F 77 -54.58 -7.79 -19.16
C GLU F 77 -53.50 -8.49 -18.35
N GLU F 78 -53.83 -8.96 -17.14
CA GLU F 78 -52.86 -9.68 -16.33
C GLU F 78 -52.41 -10.97 -17.02
N THR F 79 -53.34 -11.67 -17.66
CA THR F 79 -52.97 -12.87 -18.41
C THR F 79 -52.03 -12.53 -19.56
N ILE F 80 -52.28 -11.41 -20.24
CA ILE F 80 -51.40 -10.99 -21.32
C ILE F 80 -50.02 -10.66 -20.79
N LEU F 81 -49.94 -9.99 -19.64
CA LEU F 81 -48.65 -9.72 -19.02
C LEU F 81 -47.91 -11.00 -18.69
N ASN F 82 -48.63 -11.99 -18.12
CA ASN F 82 -48.00 -13.26 -17.79
C ASN F 82 -47.49 -13.96 -19.04
N ALA F 83 -48.29 -13.96 -20.11
CA ALA F 83 -47.85 -14.59 -21.35
C ALA F 83 -46.62 -13.90 -21.92
N PHE F 84 -46.60 -12.57 -21.91
CA PHE F 84 -45.45 -11.84 -22.42
C PHE F 84 -44.21 -12.12 -21.59
N LYS F 85 -44.33 -12.14 -20.26
CA LYS F 85 -43.16 -12.32 -19.42
C LYS F 85 -42.63 -13.75 -19.49
N VAL F 86 -43.52 -14.75 -19.59
CA VAL F 86 -43.03 -16.12 -19.74
C VAL F 86 -42.45 -16.32 -21.13
N PHE F 87 -42.98 -15.63 -22.14
CA PHE F 87 -42.40 -15.70 -23.47
C PHE F 87 -40.99 -15.10 -23.49
N ASP F 88 -40.80 -13.99 -22.79
CA ASP F 88 -39.48 -13.38 -22.71
C ASP F 88 -38.54 -14.25 -21.88
N PRO F 89 -37.39 -14.64 -22.40
CA PRO F 89 -36.44 -15.43 -21.59
C PRO F 89 -35.97 -14.71 -20.34
N GLU F 90 -35.85 -13.37 -20.39
CA GLU F 90 -35.42 -12.59 -19.24
C GLU F 90 -36.58 -11.92 -18.52
N GLY F 91 -37.64 -11.54 -19.24
CA GLY F 91 -38.79 -10.91 -18.63
C GLY F 91 -38.59 -9.46 -18.24
N LYS F 92 -37.48 -8.85 -18.64
CA LYS F 92 -37.19 -7.45 -18.31
C LYS F 92 -37.64 -6.47 -19.37
N GLY F 93 -38.25 -6.94 -20.46
CA GLY F 93 -38.80 -6.06 -21.46
C GLY F 93 -37.85 -5.53 -22.50
N VAL F 94 -36.68 -6.17 -22.67
CA VAL F 94 -35.72 -5.74 -23.67
C VAL F 94 -35.94 -6.53 -24.96
N LEU F 95 -37.09 -7.20 -25.05
CA LEU F 95 -37.42 -7.95 -26.25
C LEU F 95 -37.46 -7.04 -27.48
N LYS F 96 -36.79 -7.47 -28.55
CA LYS F 96 -36.70 -6.66 -29.75
C LYS F 96 -38.03 -6.67 -30.50
N ALA F 97 -38.47 -5.49 -30.94
CA ALA F 97 -39.75 -5.38 -31.63
C ALA F 97 -39.74 -6.17 -32.94
N ASP F 98 -38.67 -6.02 -33.73
CA ASP F 98 -38.61 -6.71 -35.01
C ASP F 98 -38.57 -8.22 -34.82
N TYR F 99 -37.78 -8.69 -33.86
CA TYR F 99 -37.64 -10.13 -33.64
C TYR F 99 -38.96 -10.74 -33.18
N VAL F 100 -39.62 -10.13 -32.19
CA VAL F 100 -40.88 -10.68 -31.70
C VAL F 100 -41.95 -10.57 -32.77
N ARG F 101 -41.95 -9.51 -33.58
CA ARG F 101 -42.92 -9.41 -34.66
C ARG F 101 -42.68 -10.49 -35.71
N GLU F 102 -41.41 -10.82 -35.97
CA GLU F 102 -41.10 -11.85 -36.95
C GLU F 102 -41.53 -13.23 -36.44
N MET F 103 -41.32 -13.51 -35.15
CA MET F 103 -41.86 -14.75 -34.59
C MET F 103 -43.38 -14.75 -34.60
N LEU F 104 -44.01 -13.59 -34.35
CA LEU F 104 -45.47 -13.53 -34.38
C LEU F 104 -46.02 -13.84 -35.77
N THR F 105 -45.38 -13.31 -36.80
CA THR F 105 -45.82 -13.53 -38.18
C THR F 105 -45.20 -14.75 -38.82
N THR F 106 -44.37 -15.50 -38.10
CA THR F 106 -43.67 -16.65 -38.67
C THR F 106 -44.02 -17.96 -37.99
N GLN F 107 -44.01 -18.00 -36.65
CA GLN F 107 -44.19 -19.26 -35.94
C GLN F 107 -45.59 -19.82 -36.17
N ALA F 108 -46.62 -19.00 -35.95
CA ALA F 108 -48.00 -19.43 -36.16
C ALA F 108 -48.88 -18.20 -36.35
N GLU F 109 -50.02 -18.42 -37.00
CA GLU F 109 -51.03 -17.38 -37.22
C GLU F 109 -50.42 -16.16 -37.91
N ARG F 110 -50.00 -16.40 -39.15
CA ARG F 110 -49.38 -15.35 -39.95
C ARG F 110 -50.31 -14.15 -40.08
N PHE F 111 -49.74 -12.96 -39.94
CA PHE F 111 -50.49 -11.71 -40.00
C PHE F 111 -49.89 -10.79 -41.04
N SER F 112 -50.68 -9.81 -41.46
CA SER F 112 -50.21 -8.82 -42.42
C SER F 112 -49.06 -8.01 -41.83
N LYS F 113 -48.04 -7.75 -42.65
CA LYS F 113 -46.87 -7.03 -42.17
C LYS F 113 -47.18 -5.57 -41.89
N GLU F 114 -48.06 -4.95 -42.68
CA GLU F 114 -48.33 -3.53 -42.52
C GLU F 114 -48.97 -3.22 -41.18
N GLU F 115 -49.95 -4.02 -40.76
CA GLU F 115 -50.59 -3.79 -39.48
C GLU F 115 -49.66 -4.12 -38.32
N VAL F 116 -48.79 -5.10 -38.49
CA VAL F 116 -47.80 -5.41 -37.46
C VAL F 116 -46.85 -4.23 -37.28
N ASP F 117 -46.37 -3.66 -38.39
CA ASP F 117 -45.48 -2.51 -38.30
C ASP F 117 -46.21 -1.29 -37.72
N GLN F 118 -47.49 -1.14 -38.03
CA GLN F 118 -48.27 -0.05 -37.44
C GLN F 118 -48.36 -0.22 -35.93
N MET F 119 -48.76 -1.41 -35.46
CA MET F 119 -48.83 -1.65 -34.02
C MET F 119 -47.45 -1.72 -33.40
N PHE F 120 -46.52 -2.45 -34.03
CA PHE F 120 -45.13 -2.53 -33.57
C PHE F 120 -44.31 -1.58 -34.43
N ALA F 121 -44.29 -0.31 -34.02
CA ALA F 121 -43.57 0.73 -34.75
C ALA F 121 -42.07 0.76 -34.43
N ALA F 122 -41.55 -0.32 -33.83
CA ALA F 122 -40.13 -0.45 -33.49
C ALA F 122 -39.69 0.70 -32.57
N PHE F 123 -40.38 0.81 -31.45
CA PHE F 123 -40.00 1.79 -30.42
C PHE F 123 -38.70 1.34 -29.76
N PRO F 124 -37.66 2.18 -29.76
CA PRO F 124 -36.37 1.86 -29.12
C PRO F 124 -36.49 1.63 -27.62
N THR F 128 -33.10 0.85 -30.49
CA THR F 128 -32.75 -0.46 -29.95
C THR F 128 -33.86 -1.48 -30.26
N GLY F 129 -35.07 -0.98 -30.46
CA GLY F 129 -36.20 -1.85 -30.76
C GLY F 129 -36.74 -2.61 -29.58
N ASN F 130 -36.33 -2.27 -28.35
CA ASN F 130 -36.78 -2.97 -27.16
C ASN F 130 -38.21 -2.52 -26.83
N LEU F 131 -39.16 -3.07 -27.58
CA LEU F 131 -40.57 -2.75 -27.42
C LEU F 131 -41.09 -3.48 -26.18
N ASP F 132 -41.02 -2.81 -25.04
CA ASP F 132 -41.43 -3.43 -23.78
C ASP F 132 -42.93 -3.71 -23.78
N TYR F 133 -43.30 -4.85 -23.20
CA TYR F 133 -44.70 -5.28 -23.20
C TYR F 133 -45.55 -4.54 -22.18
N LYS F 134 -44.95 -3.94 -21.15
CA LYS F 134 -45.74 -3.20 -20.18
C LYS F 134 -46.49 -2.05 -20.85
N ASN F 135 -45.79 -1.24 -21.64
CA ASN F 135 -46.47 -0.18 -22.39
C ASN F 135 -47.38 -0.76 -23.47
N LEU F 136 -46.98 -1.89 -24.08
CA LEU F 136 -47.80 -2.50 -25.11
C LEU F 136 -49.17 -2.90 -24.59
N VAL F 137 -49.26 -3.31 -23.32
CA VAL F 137 -50.55 -3.65 -22.75
C VAL F 137 -51.21 -2.45 -22.06
N HIS F 138 -50.41 -1.49 -21.58
CA HIS F 138 -50.97 -0.27 -21.03
C HIS F 138 -51.75 0.50 -22.09
N ILE F 139 -51.21 0.60 -23.31
CA ILE F 139 -51.94 1.27 -24.37
C ILE F 139 -53.20 0.51 -24.75
N ILE F 140 -53.16 -0.83 -24.68
CA ILE F 140 -54.34 -1.62 -25.00
C ILE F 140 -55.43 -1.39 -23.96
N THR F 141 -55.07 -1.44 -22.68
CA THR F 141 -56.08 -1.41 -21.63
C THR F 141 -56.53 0.01 -21.28
N HIS F 142 -55.69 1.02 -21.56
CA HIS F 142 -55.98 2.40 -21.17
C HIS F 142 -55.81 3.36 -22.34
N GLY F 143 -56.02 2.88 -23.56
CA GLY F 143 -55.93 3.73 -24.74
C GLY F 143 -54.50 4.15 -25.05
#